data_2Y0F
#
_entry.id   2Y0F
#
_cell.length_a   84.500
_cell.length_b   130.970
_cell.length_c   101.260
_cell.angle_alpha   90.00
_cell.angle_beta   102.10
_cell.angle_gamma   90.00
#
_symmetry.space_group_name_H-M   'P 1 21 1'
#
loop_
_entity.id
_entity.type
_entity.pdbx_description
1 polymer '4-HYDROXY-3-METHYLBUT-2-EN-1-YL DIPHOSPHATE SYNTHASE'
2 non-polymer 'IRON/SULFUR CLUSTER'
3 water water
#
_entity_poly.entity_id   1
_entity_poly.type   'polypeptide(L)'
_entity_poly.pdbx_seq_one_letter_code
;MEGMRRPTPTVYVGRVPIGGAHPIAVQSMTNTPTRDVEATTAQVLELHRAGSEIVRLTVNDEEAAKAVPEIKRRLLAEGV
EVPLVGDFHFNGHLLLRKYPKMAEALDKFRINPGTLGRGRHKDEHFAEMIRIAMDLGKPVRIGANWGSLDPALLTELMDR
NASRPEPKSAHEVVLEALVESAVRAYEAALEMGLGEDKLVLSAKVSKARDLVWVYRELARRTQAPLHLGLTEAGMGVKGI
VASAAALAPLLLEGIGDTIRVSLTPSPKEPRTKEVEVAQEILQALGLRAFAPEVTSCPGCGRTTSTFFQELAEEVSRRLK
ERLPEWRARYPGVEELKVAVMGCVVNGPGESKHAHIGISLPGAGEEPKAPVYADGKLLTILKGEGIAEEFLRLVEDYVKT
RFAPKA
;
_entity_poly.pdbx_strand_id   A,B,C,D
#
loop_
_chem_comp.id
_chem_comp.type
_chem_comp.name
_chem_comp.formula
SF4 non-polymer 'IRON/SULFUR CLUSTER' 'Fe4 S4'
#
# COMPACT_ATOMS: atom_id res chain seq x y z
N MET A 4 5.39 -3.31 7.58
CA MET A 4 5.44 -4.00 6.25
C MET A 4 5.64 -2.98 5.13
N ARG A 5 6.52 -3.34 4.21
CA ARG A 5 6.93 -2.45 3.15
C ARG A 5 5.71 -1.75 2.40
N ARG A 6 5.74 -0.42 2.28
CA ARG A 6 4.70 0.34 1.54
C ARG A 6 4.66 -0.10 0.05
N PRO A 7 3.48 -0.50 -0.48
CA PRO A 7 3.72 -0.84 -1.89
C PRO A 7 3.92 0.38 -2.80
N THR A 8 4.75 0.23 -3.82
CA THR A 8 4.91 1.26 -4.79
C THR A 8 5.14 0.67 -6.15
N PRO A 9 5.04 1.47 -7.22
CA PRO A 9 5.51 0.78 -8.42
C PRO A 9 7.02 0.78 -8.45
N THR A 10 7.57 0.14 -9.47
CA THR A 10 8.97 -0.07 -9.61
C THR A 10 9.58 0.95 -10.57
N VAL A 11 10.64 1.57 -10.09
CA VAL A 11 11.41 2.45 -10.89
C VAL A 11 12.85 1.92 -11.00
N TYR A 12 13.21 1.63 -12.24
CA TYR A 12 14.55 1.21 -12.58
C TYR A 12 15.50 2.36 -12.70
N VAL A 13 16.60 2.30 -11.98
CA VAL A 13 17.67 3.26 -12.09
C VAL A 13 18.90 2.47 -12.57
N GLY A 14 19.16 2.55 -13.88
CA GLY A 14 19.98 1.60 -14.58
C GLY A 14 19.32 0.22 -14.49
N ARG A 15 20.04 -0.78 -14.00
CA ARG A 15 19.48 -2.08 -13.66
C ARG A 15 19.11 -2.21 -12.19
N VAL A 16 19.16 -1.15 -11.40
CA VAL A 16 18.77 -1.33 -9.99
C VAL A 16 17.26 -1.06 -9.81
N PRO A 17 16.49 -2.06 -9.39
CA PRO A 17 15.04 -1.73 -9.22
C PRO A 17 14.80 -1.04 -7.88
N ILE A 18 13.92 -0.04 -7.82
CA ILE A 18 13.60 0.80 -6.66
C ILE A 18 12.11 0.78 -6.49
N GLY A 19 11.64 0.52 -5.28
CA GLY A 19 10.26 0.27 -5.09
C GLY A 19 9.97 -0.71 -3.97
N GLY A 20 8.69 -0.84 -3.55
CA GLY A 20 8.28 -1.65 -2.41
C GLY A 20 8.52 -3.15 -2.56
N ALA A 21 8.57 -3.62 -3.81
CA ALA A 21 8.80 -5.04 -4.12
C ALA A 21 10.30 -5.40 -4.05
N HIS A 22 11.17 -4.42 -3.81
CA HIS A 22 12.60 -4.65 -3.95
C HIS A 22 13.33 -4.17 -2.70
N PRO A 23 14.58 -4.59 -2.51
CA PRO A 23 15.31 -4.20 -1.29
C PRO A 23 15.68 -2.75 -1.28
N ILE A 24 15.72 -2.14 -0.09
CA ILE A 24 16.17 -0.78 0.00
C ILE A 24 17.55 -0.64 -0.67
N ALA A 25 17.62 0.15 -1.76
CA ALA A 25 18.97 0.47 -2.29
C ALA A 25 19.67 1.51 -1.44
N VAL A 26 20.93 1.26 -1.11
CA VAL A 26 21.84 2.27 -0.63
C VAL A 26 22.44 3.13 -1.73
N GLN A 27 22.61 4.41 -1.46
CA GLN A 27 23.04 5.38 -2.46
C GLN A 27 24.11 6.33 -1.88
N SER A 28 24.92 6.96 -2.72
CA SER A 28 25.98 7.86 -2.27
C SER A 28 26.24 9.01 -3.25
N MET A 29 26.93 10.06 -2.80
CA MET A 29 27.24 11.23 -3.61
C MET A 29 28.73 11.53 -3.54
N THR A 30 29.29 11.87 -4.71
CA THR A 30 30.66 12.33 -4.86
C THR A 30 30.86 13.74 -4.24
N ASN A 31 32.08 14.08 -3.88
CA ASN A 31 32.29 15.45 -3.49
C ASN A 31 33.50 16.01 -4.21
N THR A 32 33.97 15.28 -5.22
CA THR A 32 35.02 15.75 -6.10
C THR A 32 34.33 16.57 -7.16
N PRO A 33 34.98 17.64 -7.64
CA PRO A 33 34.45 18.46 -8.75
C PRO A 33 34.20 17.53 -9.92
N THR A 34 32.98 17.50 -10.44
CA THR A 34 32.64 16.57 -11.50
C THR A 34 33.47 16.79 -12.75
N ARG A 35 33.88 18.03 -13.00
CA ARG A 35 34.70 18.30 -14.18
C ARG A 35 35.99 17.46 -14.20
N ASP A 36 36.41 16.98 -13.02
CA ASP A 36 37.60 16.11 -12.92
C ASP A 36 37.25 14.65 -13.16
N VAL A 37 37.66 14.15 -14.32
CA VAL A 37 37.34 12.81 -14.79
C VAL A 37 38.01 11.70 -13.98
N GLU A 38 39.30 11.82 -13.69
CA GLU A 38 39.97 10.71 -12.96
C GLU A 38 39.53 10.60 -11.51
N ALA A 39 39.57 11.70 -10.77
CA ALA A 39 39.13 11.68 -9.37
C ALA A 39 37.68 11.27 -9.25
N THR A 40 36.78 11.80 -10.08
CA THR A 40 35.37 11.37 -9.99
C THR A 40 35.19 9.88 -10.30
N THR A 41 35.90 9.38 -11.32
CA THR A 41 35.87 7.96 -11.70
C THR A 41 36.32 7.10 -10.51
N ALA A 42 37.46 7.47 -9.94
CA ALA A 42 38.04 6.74 -8.82
C ALA A 42 37.14 6.83 -7.58
N GLN A 43 36.49 7.97 -7.38
CA GLN A 43 35.62 8.07 -6.25
C GLN A 43 34.34 7.25 -6.50
N VAL A 44 33.77 7.36 -7.70
CA VAL A 44 32.63 6.52 -8.04
C VAL A 44 32.95 5.02 -7.90
N LEU A 45 34.16 4.62 -8.29
CA LEU A 45 34.56 3.21 -8.17
C LEU A 45 34.66 2.80 -6.71
N GLU A 46 35.19 3.68 -5.86
CA GLU A 46 35.36 3.30 -4.46
C GLU A 46 34.06 3.34 -3.66
N LEU A 47 33.13 4.21 -4.07
CA LEU A 47 31.82 4.27 -3.47
C LEU A 47 31.06 3.01 -3.80
N HIS A 48 30.97 2.74 -5.10
CA HIS A 48 30.41 1.51 -5.60
C HIS A 48 31.05 0.24 -5.01
N ARG A 49 32.34 0.23 -4.72
CA ARG A 49 32.94 -0.96 -4.12
C ARG A 49 32.70 -1.11 -2.61
N ALA A 50 32.35 -0.02 -1.92
CA ALA A 50 32.00 -0.06 -0.50
C ALA A 50 30.55 -0.48 -0.35
N GLY A 51 29.78 -0.38 -1.41
CA GLY A 51 28.47 -1.02 -1.38
C GLY A 51 27.36 -0.11 -1.83
N SER A 52 27.73 1.03 -2.38
CA SER A 52 26.73 1.90 -2.91
C SER A 52 26.21 1.35 -4.25
N GLU A 53 24.96 0.97 -4.32
CA GLU A 53 24.42 0.46 -5.58
C GLU A 53 24.14 1.50 -6.63
N ILE A 54 23.98 2.76 -6.22
CA ILE A 54 23.69 3.90 -7.10
C ILE A 54 24.58 5.07 -6.65
N VAL A 55 25.11 5.88 -7.59
CA VAL A 55 25.92 7.03 -7.17
C VAL A 55 25.43 8.34 -7.77
N ARG A 56 25.37 9.38 -6.94
CA ARG A 56 25.02 10.69 -7.48
C ARG A 56 26.21 11.64 -7.70
N LEU A 57 26.23 12.31 -8.86
CA LEU A 57 27.20 13.41 -9.16
C LEU A 57 26.52 14.77 -9.34
N THR A 58 27.18 15.85 -8.91
CA THR A 58 26.75 17.24 -9.12
C THR A 58 27.02 17.60 -10.57
N VAL A 59 26.00 18.07 -11.30
CA VAL A 59 26.19 18.53 -12.68
C VAL A 59 25.69 19.97 -12.76
N ASN A 60 26.55 20.93 -12.46
CA ASN A 60 26.05 22.25 -12.14
C ASN A 60 26.62 23.31 -13.01
N ASP A 61 27.71 22.97 -13.70
CA ASP A 61 28.38 23.86 -14.63
C ASP A 61 28.57 23.13 -15.99
N GLU A 62 29.00 23.87 -17.01
CA GLU A 62 29.18 23.32 -18.34
C GLU A 62 30.30 22.27 -18.37
N GLU A 63 31.38 22.55 -17.66
CA GLU A 63 32.54 21.67 -17.61
C GLU A 63 32.20 20.27 -17.03
N ALA A 64 31.44 20.23 -15.95
CA ALA A 64 30.97 18.94 -15.42
C ALA A 64 30.10 18.20 -16.46
N ALA A 65 29.28 18.95 -17.17
CA ALA A 65 28.42 18.35 -18.16
C ALA A 65 29.24 17.58 -19.19
N LYS A 66 30.25 18.25 -19.77
CA LYS A 66 31.19 17.57 -20.68
C LYS A 66 31.86 16.31 -20.07
N ALA A 67 32.08 16.30 -18.75
CA ALA A 67 32.82 15.21 -18.14
C ALA A 67 31.99 13.95 -18.04
N VAL A 68 30.67 14.08 -18.06
CA VAL A 68 29.82 12.94 -17.75
C VAL A 68 29.98 11.72 -18.69
N PRO A 69 29.81 11.91 -20.01
CA PRO A 69 29.95 10.79 -20.92
C PRO A 69 31.29 10.10 -20.74
N GLU A 70 32.36 10.87 -20.49
CA GLU A 70 33.68 10.25 -20.29
C GLU A 70 33.84 9.44 -18.99
N ILE A 71 33.33 9.97 -17.88
CA ILE A 71 33.22 9.24 -16.62
C ILE A 71 32.51 7.88 -16.79
N LYS A 72 31.32 7.88 -17.39
CA LYS A 72 30.56 6.66 -17.66
C LYS A 72 31.33 5.61 -18.46
N ARG A 73 32.00 6.05 -19.52
CA ARG A 73 32.61 5.12 -20.45
C ARG A 73 33.91 4.55 -19.83
N ARG A 74 34.54 5.34 -18.96
CA ARG A 74 35.65 4.89 -18.13
C ARG A 74 35.20 3.88 -17.04
N LEU A 75 34.00 4.07 -16.48
CA LEU A 75 33.44 3.08 -15.54
C LEU A 75 33.24 1.74 -16.21
N LEU A 76 32.47 1.75 -17.32
CA LEU A 76 32.21 0.52 -18.08
C LEU A 76 33.49 -0.19 -18.56
N ALA A 77 34.56 0.56 -18.79
CA ALA A 77 35.83 -0.03 -19.23
C ALA A 77 36.54 -0.80 -18.13
N GLU A 78 36.10 -0.64 -16.88
CA GLU A 78 36.59 -1.52 -15.83
C GLU A 78 35.53 -2.60 -15.56
N GLY A 79 34.49 -2.64 -16.43
CA GLY A 79 33.44 -3.66 -16.38
C GLY A 79 32.68 -3.61 -15.07
N VAL A 80 31.96 -2.52 -14.87
CA VAL A 80 31.48 -2.10 -13.57
C VAL A 80 30.27 -1.28 -13.92
N GLU A 81 29.10 -1.93 -13.82
CA GLU A 81 27.82 -1.30 -14.12
C GLU A 81 27.39 -0.55 -12.88
N VAL A 82 27.40 0.77 -12.97
CA VAL A 82 26.99 1.58 -11.84
C VAL A 82 26.14 2.70 -12.32
N PRO A 83 24.91 2.74 -11.86
CA PRO A 83 23.97 3.77 -12.26
C PRO A 83 24.40 5.12 -11.68
N LEU A 84 24.35 6.13 -12.54
CA LEU A 84 24.79 7.49 -12.19
C LEU A 84 23.57 8.37 -12.16
N VAL A 85 23.46 9.17 -11.12
CA VAL A 85 22.40 10.17 -11.04
C VAL A 85 23.01 11.55 -11.18
N GLY A 86 22.51 12.28 -12.16
CA GLY A 86 22.93 13.66 -12.34
C GLY A 86 22.08 14.58 -11.51
N ASP A 87 22.77 15.40 -10.73
CA ASP A 87 22.12 16.32 -9.78
C ASP A 87 22.12 17.78 -10.27
N PHE A 88 20.93 18.22 -10.65
CA PHE A 88 20.72 19.49 -11.29
C PHE A 88 20.18 20.58 -10.38
N HIS A 89 20.70 21.79 -10.56
CA HIS A 89 20.20 22.91 -9.78
C HIS A 89 19.63 24.00 -10.65
N PHE A 90 19.80 25.24 -10.26
CA PHE A 90 19.23 26.29 -11.07
C PHE A 90 19.90 26.24 -12.46
N ASN A 91 19.08 26.48 -13.49
CA ASN A 91 19.54 26.35 -14.88
C ASN A 91 20.11 24.97 -15.29
N GLY A 92 19.60 23.94 -14.66
CA GLY A 92 19.95 22.60 -15.08
C GLY A 92 19.32 22.33 -16.44
N HIS A 93 18.13 22.87 -16.67
CA HIS A 93 17.50 22.67 -17.95
C HIS A 93 18.44 23.10 -19.10
N LEU A 94 19.18 24.21 -18.89
CA LEU A 94 20.16 24.68 -19.83
C LEU A 94 21.27 23.64 -20.07
N LEU A 95 21.79 23.04 -19.01
CA LEU A 95 22.79 22.00 -19.21
C LEU A 95 22.19 20.77 -19.96
N LEU A 96 20.99 20.32 -19.54
CA LEU A 96 20.29 19.26 -20.22
C LEU A 96 20.11 19.51 -21.71
N ARG A 97 19.76 20.77 -22.02
CA ARG A 97 19.47 21.18 -23.37
C ARG A 97 20.77 21.26 -24.21
N LYS A 98 21.81 21.87 -23.66
CA LYS A 98 23.04 22.09 -24.44
C LYS A 98 23.85 20.80 -24.69
N TYR A 99 23.76 19.85 -23.76
CA TYR A 99 24.60 18.67 -23.79
C TYR A 99 23.81 17.36 -23.79
N PRO A 100 23.23 16.99 -24.94
CA PRO A 100 22.39 15.79 -24.98
C PRO A 100 23.17 14.48 -24.70
N LYS A 101 24.45 14.42 -25.11
CA LYS A 101 25.30 13.28 -24.74
C LYS A 101 25.46 13.13 -23.21
N MET A 102 25.50 14.23 -22.47
CA MET A 102 25.44 14.19 -21.00
C MET A 102 24.11 13.63 -20.48
N ALA A 103 23.00 14.13 -21.00
CA ALA A 103 21.70 13.61 -20.63
C ALA A 103 21.50 12.12 -21.00
N GLU A 104 22.11 11.66 -22.08
CA GLU A 104 21.96 10.25 -22.48
C GLU A 104 22.74 9.31 -21.51
N ALA A 105 23.93 9.74 -21.09
CA ALA A 105 24.81 8.88 -20.31
C ALA A 105 24.33 8.71 -18.87
N LEU A 106 23.47 9.61 -18.38
CA LEU A 106 23.01 9.54 -17.01
C LEU A 106 21.90 8.54 -17.02
N ASP A 107 21.66 7.96 -15.84
CA ASP A 107 20.63 6.95 -15.66
C ASP A 107 19.38 7.49 -14.93
N LYS A 108 19.52 8.70 -14.34
CA LYS A 108 18.44 9.39 -13.62
C LYS A 108 18.79 10.89 -13.54
N PHE A 109 17.77 11.75 -13.50
CA PHE A 109 17.98 13.15 -13.18
C PHE A 109 17.36 13.47 -11.86
N ARG A 110 18.11 14.17 -11.00
CA ARG A 110 17.56 14.79 -9.81
C ARG A 110 17.31 16.26 -10.06
N ILE A 111 16.05 16.67 -9.92
CA ILE A 111 15.62 18.01 -10.26
C ILE A 111 14.77 18.70 -9.20
N ASN A 112 14.66 20.02 -9.31
CA ASN A 112 13.81 20.77 -8.40
C ASN A 112 12.36 20.75 -8.84
N PRO A 113 11.42 20.81 -7.86
CA PRO A 113 10.02 21.05 -8.15
C PRO A 113 9.89 22.31 -8.99
N GLY A 114 8.81 22.45 -9.75
CA GLY A 114 8.56 23.68 -10.47
C GLY A 114 7.70 24.57 -9.60
N THR A 115 7.56 25.83 -9.99
CA THR A 115 6.60 26.73 -9.38
C THR A 115 5.25 26.44 -9.99
N LEU A 116 4.38 25.74 -9.29
CA LEU A 116 3.09 25.36 -9.88
C LEU A 116 1.86 25.95 -9.18
N GLY A 117 0.71 25.92 -9.86
CA GLY A 117 -0.59 26.11 -9.22
C GLY A 117 -1.51 26.95 -10.07
N ARG A 118 -2.57 27.45 -9.44
CA ARG A 118 -3.44 28.43 -10.08
C ARG A 118 -2.79 29.79 -9.82
N GLY A 119 -2.74 30.65 -10.84
CA GLY A 119 -2.22 32.01 -10.63
C GLY A 119 -0.99 32.34 -11.46
N ARG A 120 0.17 31.87 -11.01
CA ARG A 120 1.41 32.10 -11.75
C ARG A 120 1.54 31.23 -13.02
N HIS A 121 2.30 31.79 -13.98
CA HIS A 121 2.64 31.21 -15.28
C HIS A 121 3.15 29.78 -15.17
N LYS A 122 2.78 28.94 -16.14
CA LYS A 122 3.24 27.52 -16.18
C LYS A 122 4.77 27.44 -16.26
N ASP A 123 5.39 26.44 -15.62
CA ASP A 123 6.86 26.41 -15.44
C ASP A 123 7.63 25.71 -16.57
N GLU A 124 8.18 26.50 -17.48
CA GLU A 124 8.75 25.96 -18.74
C GLU A 124 10.01 25.23 -18.42
N HIS A 125 10.75 25.72 -17.42
CA HIS A 125 12.02 25.13 -17.08
C HIS A 125 11.81 23.72 -16.56
N PHE A 126 10.74 23.52 -15.79
CA PHE A 126 10.55 22.25 -15.18
C PHE A 126 10.05 21.26 -16.23
N ALA A 127 9.15 21.79 -17.05
CA ALA A 127 8.59 21.09 -18.17
C ALA A 127 9.69 20.58 -19.12
N GLU A 128 10.65 21.45 -19.44
CA GLU A 128 11.75 21.05 -20.34
C GLU A 128 12.55 19.86 -19.78
N MET A 129 12.83 19.90 -18.49
CA MET A 129 13.50 18.78 -17.84
C MET A 129 12.68 17.50 -17.93
N ILE A 130 11.36 17.56 -17.64
CA ILE A 130 10.53 16.37 -17.76
C ILE A 130 10.52 15.88 -19.19
N ARG A 131 10.44 16.80 -20.16
CA ARG A 131 10.39 16.41 -21.57
C ARG A 131 11.62 15.67 -22.02
N ILE A 132 12.76 16.25 -21.71
CA ILE A 132 14.06 15.64 -22.01
C ILE A 132 14.10 14.23 -21.42
N ALA A 133 13.73 14.09 -20.16
CA ALA A 133 13.65 12.76 -19.54
C ALA A 133 12.70 11.77 -20.25
N MET A 134 11.47 12.18 -20.54
CA MET A 134 10.58 11.36 -21.41
C MET A 134 11.14 11.06 -22.81
N ASP A 135 11.82 11.99 -23.47
CA ASP A 135 12.39 11.64 -24.76
C ASP A 135 13.42 10.51 -24.58
N LEU A 136 14.30 10.61 -23.58
CA LEU A 136 15.36 9.60 -23.40
C LEU A 136 14.97 8.35 -22.52
N GLY A 137 13.72 8.18 -22.08
CA GLY A 137 13.45 7.02 -21.24
C GLY A 137 14.07 7.11 -19.82
N LYS A 138 14.43 8.32 -19.35
CA LYS A 138 15.00 8.51 -18.00
C LYS A 138 14.04 8.66 -16.78
N PRO A 139 14.35 8.00 -15.66
CA PRO A 139 13.58 8.34 -14.47
C PRO A 139 14.06 9.65 -13.91
N VAL A 140 13.21 10.23 -13.04
CA VAL A 140 13.42 11.51 -12.39
C VAL A 140 13.18 11.39 -10.89
N ARG A 141 14.12 11.91 -10.09
CA ARG A 141 13.82 12.19 -8.71
C ARG A 141 13.49 13.67 -8.66
N ILE A 142 12.31 14.02 -8.18
CA ILE A 142 11.98 15.39 -7.85
C ILE A 142 12.24 15.59 -6.39
N GLY A 143 13.17 16.48 -6.07
CA GLY A 143 13.48 16.76 -4.65
C GLY A 143 13.13 18.15 -4.20
N ALA A 144 12.15 18.28 -3.32
CA ALA A 144 11.85 19.59 -2.81
C ALA A 144 12.97 20.15 -1.93
N ASN A 145 13.19 21.46 -1.91
CA ASN A 145 14.12 21.98 -0.94
C ASN A 145 13.90 23.43 -0.70
N TRP A 146 14.50 23.96 0.37
CA TRP A 146 14.33 25.37 0.70
C TRP A 146 14.69 26.19 -0.52
N GLY A 147 15.91 26.03 -1.06
CA GLY A 147 16.35 26.83 -2.22
C GLY A 147 15.33 27.04 -3.35
N SER A 148 14.48 26.07 -3.70
CA SER A 148 13.64 26.30 -4.88
C SER A 148 12.16 26.37 -4.53
N LEU A 149 11.85 26.51 -3.25
CA LEU A 149 10.47 26.74 -2.81
C LEU A 149 9.85 28.01 -3.45
N ASP A 150 8.67 27.85 -4.01
CA ASP A 150 7.86 28.92 -4.45
C ASP A 150 7.54 29.93 -3.30
N PRO A 151 8.15 31.14 -3.34
CA PRO A 151 7.86 32.19 -2.38
C PRO A 151 6.36 32.44 -2.20
N ALA A 152 5.60 32.39 -3.28
CA ALA A 152 4.15 32.64 -3.21
C ALA A 152 3.42 31.54 -2.43
N LEU A 153 3.88 30.30 -2.61
CA LEU A 153 3.32 29.16 -1.85
C LEU A 153 3.64 29.23 -0.35
N LEU A 154 4.89 29.53 -0.01
CA LEU A 154 5.19 29.80 1.37
C LEU A 154 4.17 30.75 2.00
N THR A 155 4.00 31.93 1.38
CA THR A 155 3.10 32.99 1.89
C THR A 155 1.67 32.50 2.14
N GLU A 156 1.09 31.82 1.16
CA GLU A 156 -0.29 31.34 1.25
C GLU A 156 -0.41 30.35 2.40
N LEU A 157 0.56 29.47 2.51
CA LEU A 157 0.53 28.55 3.63
C LEU A 157 0.75 29.21 4.97
N MET A 158 1.41 30.36 5.01
CA MET A 158 1.57 31.10 6.25
C MET A 158 0.23 31.67 6.69
N ASP A 159 -0.52 32.14 5.69
CA ASP A 159 -1.85 32.73 5.90
C ASP A 159 -2.91 31.70 6.32
N ARG A 160 -2.98 30.59 5.58
CA ARG A 160 -3.77 29.46 6.00
C ARG A 160 -3.42 29.02 7.43
N ASN A 161 -2.13 29.02 7.77
CA ASN A 161 -1.75 28.67 9.14
C ASN A 161 -2.35 29.62 10.20
N ALA A 162 -2.23 30.94 10.00
CA ALA A 162 -2.74 31.92 11.03
C ALA A 162 -4.25 31.83 11.33
N SER A 163 -4.96 31.19 10.40
CA SER A 163 -6.41 31.08 10.45
C SER A 163 -6.87 29.86 11.21
N ARG A 164 -5.96 28.92 11.48
CA ARG A 164 -6.30 27.70 12.22
C ARG A 164 -6.71 28.01 13.66
N PRO A 165 -7.61 27.19 14.25
CA PRO A 165 -7.85 27.30 15.70
C PRO A 165 -6.55 27.18 16.53
N GLU A 166 -5.62 26.32 16.14
CA GLU A 166 -4.33 26.32 16.83
C GLU A 166 -3.17 26.34 15.85
N PRO A 167 -2.71 27.54 15.48
CA PRO A 167 -1.66 27.68 14.46
C PRO A 167 -0.39 26.93 14.83
N LYS A 168 0.36 26.53 13.80
CA LYS A 168 1.61 25.81 14.05
C LYS A 168 2.82 26.76 14.00
N SER A 169 4.01 26.29 14.34
CA SER A 169 5.21 27.15 14.26
C SER A 169 5.60 27.43 12.79
N ALA A 170 6.32 28.53 12.59
CA ALA A 170 6.78 28.91 11.25
C ALA A 170 7.54 27.78 10.54
N HIS A 171 8.39 27.10 11.29
CA HIS A 171 9.14 25.99 10.79
C HIS A 171 8.23 24.86 10.33
N GLU A 172 7.15 24.60 11.05
CA GLU A 172 6.25 23.52 10.61
C GLU A 172 5.50 23.89 9.31
N VAL A 173 5.21 25.17 9.14
CA VAL A 173 4.58 25.63 7.96
C VAL A 173 5.54 25.44 6.77
N VAL A 174 6.84 25.64 7.00
CA VAL A 174 7.84 25.50 5.93
C VAL A 174 7.86 24.06 5.53
N LEU A 175 7.79 23.15 6.51
CA LEU A 175 7.70 21.70 6.17
C LEU A 175 6.48 21.41 5.34
N GLU A 176 5.31 21.96 5.71
CA GLU A 176 4.09 21.89 4.84
C GLU A 176 4.36 22.33 3.43
N ALA A 177 5.07 23.44 3.28
CA ALA A 177 5.38 23.99 1.94
C ALA A 177 6.23 23.05 1.12
N LEU A 178 7.24 22.48 1.76
CA LEU A 178 8.11 21.56 1.09
C LEU A 178 7.31 20.38 0.55
N VAL A 179 6.37 19.89 1.35
CA VAL A 179 5.59 18.73 0.99
C VAL A 179 4.73 19.08 -0.20
N GLU A 180 4.15 20.26 -0.15
CA GLU A 180 3.16 20.61 -1.14
C GLU A 180 3.87 20.91 -2.47
N SER A 181 5.06 21.48 -2.36
CA SER A 181 5.89 21.69 -3.52
C SER A 181 6.18 20.34 -4.21
N ALA A 182 6.75 19.38 -3.46
CA ALA A 182 6.93 17.99 -3.93
C ALA A 182 5.65 17.36 -4.51
N VAL A 183 4.53 17.39 -3.80
CA VAL A 183 3.33 16.67 -4.29
C VAL A 183 2.76 17.31 -5.57
N ARG A 184 2.84 18.64 -5.68
CA ARG A 184 2.37 19.32 -6.88
C ARG A 184 3.18 19.02 -8.14
N ALA A 185 4.52 18.98 -7.98
CA ALA A 185 5.43 18.75 -9.03
C ALA A 185 5.30 17.28 -9.44
N TYR A 186 5.05 16.40 -8.47
CA TYR A 186 4.74 15.00 -8.79
C TYR A 186 3.53 14.85 -9.71
N GLU A 187 2.43 15.57 -9.41
CA GLU A 187 1.26 15.51 -10.25
C GLU A 187 1.52 16.20 -11.58
N ALA A 188 2.32 17.25 -11.60
CA ALA A 188 2.58 18.00 -12.85
C ALA A 188 3.42 17.11 -13.77
N ALA A 189 4.35 16.36 -13.17
CA ALA A 189 5.08 15.41 -14.00
C ALA A 189 4.19 14.30 -14.60
N LEU A 190 3.23 13.82 -13.82
CA LEU A 190 2.42 12.71 -14.30
C LEU A 190 1.53 13.23 -15.34
N GLU A 191 1.19 14.51 -15.17
CA GLU A 191 0.28 15.20 -16.05
C GLU A 191 0.89 15.28 -17.45
N MET A 192 2.22 15.18 -17.51
CA MET A 192 2.92 15.41 -18.78
C MET A 192 3.20 14.07 -19.44
N GLY A 193 2.98 12.98 -18.74
CA GLY A 193 3.18 11.69 -19.33
C GLY A 193 4.42 11.00 -18.87
N LEU A 194 5.10 11.53 -17.84
CA LEU A 194 6.28 10.88 -17.31
C LEU A 194 6.03 9.43 -16.94
N GLY A 195 4.95 9.09 -16.23
CA GLY A 195 4.82 7.65 -15.96
C GLY A 195 5.26 7.27 -14.57
N GLU A 196 4.42 6.49 -13.89
CA GLU A 196 4.68 6.14 -12.50
C GLU A 196 5.91 5.29 -12.33
N ASP A 197 6.38 4.69 -13.43
CA ASP A 197 7.60 3.87 -13.30
C ASP A 197 8.83 4.74 -13.51
N LYS A 198 8.66 6.06 -13.45
CA LYS A 198 9.76 6.91 -13.88
C LYS A 198 9.94 8.09 -12.94
N LEU A 199 9.38 7.94 -11.74
CA LEU A 199 9.19 9.07 -10.85
C LEU A 199 9.44 8.68 -9.40
N VAL A 200 10.42 9.32 -8.80
CA VAL A 200 10.77 9.11 -7.38
C VAL A 200 10.70 10.47 -6.68
N LEU A 201 10.40 10.53 -5.37
CA LEU A 201 10.30 11.81 -4.62
C LEU A 201 11.23 11.87 -3.43
N SER A 202 11.52 13.09 -3.01
CA SER A 202 12.22 13.33 -1.76
C SER A 202 12.00 14.75 -1.28
N ALA A 203 12.48 15.04 -0.08
CA ALA A 203 12.48 16.42 0.40
C ALA A 203 13.72 16.58 1.31
N LYS A 204 14.37 17.74 1.24
CA LYS A 204 15.61 17.97 1.92
C LYS A 204 15.33 18.64 3.29
N VAL A 205 15.62 17.96 4.40
CA VAL A 205 15.53 18.54 5.75
C VAL A 205 16.72 18.14 6.62
N SER A 206 16.81 18.71 7.81
CA SER A 206 17.98 18.49 8.68
C SER A 206 17.68 17.81 10.00
N LYS A 207 16.39 17.64 10.30
CA LYS A 207 16.01 17.14 11.61
C LYS A 207 15.24 15.87 11.48
N ALA A 208 15.63 14.88 12.27
CA ALA A 208 14.94 13.58 12.21
C ALA A 208 13.42 13.73 12.27
N ARG A 209 12.94 14.59 13.12
CA ARG A 209 11.52 14.72 13.38
C ARG A 209 10.82 15.33 12.15
N ASP A 210 11.52 16.25 11.46
CA ASP A 210 11.06 16.84 10.22
C ASP A 210 11.02 15.75 9.14
N LEU A 211 12.03 14.89 9.11
CA LEU A 211 12.09 13.90 8.08
C LEU A 211 10.92 12.95 8.22
N VAL A 212 10.55 12.61 9.44
CA VAL A 212 9.45 11.65 9.65
C VAL A 212 8.10 12.24 9.28
N TRP A 213 7.84 13.43 9.76
CA TRP A 213 6.64 14.10 9.42
C TRP A 213 6.45 14.27 7.87
N VAL A 214 7.50 14.77 7.22
CA VAL A 214 7.48 15.03 5.77
C VAL A 214 7.22 13.79 4.98
N TYR A 215 7.96 12.74 5.30
CA TYR A 215 7.80 11.48 4.55
C TYR A 215 6.55 10.72 4.88
N ARG A 216 5.97 10.88 6.10
CA ARG A 216 4.66 10.20 6.30
C ARG A 216 3.60 10.90 5.42
N GLU A 217 3.74 12.21 5.21
CA GLU A 217 2.85 13.01 4.37
C GLU A 217 2.97 12.56 2.91
N LEU A 218 4.23 12.44 2.46
CA LEU A 218 4.49 12.01 1.09
C LEU A 218 3.90 10.60 0.81
N ALA A 219 4.01 9.66 1.77
CA ALA A 219 3.44 8.29 1.59
C ALA A 219 1.95 8.38 1.48
N ARG A 220 1.36 9.31 2.23
CA ARG A 220 -0.04 9.36 2.27
C ARG A 220 -0.58 9.96 0.98
N ARG A 221 0.17 10.87 0.37
CA ARG A 221 -0.42 11.68 -0.71
C ARG A 221 0.13 11.22 -2.04
N THR A 222 1.08 10.28 -2.04
CA THR A 222 1.65 9.88 -3.35
C THR A 222 1.91 8.36 -3.38
N GLN A 223 2.10 7.79 -4.55
CA GLN A 223 2.52 6.39 -4.68
C GLN A 223 3.98 6.26 -5.15
N ALA A 224 4.74 7.33 -5.18
CA ALA A 224 6.14 7.27 -5.66
C ALA A 224 7.07 6.53 -4.75
N PRO A 225 8.07 5.83 -5.29
CA PRO A 225 9.09 5.42 -4.35
C PRO A 225 9.72 6.67 -3.72
N LEU A 226 10.25 6.51 -2.52
CA LEU A 226 10.69 7.66 -1.71
C LEU A 226 12.16 7.49 -1.38
N HIS A 227 12.94 8.54 -1.57
CA HIS A 227 14.38 8.54 -1.34
C HIS A 227 14.60 9.24 -0.01
N LEU A 228 15.12 8.56 1.02
CA LEU A 228 15.34 9.13 2.36
C LEU A 228 16.77 9.57 2.59
N GLY A 229 16.92 10.78 3.10
CA GLY A 229 18.23 11.26 3.40
C GLY A 229 18.18 12.59 4.13
N LEU A 230 19.25 12.90 4.83
CA LEU A 230 19.30 13.99 5.75
C LEU A 230 20.56 14.75 5.42
N THR A 231 20.42 16.05 5.16
CA THR A 231 21.59 16.84 4.87
C THR A 231 22.22 17.41 6.12
N GLU A 232 23.51 17.72 6.07
CA GLU A 232 24.10 18.59 7.11
C GLU A 232 23.81 18.07 8.51
N ALA A 233 23.80 16.75 8.69
CA ALA A 233 23.43 16.15 9.98
C ALA A 233 24.49 16.50 11.01
N GLY A 234 25.70 16.76 10.53
CA GLY A 234 26.91 16.90 11.35
C GLY A 234 27.89 15.84 10.87
N MET A 235 28.88 15.50 11.69
CA MET A 235 29.80 14.36 11.43
C MET A 235 30.12 13.68 12.76
N GLY A 236 31.03 12.71 12.71
CA GLY A 236 31.37 11.90 13.86
C GLY A 236 30.09 11.32 14.41
N VAL A 237 30.01 11.33 15.72
CA VAL A 237 28.88 10.81 16.42
C VAL A 237 27.59 11.56 16.07
N LYS A 238 27.65 12.90 16.11
CA LYS A 238 26.47 13.70 15.95
C LYS A 238 25.77 13.31 14.65
N GLY A 239 26.57 13.18 13.58
CA GLY A 239 26.06 12.99 12.23
C GLY A 239 25.60 11.57 11.99
N ILE A 240 26.27 10.61 12.63
CA ILE A 240 25.83 9.20 12.56
C ILE A 240 24.49 8.98 13.30
N VAL A 241 24.32 9.62 14.48
CA VAL A 241 23.16 9.44 15.34
C VAL A 241 21.98 10.13 14.69
N ALA A 242 22.21 11.31 14.19
CA ALA A 242 21.18 12.04 13.49
C ALA A 242 20.63 11.28 12.29
N SER A 243 21.49 10.61 11.56
CA SER A 243 21.02 9.92 10.34
C SER A 243 20.23 8.65 10.74
N ALA A 244 20.75 7.91 11.70
CA ALA A 244 20.06 6.73 12.12
C ALA A 244 18.72 7.09 12.80
N ALA A 245 18.69 8.15 13.60
CA ALA A 245 17.46 8.57 14.28
C ALA A 245 16.36 9.02 13.28
N ALA A 246 16.79 9.57 12.16
CA ALA A 246 15.85 10.08 11.20
C ALA A 246 15.32 8.97 10.35
N LEU A 247 16.17 8.01 10.00
CA LEU A 247 15.70 6.98 9.04
C LEU A 247 14.98 5.81 9.72
N ALA A 248 15.47 5.37 10.87
CA ALA A 248 14.90 4.16 11.50
C ALA A 248 13.37 4.28 11.78
N PRO A 249 12.90 5.42 12.27
CA PRO A 249 11.45 5.42 12.49
C PRO A 249 10.68 5.23 11.17
N LEU A 250 11.19 5.74 10.05
CA LEU A 250 10.50 5.59 8.76
C LEU A 250 10.61 4.17 8.22
N LEU A 251 11.80 3.59 8.37
CA LEU A 251 12.05 2.23 7.87
C LEU A 251 11.31 1.15 8.65
N LEU A 252 11.21 1.27 9.98
CA LEU A 252 10.38 0.35 10.76
C LEU A 252 8.92 0.43 10.33
N GLU A 253 8.54 1.53 9.74
CA GLU A 253 7.14 1.70 9.41
C GLU A 253 6.91 1.30 7.95
N GLY A 254 7.98 0.92 7.26
CA GLY A 254 7.87 0.52 5.89
C GLY A 254 7.90 1.60 4.81
N ILE A 255 8.35 2.80 5.18
CA ILE A 255 8.46 3.93 4.26
C ILE A 255 9.92 4.16 3.88
N GLY A 256 10.19 4.32 2.57
CA GLY A 256 11.56 4.54 2.11
C GLY A 256 12.06 3.48 1.20
N ASP A 257 12.62 3.89 0.06
CA ASP A 257 13.08 2.92 -0.92
C ASP A 257 14.58 3.03 -1.22
N THR A 258 15.20 4.18 -1.00
CA THR A 258 16.65 4.33 -1.14
C THR A 258 16.99 5.17 0.01
N ILE A 259 18.19 5.02 0.53
CA ILE A 259 18.65 5.86 1.59
C ILE A 259 20.01 6.38 1.25
N ARG A 260 20.29 7.57 1.76
CA ARG A 260 21.63 8.10 1.70
C ARG A 260 22.05 8.62 3.08
N VAL A 261 23.32 8.61 3.38
CA VAL A 261 23.73 9.19 4.62
C VAL A 261 24.68 10.29 4.26
N SER A 262 24.40 11.48 4.76
CA SER A 262 25.25 12.61 4.43
C SER A 262 26.08 12.98 5.66
N LEU A 263 27.37 12.69 5.62
CA LEU A 263 28.25 13.04 6.71
C LEU A 263 29.12 14.16 6.27
N THR A 264 29.18 15.20 7.09
CA THR A 264 29.98 16.36 6.78
C THR A 264 31.50 16.02 6.59
N PRO A 265 32.07 16.32 5.39
CA PRO A 265 33.44 15.85 5.04
C PRO A 265 34.50 16.27 6.05
N SER A 266 35.16 15.30 6.68
CA SER A 266 36.27 15.60 7.60
C SER A 266 37.65 15.42 6.95
N PRO A 267 38.69 15.73 7.72
CA PRO A 267 40.07 15.54 7.31
C PRO A 267 40.63 14.29 7.99
N LYS A 268 39.72 13.45 8.49
CA LYS A 268 40.07 12.13 9.01
C LYS A 268 39.27 11.00 8.32
N GLU A 269 37.93 11.12 8.27
CA GLU A 269 37.02 10.11 7.65
C GLU A 269 37.02 10.08 6.11
N PRO A 270 36.98 8.86 5.50
CA PRO A 270 36.86 8.72 4.04
C PRO A 270 35.42 8.86 3.56
N ARG A 271 35.23 9.10 2.26
CA ARG A 271 33.89 9.41 1.74
C ARG A 271 32.98 8.18 1.90
N THR A 272 33.66 7.02 1.96
CA THR A 272 33.01 5.72 2.06
C THR A 272 32.32 5.49 3.40
N LYS A 273 32.61 6.31 4.40
CA LYS A 273 31.90 6.17 5.67
C LYS A 273 30.38 6.29 5.48
N GLU A 274 29.92 7.21 4.64
CA GLU A 274 28.47 7.34 4.42
C GLU A 274 27.84 6.00 4.13
N VAL A 275 28.52 5.26 3.26
CA VAL A 275 28.09 3.99 2.77
C VAL A 275 28.11 2.95 3.89
N GLU A 276 29.19 2.90 4.66
CA GLU A 276 29.19 2.02 5.83
C GLU A 276 27.99 2.32 6.76
N VAL A 277 27.72 3.60 6.99
CA VAL A 277 26.70 3.97 7.94
C VAL A 277 25.33 3.62 7.41
N ALA A 278 25.03 4.06 6.19
CA ALA A 278 23.84 3.63 5.47
C ALA A 278 23.65 2.11 5.54
N GLN A 279 24.71 1.34 5.32
CA GLN A 279 24.60 -0.11 5.46
C GLN A 279 24.32 -0.61 6.89
N GLU A 280 25.05 -0.11 7.87
CA GLU A 280 24.75 -0.40 9.30
C GLU A 280 23.27 -0.14 9.73
N ILE A 281 22.70 0.95 9.22
CA ILE A 281 21.37 1.33 9.54
C ILE A 281 20.39 0.23 9.06
N LEU A 282 20.61 -0.34 7.87
CA LEU A 282 19.77 -1.43 7.33
C LEU A 282 20.01 -2.79 8.00
N GLN A 283 21.26 -3.03 8.37
CA GLN A 283 21.59 -4.22 9.09
C GLN A 283 20.94 -4.22 10.49
N ALA A 284 21.05 -3.15 11.28
CA ALA A 284 20.40 -3.02 12.60
C ALA A 284 18.88 -3.27 12.62
N LEU A 285 18.21 -2.95 11.50
CA LEU A 285 16.78 -3.10 11.39
C LEU A 285 16.42 -4.39 10.70
N GLY A 286 17.41 -5.24 10.46
CA GLY A 286 17.21 -6.44 9.60
C GLY A 286 16.67 -6.23 8.18
N LEU A 287 17.04 -5.14 7.52
CA LEU A 287 16.61 -4.90 6.14
C LEU A 287 17.74 -5.20 5.13
N ARG A 288 18.86 -5.72 5.57
CA ARG A 288 19.92 -6.06 4.62
C ARG A 288 20.78 -6.94 5.44
N ALA A 289 21.34 -7.97 4.82
CA ALA A 289 22.23 -8.86 5.57
C ALA A 289 23.49 -8.97 4.76
N PHE A 290 24.58 -9.24 5.44
CA PHE A 290 25.85 -9.29 4.74
C PHE A 290 26.48 -10.67 4.74
N ALA A 291 25.77 -11.63 5.30
CA ALA A 291 26.27 -12.95 5.59
C ALA A 291 25.08 -13.83 5.90
N PRO A 292 25.10 -15.12 5.47
CA PRO A 292 24.06 -16.02 5.94
C PRO A 292 23.98 -16.11 7.45
N GLU A 293 22.85 -16.58 7.94
CA GLU A 293 22.64 -16.57 9.36
C GLU A 293 22.11 -17.92 9.74
N VAL A 294 22.63 -18.45 10.85
CA VAL A 294 22.12 -19.66 11.48
C VAL A 294 21.50 -19.19 12.81
N THR A 295 20.22 -19.48 12.99
CA THR A 295 19.53 -19.26 14.26
C THR A 295 18.97 -20.58 14.82
N SER A 296 19.13 -20.79 16.13
CA SER A 296 18.50 -21.91 16.83
C SER A 296 17.48 -21.45 17.87
N CYS A 297 16.39 -22.19 18.08
CA CYS A 297 15.47 -21.88 19.20
C CYS A 297 16.26 -21.80 20.54
N PRO A 298 15.67 -21.22 21.62
CA PRO A 298 16.40 -21.20 22.90
C PRO A 298 16.34 -22.51 23.70
N GLY A 299 15.50 -23.45 23.27
CA GLY A 299 15.17 -24.64 24.03
C GLY A 299 14.30 -24.30 25.22
N CYS A 300 13.35 -25.15 25.59
CA CYS A 300 12.41 -24.84 26.68
C CYS A 300 11.90 -26.05 27.45
N GLY A 301 12.52 -27.20 27.28
CA GLY A 301 12.09 -28.30 28.13
C GLY A 301 11.00 -29.13 27.51
N ARG A 302 10.65 -28.82 26.28
CA ARG A 302 10.08 -29.83 25.40
C ARG A 302 11.24 -30.71 25.03
N THR A 303 12.44 -30.13 25.09
CA THR A 303 13.66 -30.92 24.99
C THR A 303 14.59 -30.76 26.18
N THR A 304 15.26 -31.86 26.50
CA THR A 304 16.37 -31.85 27.45
C THR A 304 17.74 -32.07 26.73
N SER A 305 17.70 -32.51 25.46
CA SER A 305 18.91 -32.67 24.62
C SER A 305 19.53 -31.33 24.29
N THR A 306 20.85 -31.31 24.19
CA THR A 306 21.57 -30.14 23.71
C THR A 306 22.19 -30.41 22.34
N PHE A 307 21.80 -31.53 21.72
CA PHE A 307 22.36 -31.87 20.43
C PHE A 307 21.94 -30.84 19.37
N PHE A 308 20.74 -30.30 19.48
CA PHE A 308 20.34 -29.20 18.55
C PHE A 308 21.31 -27.98 18.55
N GLN A 309 21.75 -27.52 19.72
CA GLN A 309 22.71 -26.39 19.81
C GLN A 309 24.02 -26.78 19.15
N GLU A 310 24.51 -27.96 19.49
CA GLU A 310 25.73 -28.51 18.89
C GLU A 310 25.62 -28.49 17.36
N LEU A 311 24.47 -28.92 16.85
CA LEU A 311 24.29 -28.95 15.41
C LEU A 311 24.26 -27.52 14.82
N ALA A 312 23.52 -26.62 15.46
CA ALA A 312 23.51 -25.21 14.99
C ALA A 312 24.91 -24.59 15.06
N GLU A 313 25.64 -24.87 16.13
CA GLU A 313 26.99 -24.34 16.22
C GLU A 313 27.82 -24.83 15.04
N GLU A 314 27.75 -26.13 14.77
CA GLU A 314 28.52 -26.73 13.69
C GLU A 314 28.14 -26.17 12.31
N VAL A 315 26.84 -26.08 12.04
CA VAL A 315 26.34 -25.54 10.78
C VAL A 315 26.84 -24.11 10.50
N SER A 316 26.97 -23.32 11.54
CA SER A 316 27.46 -21.97 11.38
C SER A 316 28.96 -22.01 11.06
N ARG A 317 29.74 -22.75 11.85
CA ARG A 317 31.14 -22.95 11.52
C ARG A 317 31.26 -23.28 10.03
N ARG A 318 30.52 -24.31 9.58
CA ARG A 318 30.53 -24.71 8.16
C ARG A 318 30.15 -23.57 7.27
N LEU A 319 28.93 -23.04 7.44
CA LEU A 319 28.52 -21.96 6.58
C LEU A 319 29.67 -20.96 6.38
N LYS A 320 30.26 -20.43 7.45
CA LYS A 320 31.39 -19.47 7.32
C LYS A 320 32.57 -19.86 6.38
N GLU A 321 32.81 -21.15 6.18
CA GLU A 321 33.87 -21.68 5.30
C GLU A 321 33.50 -21.67 3.80
N ARG A 322 32.27 -22.04 3.55
CA ARG A 322 31.76 -22.15 2.20
C ARG A 322 31.48 -20.77 1.61
N LEU A 323 31.61 -19.75 2.46
CA LEU A 323 31.18 -18.36 2.22
C LEU A 323 32.02 -17.54 1.21
N PRO A 324 33.35 -17.53 1.35
CA PRO A 324 34.13 -16.87 0.28
C PRO A 324 33.72 -17.34 -1.11
N GLU A 325 33.50 -18.65 -1.27
CA GLU A 325 33.04 -19.22 -2.54
C GLU A 325 31.58 -18.82 -2.88
N TRP A 326 30.66 -19.07 -1.97
CA TRP A 326 29.27 -18.70 -2.15
C TRP A 326 29.13 -17.23 -2.59
N ARG A 327 29.75 -16.32 -1.84
CA ARG A 327 29.64 -14.88 -2.08
C ARG A 327 30.18 -14.51 -3.46
N ALA A 328 30.76 -15.47 -4.15
CA ALA A 328 31.50 -15.25 -5.40
C ALA A 328 30.80 -15.89 -6.60
N ARG A 329 29.95 -16.89 -6.36
CA ARG A 329 29.12 -17.40 -7.45
C ARG A 329 27.65 -17.64 -7.18
N TYR A 330 27.13 -17.13 -6.07
CA TYR A 330 25.72 -17.30 -5.74
C TYR A 330 25.13 -15.96 -5.26
N PRO A 331 24.70 -15.11 -6.22
CA PRO A 331 24.16 -13.78 -5.88
C PRO A 331 23.02 -13.90 -4.88
N GLY A 332 23.09 -13.15 -3.79
CA GLY A 332 21.98 -13.02 -2.85
C GLY A 332 22.05 -13.98 -1.68
N VAL A 333 23.04 -14.87 -1.71
CA VAL A 333 23.26 -15.83 -0.64
C VAL A 333 23.41 -15.13 0.72
N GLU A 334 23.97 -13.91 0.80
CA GLU A 334 23.93 -13.15 2.08
C GLU A 334 22.58 -13.24 2.79
N GLU A 335 21.49 -13.40 2.03
CA GLU A 335 20.19 -13.35 2.69
C GLU A 335 19.76 -14.69 3.27
N LEU A 336 20.63 -15.74 3.19
CA LEU A 336 20.24 -17.07 3.61
C LEU A 336 19.99 -17.21 5.10
N LYS A 337 18.81 -17.73 5.47
CA LYS A 337 18.48 -18.05 6.86
C LYS A 337 18.28 -19.54 7.06
N VAL A 338 19.08 -20.10 7.97
CA VAL A 338 19.02 -21.53 8.33
C VAL A 338 18.56 -21.67 9.79
N ALA A 339 17.55 -22.48 10.03
CA ALA A 339 17.07 -22.69 11.38
C ALA A 339 17.44 -24.10 11.87
N VAL A 340 17.75 -24.23 13.16
CA VAL A 340 18.03 -25.49 13.80
C VAL A 340 17.25 -25.48 15.12
N MET A 341 16.23 -26.32 15.23
CA MET A 341 15.29 -26.23 16.36
C MET A 341 15.40 -27.34 17.41
N GLY A 342 14.86 -27.05 18.59
CA GLY A 342 14.86 -27.99 19.72
C GLY A 342 13.74 -29.03 19.87
N CYS A 343 12.69 -28.98 19.03
CA CYS A 343 11.62 -30.02 19.04
C CYS A 343 10.80 -30.08 17.74
N VAL A 344 10.06 -31.16 17.55
CA VAL A 344 9.39 -31.39 16.28
C VAL A 344 7.93 -30.90 16.33
N VAL A 345 7.27 -31.05 17.46
CA VAL A 345 5.91 -30.52 17.61
C VAL A 345 5.91 -29.00 17.29
N ASN A 346 6.82 -28.24 17.89
CA ASN A 346 6.77 -26.79 17.78
C ASN A 346 7.74 -26.10 16.80
N GLY A 347 8.84 -26.80 16.49
CA GLY A 347 9.98 -26.27 15.72
C GLY A 347 9.69 -25.69 14.34
N PRO A 348 9.05 -26.48 13.43
CA PRO A 348 8.67 -25.94 12.11
C PRO A 348 7.81 -24.66 12.16
N GLY A 349 6.80 -24.63 13.02
CA GLY A 349 6.01 -23.43 13.29
C GLY A 349 6.78 -22.26 13.87
N GLU A 350 7.91 -22.56 14.48
CA GLU A 350 8.75 -21.51 15.05
C GLU A 350 9.88 -21.12 14.10
N SER A 351 9.90 -21.77 12.93
CA SER A 351 10.88 -21.50 11.88
C SER A 351 10.30 -21.32 10.47
N LYS A 352 9.01 -21.01 10.33
CA LYS A 352 8.34 -20.84 9.03
C LYS A 352 9.16 -20.06 8.04
N HIS A 353 9.86 -19.04 8.54
CA HIS A 353 10.50 -18.05 7.68
C HIS A 353 11.98 -18.31 7.38
N ALA A 354 12.46 -19.50 7.68
CA ALA A 354 13.86 -19.75 7.35
C ALA A 354 13.77 -20.33 5.95
N HIS A 355 14.84 -20.22 5.15
CA HIS A 355 14.91 -20.73 3.82
C HIS A 355 14.92 -22.23 3.95
N ILE A 356 15.67 -22.72 4.95
CA ILE A 356 15.75 -24.13 5.22
C ILE A 356 16.01 -24.37 6.73
N GLY A 357 15.38 -25.41 7.26
CA GLY A 357 15.46 -25.69 8.67
C GLY A 357 15.28 -27.15 9.00
N ILE A 358 15.81 -27.51 10.17
CA ILE A 358 15.70 -28.84 10.72
C ILE A 358 15.18 -28.69 12.14
N SER A 359 14.36 -29.64 12.56
CA SER A 359 13.94 -29.71 13.95
C SER A 359 14.44 -31.00 14.56
N LEU A 360 15.08 -30.85 15.71
CA LEU A 360 15.58 -32.04 16.37
C LEU A 360 14.57 -32.59 17.37
N PRO A 361 14.42 -33.93 17.42
CA PRO A 361 13.60 -34.59 18.44
C PRO A 361 13.76 -34.02 19.84
N GLY A 362 12.64 -33.62 20.43
CA GLY A 362 12.58 -33.22 21.81
C GLY A 362 12.23 -34.39 22.71
N ALA A 363 12.37 -34.16 24.01
CA ALA A 363 12.19 -35.21 24.99
C ALA A 363 10.82 -35.87 24.79
N GLY A 364 10.84 -37.18 24.53
CA GLY A 364 9.64 -37.95 24.30
C GLY A 364 9.20 -38.09 22.85
N GLU A 365 9.94 -37.52 21.89
CA GLU A 365 9.59 -37.66 20.47
C GLU A 365 10.36 -38.73 19.70
N GLU A 366 9.72 -39.26 18.65
CA GLU A 366 10.34 -40.19 17.69
C GLU A 366 11.75 -39.76 17.24
N PRO A 367 12.68 -40.71 17.16
CA PRO A 367 14.04 -40.41 16.71
C PRO A 367 14.07 -40.02 15.23
N LYS A 368 13.35 -38.94 14.88
CA LYS A 368 13.18 -38.50 13.51
C LYS A 368 13.21 -36.97 13.48
N ALA A 369 13.85 -36.39 12.46
CA ALA A 369 14.13 -34.95 12.39
C ALA A 369 13.69 -34.31 11.06
N PRO A 370 12.56 -33.58 11.06
CA PRO A 370 12.04 -33.13 9.77
C PRO A 370 12.85 -31.94 9.25
N VAL A 371 13.10 -31.90 7.94
CA VAL A 371 13.68 -30.73 7.30
C VAL A 371 12.66 -30.06 6.39
N TYR A 372 12.57 -28.73 6.56
CA TYR A 372 11.75 -27.83 5.75
C TYR A 372 12.64 -26.86 4.98
N ALA A 373 12.20 -26.56 3.77
CA ALA A 373 12.86 -25.62 2.87
C ALA A 373 11.69 -24.82 2.36
N ASP A 374 11.66 -23.51 2.60
CA ASP A 374 10.51 -22.75 2.12
C ASP A 374 9.13 -23.30 2.59
N GLY A 375 9.04 -24.34 3.46
CA GLY A 375 8.06 -25.58 3.34
C GLY A 375 8.71 -27.04 3.33
N LYS A 376 7.99 -28.17 3.18
CA LYS A 376 8.55 -29.54 3.58
C LYS A 376 9.31 -30.61 2.65
N LEU A 377 10.53 -31.00 3.05
CA LEU A 377 11.52 -31.59 2.13
C LEU A 377 11.88 -33.08 2.35
N LEU A 378 12.22 -33.46 3.57
CA LEU A 378 12.30 -34.86 3.96
C LEU A 378 12.62 -34.99 5.44
N THR A 379 12.61 -36.22 5.90
CA THR A 379 12.85 -36.56 7.30
C THR A 379 14.20 -37.23 7.32
N ILE A 380 15.12 -36.76 8.17
CA ILE A 380 16.41 -37.44 8.28
C ILE A 380 16.36 -38.42 9.46
N LEU A 381 16.65 -39.70 9.19
CA LEU A 381 16.66 -40.76 10.21
C LEU A 381 18.01 -40.74 10.93
N LYS A 382 17.95 -40.80 12.27
CA LYS A 382 19.07 -40.40 13.16
C LYS A 382 20.40 -41.11 12.93
N GLY A 383 20.89 -41.09 11.69
CA GLY A 383 22.25 -41.50 11.42
C GLY A 383 23.16 -40.44 12.00
N GLU A 384 24.36 -40.80 12.43
CA GLU A 384 25.32 -39.75 12.70
C GLU A 384 25.50 -39.02 11.35
N GLY A 385 26.03 -37.80 11.40
CA GLY A 385 26.13 -37.04 10.17
C GLY A 385 24.73 -36.80 9.61
N ILE A 386 23.73 -36.88 10.50
CA ILE A 386 22.50 -36.11 10.30
C ILE A 386 23.00 -34.70 10.03
N ALA A 387 24.04 -34.29 10.78
CA ALA A 387 24.77 -33.03 10.58
C ALA A 387 25.27 -32.87 9.16
N GLU A 388 25.90 -33.91 8.66
CA GLU A 388 26.46 -33.93 7.31
C GLU A 388 25.40 -34.04 6.22
N GLU A 389 24.34 -34.81 6.51
CA GLU A 389 23.16 -34.95 5.64
C GLU A 389 22.47 -33.58 5.54
N PHE A 390 22.42 -32.86 6.64
CA PHE A 390 21.83 -31.52 6.64
C PHE A 390 22.69 -30.49 5.88
N LEU A 391 24.01 -30.49 6.12
CA LEU A 391 24.91 -29.58 5.40
C LEU A 391 24.92 -29.73 3.89
N ARG A 392 24.74 -30.95 3.40
CA ARG A 392 24.69 -31.11 1.94
C ARG A 392 23.33 -30.59 1.43
N LEU A 393 22.30 -30.74 2.27
CA LEU A 393 21.00 -30.20 1.94
C LEU A 393 21.04 -28.69 1.91
N VAL A 394 21.81 -28.06 2.79
CA VAL A 394 21.92 -26.60 2.72
C VAL A 394 22.62 -26.17 1.42
N GLU A 395 23.71 -26.84 1.15
CA GLU A 395 24.51 -26.60 -0.03
C GLU A 395 23.69 -26.80 -1.30
N ASP A 396 22.88 -27.86 -1.36
CA ASP A 396 22.00 -28.09 -2.51
C ASP A 396 20.91 -26.99 -2.65
N TYR A 397 20.25 -26.68 -1.53
CA TYR A 397 19.37 -25.51 -1.44
C TYR A 397 20.06 -24.21 -1.93
N VAL A 398 21.29 -23.94 -1.47
CA VAL A 398 22.04 -22.76 -1.93
C VAL A 398 22.28 -22.73 -3.45
N LYS A 399 22.66 -23.87 -4.02
CA LYS A 399 23.02 -23.97 -5.47
C LYS A 399 21.84 -23.74 -6.39
N THR A 400 20.67 -24.22 -5.96
CA THR A 400 19.44 -24.09 -6.71
C THR A 400 18.93 -22.67 -6.52
N ARG A 401 18.82 -22.24 -5.26
CA ARG A 401 18.05 -21.06 -5.00
C ARG A 401 18.76 -19.77 -5.35
N PHE A 402 20.09 -19.74 -5.25
CA PHE A 402 20.85 -18.55 -5.60
C PHE A 402 21.67 -18.69 -6.86
N ALA A 403 21.21 -19.55 -7.77
CA ALA A 403 21.91 -19.77 -9.01
C ALA A 403 21.94 -18.44 -9.75
N PRO A 404 23.10 -18.03 -10.28
CA PRO A 404 22.95 -16.81 -11.06
C PRO A 404 22.10 -17.18 -12.26
N LYS A 405 21.11 -16.37 -12.59
CA LYS A 405 20.20 -16.76 -13.66
C LYS A 405 19.72 -15.57 -14.51
N ALA A 406 20.66 -14.87 -15.13
CA ALA A 406 20.37 -13.77 -16.06
C ALA A 406 20.76 -14.15 -17.49
N MET B 4 3.37 15.20 22.98
CA MET B 4 4.51 14.34 22.50
C MET B 4 5.21 13.46 23.58
N ARG B 5 4.46 13.04 24.62
CA ARG B 5 5.02 12.29 25.77
C ARG B 5 4.00 11.45 26.59
N ARG B 6 4.25 10.17 26.75
CA ARG B 6 3.35 9.26 27.44
C ARG B 6 3.29 9.62 28.95
N PRO B 7 2.10 9.71 29.52
CA PRO B 7 2.03 10.07 30.94
C PRO B 7 2.44 9.00 31.97
N THR B 8 3.13 9.39 33.04
CA THR B 8 3.52 8.41 34.03
C THR B 8 3.54 9.05 35.43
N PRO B 9 3.51 8.22 36.50
CA PRO B 9 3.87 8.84 37.78
C PRO B 9 5.29 9.38 37.67
N THR B 10 5.60 10.39 38.50
CA THR B 10 6.95 10.87 38.65
C THR B 10 7.69 10.04 39.66
N VAL B 11 8.89 9.62 39.32
CA VAL B 11 9.68 8.90 40.29
C VAL B 11 10.91 9.72 40.57
N TYR B 12 11.07 10.11 41.82
CA TYR B 12 12.23 10.88 42.23
C TYR B 12 13.35 9.92 42.46
N VAL B 13 14.43 10.08 41.71
CA VAL B 13 15.67 9.35 42.00
C VAL B 13 16.55 10.43 42.63
N GLY B 14 16.66 10.43 43.97
CA GLY B 14 17.20 11.59 44.72
C GLY B 14 16.45 12.87 44.34
N ARG B 15 17.18 13.86 43.82
CA ARG B 15 16.63 15.17 43.44
C ARG B 15 16.15 15.20 41.98
N VAL B 16 16.21 14.06 41.31
CA VAL B 16 15.98 14.03 39.88
C VAL B 16 14.69 13.34 39.55
N PRO B 17 13.75 14.07 38.91
CA PRO B 17 12.48 13.52 38.47
C PRO B 17 12.59 12.81 37.13
N ILE B 18 12.06 11.58 37.13
CA ILE B 18 11.87 10.72 35.98
C ILE B 18 10.39 10.54 35.85
N GLY B 19 9.91 10.74 34.65
CA GLY B 19 8.49 10.67 34.42
C GLY B 19 8.06 11.49 33.21
N GLY B 20 6.89 11.13 32.66
CA GLY B 20 6.25 11.89 31.58
C GLY B 20 6.31 13.38 31.74
N ALA B 21 6.19 13.89 32.97
CA ALA B 21 6.11 15.33 33.05
C ALA B 21 7.51 16.03 32.93
N HIS B 22 8.59 15.24 32.81
CA HIS B 22 9.93 15.72 33.15
C HIS B 22 10.90 15.41 32.04
N PRO B 23 11.99 16.17 31.93
CA PRO B 23 12.95 15.85 30.83
C PRO B 23 13.42 14.39 30.82
N ILE B 24 13.88 13.89 29.71
CA ILE B 24 14.35 12.54 29.71
C ILE B 24 15.72 12.49 30.34
N ALA B 25 15.93 11.64 31.36
CA ALA B 25 17.27 11.52 31.98
C ALA B 25 18.26 10.60 31.27
N VAL B 26 19.54 10.96 31.28
CA VAL B 26 20.57 10.07 30.78
C VAL B 26 21.25 9.39 31.96
N GLN B 27 21.36 8.07 31.91
CA GLN B 27 21.94 7.30 33.00
C GLN B 27 23.29 6.70 32.52
N SER B 28 24.22 6.53 33.43
CA SER B 28 25.54 6.03 33.12
C SER B 28 25.99 5.00 34.16
N MET B 29 27.16 4.40 33.92
CA MET B 29 27.66 3.31 34.74
C MET B 29 29.17 3.40 34.89
N THR B 30 29.66 3.04 36.08
CA THR B 30 31.09 3.03 36.35
C THR B 30 31.78 1.74 35.90
N ASN B 31 33.10 1.83 35.66
CA ASN B 31 33.99 0.76 35.19
C ASN B 31 34.85 0.20 36.34
N THR B 32 34.80 0.89 37.46
CA THR B 32 35.73 0.68 38.52
C THR B 32 35.16 -0.28 39.54
N PRO B 33 36.07 -0.98 40.25
CA PRO B 33 35.74 -1.65 41.50
C PRO B 33 35.13 -0.67 42.52
N THR B 34 33.87 -0.88 42.89
CA THR B 34 33.22 -0.07 43.91
C THR B 34 33.92 -0.16 45.29
N ARG B 35 34.78 -1.15 45.48
CA ARG B 35 35.68 -1.20 46.65
C ARG B 35 36.55 0.06 46.69
N ASP B 36 37.05 0.44 45.51
CA ASP B 36 38.02 1.52 45.35
C ASP B 36 37.35 2.88 45.42
N VAL B 37 37.50 3.57 46.54
CA VAL B 37 36.88 4.91 46.71
C VAL B 37 37.60 6.04 45.92
N GLU B 38 38.92 5.98 45.77
CA GLU B 38 39.65 6.91 44.89
C GLU B 38 39.08 6.87 43.47
N ALA B 39 39.22 5.70 42.86
CA ALA B 39 38.93 5.43 41.47
C ALA B 39 37.47 5.71 41.07
N THR B 40 36.53 5.39 41.96
CA THR B 40 35.13 5.57 41.61
C THR B 40 34.50 6.89 42.00
N THR B 41 35.02 7.54 43.03
CA THR B 41 34.53 8.88 43.31
C THR B 41 34.83 9.73 42.06
N ALA B 42 36.11 9.70 41.69
CA ALA B 42 36.65 10.34 40.48
C ALA B 42 35.85 10.04 39.20
N GLN B 43 35.38 8.80 39.04
CA GLN B 43 34.68 8.41 37.81
C GLN B 43 33.21 8.77 37.80
N VAL B 44 32.59 8.73 38.98
CA VAL B 44 31.23 9.24 39.12
C VAL B 44 31.21 10.73 38.75
N LEU B 45 32.18 11.48 39.25
CA LEU B 45 32.43 12.85 38.78
C LEU B 45 32.64 13.01 37.25
N GLU B 46 33.43 12.13 36.64
CA GLU B 46 33.71 12.26 35.22
C GLU B 46 32.42 12.05 34.40
N LEU B 47 31.64 11.04 34.80
CA LEU B 47 30.36 10.67 34.12
C LEU B 47 29.24 11.66 34.34
N HIS B 48 29.17 12.21 35.54
CA HIS B 48 28.16 13.24 35.82
C HIS B 48 28.46 14.51 35.01
N ARG B 49 29.71 14.97 35.08
CA ARG B 49 30.17 16.17 34.35
C ARG B 49 30.17 16.03 32.85
N ALA B 50 29.87 14.84 32.35
CA ALA B 50 29.85 14.61 30.90
C ALA B 50 28.42 14.63 30.43
N GLY B 51 27.51 14.78 31.40
CA GLY B 51 26.10 14.99 31.15
C GLY B 51 25.11 13.95 31.63
N SER B 52 25.56 12.97 32.39
CA SER B 52 24.67 11.93 32.90
C SER B 52 24.09 12.39 34.25
N GLU B 53 22.77 12.33 34.41
CA GLU B 53 22.11 12.80 35.66
C GLU B 53 22.12 11.78 36.78
N ILE B 54 22.31 10.50 36.46
CA ILE B 54 22.08 9.44 37.43
C ILE B 54 23.15 8.45 37.11
N VAL B 55 23.73 7.82 38.12
CA VAL B 55 24.87 6.94 37.92
C VAL B 55 24.70 5.58 38.57
N ARG B 56 24.88 4.54 37.77
CA ARG B 56 24.85 3.18 38.26
C ARG B 56 26.25 2.61 38.61
N LEU B 57 26.31 1.94 39.77
CA LEU B 57 27.49 1.18 40.21
C LEU B 57 27.06 -0.14 40.81
N THR B 58 27.92 -1.13 40.67
CA THR B 58 27.68 -2.48 41.15
C THR B 58 28.02 -2.54 42.61
N VAL B 59 27.05 -2.96 43.40
CA VAL B 59 27.30 -3.27 44.80
C VAL B 59 27.22 -4.79 44.89
N ASN B 60 28.38 -5.44 44.81
CA ASN B 60 28.39 -6.88 44.68
C ASN B 60 29.18 -7.67 45.74
N ASP B 61 29.93 -6.96 46.57
CA ASP B 61 30.61 -7.57 47.73
C ASP B 61 30.47 -6.70 48.99
N GLU B 62 30.95 -7.20 50.12
CA GLU B 62 30.87 -6.46 51.38
C GLU B 62 31.71 -5.15 51.35
N GLU B 63 32.83 -5.17 50.64
CA GLU B 63 33.70 -3.98 50.56
C GLU B 63 33.09 -2.94 49.63
N ALA B 64 32.64 -3.35 48.45
CA ALA B 64 31.78 -2.47 47.67
C ALA B 64 30.67 -1.92 48.59
N ALA B 65 30.04 -2.80 49.37
CA ALA B 65 28.93 -2.41 50.21
C ALA B 65 29.33 -1.32 51.18
N LYS B 66 30.57 -1.42 51.68
CA LYS B 66 31.06 -0.58 52.77
C LYS B 66 31.66 0.75 52.32
N ALA B 67 31.64 1.01 51.01
CA ALA B 67 32.33 2.17 50.41
C ALA B 67 31.37 3.12 49.71
N VAL B 68 30.20 2.60 49.36
CA VAL B 68 29.11 3.43 48.83
C VAL B 68 28.87 4.67 49.70
N PRO B 69 28.67 4.49 51.04
CA PRO B 69 28.43 5.65 51.91
C PRO B 69 29.59 6.63 51.90
N GLU B 70 30.80 6.09 51.74
CA GLU B 70 32.00 6.91 51.74
C GLU B 70 31.99 7.76 50.49
N ILE B 71 31.82 7.09 49.35
CA ILE B 71 31.63 7.73 48.05
C ILE B 71 30.55 8.83 48.09
N LYS B 72 29.35 8.51 48.57
CA LYS B 72 28.29 9.51 48.69
C LYS B 72 28.78 10.77 49.40
N ARG B 73 29.26 10.62 50.63
CA ARG B 73 29.76 11.72 51.42
C ARG B 73 30.91 12.43 50.74
N ARG B 74 31.68 11.70 49.93
CA ARG B 74 32.79 12.30 49.18
C ARG B 74 32.32 13.23 48.08
N LEU B 75 31.28 12.80 47.36
CA LEU B 75 30.65 13.61 46.32
C LEU B 75 29.98 14.85 46.85
N LEU B 76 29.45 14.78 48.07
CA LEU B 76 28.84 15.95 48.73
C LEU B 76 29.88 17.02 49.14
N ALA B 77 31.13 16.59 49.33
CA ALA B 77 32.23 17.53 49.59
C ALA B 77 32.60 18.39 48.37
N GLU B 78 32.34 17.87 47.18
CA GLU B 78 32.61 18.59 45.93
C GLU B 78 31.39 19.43 45.52
N GLY B 79 30.33 19.38 46.35
CA GLY B 79 29.10 20.13 46.13
C GLY B 79 28.26 19.53 45.01
N VAL B 80 28.54 18.27 44.67
CA VAL B 80 27.95 17.62 43.52
C VAL B 80 26.89 16.62 43.97
N GLU B 81 25.65 16.85 43.59
CA GLU B 81 24.63 15.85 43.89
C GLU B 81 24.33 14.93 42.70
N VAL B 82 24.75 13.68 42.83
CA VAL B 82 24.64 12.71 41.80
C VAL B 82 23.78 11.60 42.42
N PRO B 83 22.56 11.41 41.93
CA PRO B 83 21.86 10.26 42.46
C PRO B 83 22.66 9.00 42.20
N LEU B 84 22.83 8.14 43.20
CA LEU B 84 23.52 6.86 43.00
C LEU B 84 22.53 5.72 42.80
N VAL B 85 22.79 4.87 41.82
CA VAL B 85 21.96 3.67 41.58
C VAL B 85 22.79 2.40 41.77
N GLY B 86 22.36 1.54 42.69
CA GLY B 86 23.06 0.29 42.97
C GLY B 86 22.51 -0.88 42.18
N ASP B 87 23.41 -1.52 41.42
CA ASP B 87 23.10 -2.76 40.71
C ASP B 87 23.36 -3.90 41.69
N PHE B 88 22.37 -4.77 41.87
CA PHE B 88 22.53 -5.90 42.79
C PHE B 88 22.33 -7.24 42.12
N HIS B 89 23.08 -8.23 42.62
CA HIS B 89 22.95 -9.57 42.11
C HIS B 89 22.55 -10.52 43.25
N PHE B 90 23.07 -11.75 43.20
CA PHE B 90 22.74 -12.84 44.12
C PHE B 90 22.53 -12.40 45.57
N ASN B 91 23.54 -12.58 46.41
CA ASN B 91 23.46 -12.15 47.80
C ASN B 91 23.63 -10.65 47.84
N GLY B 92 22.49 -9.96 47.71
CA GLY B 92 22.42 -8.50 47.57
C GLY B 92 21.34 -7.93 48.47
N HIS B 93 20.31 -8.74 48.73
CA HIS B 93 19.30 -8.40 49.72
C HIS B 93 19.95 -8.49 51.09
N LEU B 94 20.95 -9.37 51.18
CA LEU B 94 21.74 -9.47 52.38
C LEU B 94 22.56 -8.20 52.58
N LEU B 95 23.14 -7.69 51.49
CA LEU B 95 23.97 -6.50 51.57
C LEU B 95 23.20 -5.27 52.09
N LEU B 96 21.94 -5.16 51.69
CA LEU B 96 21.06 -4.12 52.17
C LEU B 96 20.72 -4.23 53.68
N ARG B 97 20.43 -5.43 54.17
CA ARG B 97 20.18 -5.65 55.60
C ARG B 97 21.39 -5.30 56.47
N LYS B 98 22.53 -5.92 56.13
CA LYS B 98 23.79 -5.78 56.85
C LYS B 98 24.39 -4.36 56.88
N TYR B 99 24.00 -3.48 55.93
CA TYR B 99 24.55 -2.11 55.84
C TYR B 99 23.49 -1.03 55.55
N PRO B 100 22.73 -0.59 56.59
CA PRO B 100 21.70 0.47 56.38
C PRO B 100 22.33 1.74 55.81
N LYS B 101 23.51 2.05 56.35
CA LYS B 101 24.38 3.13 55.90
C LYS B 101 24.45 3.19 54.37
N MET B 102 24.66 2.02 53.76
CA MET B 102 24.79 1.89 52.30
C MET B 102 23.43 1.95 51.61
N ALA B 103 22.51 1.10 52.07
CA ALA B 103 21.15 1.07 51.54
C ALA B 103 20.56 2.47 51.59
N GLU B 104 20.99 3.27 52.57
CA GLU B 104 20.52 4.64 52.68
C GLU B 104 21.22 5.60 51.71
N ALA B 105 22.54 5.47 51.51
CA ALA B 105 23.24 6.36 50.56
C ALA B 105 22.86 6.19 49.06
N LEU B 106 22.51 4.97 48.66
CA LEU B 106 21.96 4.72 47.32
C LEU B 106 20.62 5.42 47.14
N ASP B 107 20.38 5.86 45.92
CA ASP B 107 19.18 6.61 45.63
C ASP B 107 18.13 5.79 44.87
N LYS B 108 18.55 4.62 44.39
CA LYS B 108 17.69 3.65 43.66
C LYS B 108 18.25 2.21 43.67
N PHE B 109 17.36 1.22 43.86
CA PHE B 109 17.73 -0.19 43.68
C PHE B 109 17.38 -0.70 42.29
N ARG B 110 18.36 -1.28 41.62
CA ARG B 110 18.11 -1.99 40.40
C ARG B 110 17.95 -3.48 40.67
N ILE B 111 16.80 -4.06 40.35
CA ILE B 111 16.70 -5.53 40.55
C ILE B 111 16.16 -6.37 39.40
N ASN B 112 16.40 -7.68 39.48
CA ASN B 112 15.78 -8.67 38.59
C ASN B 112 14.29 -8.99 38.91
N PRO B 113 13.47 -9.32 37.87
CA PRO B 113 12.03 -9.54 38.09
C PRO B 113 11.72 -10.88 38.80
N GLY B 114 10.44 -11.09 39.17
CA GLY B 114 9.99 -12.30 39.86
C GLY B 114 8.55 -12.23 40.36
N GLU B 124 10.88 -14.77 46.27
CA GLU B 124 11.09 -14.37 47.68
C GLU B 124 12.41 -13.61 47.88
N HIS B 125 13.44 -14.02 47.17
CA HIS B 125 14.62 -13.20 46.92
C HIS B 125 14.18 -11.83 46.36
N PHE B 126 13.24 -11.83 45.41
CA PHE B 126 12.66 -10.59 44.83
C PHE B 126 11.81 -9.78 45.83
N ALA B 127 10.91 -10.46 46.53
CA ALA B 127 10.04 -9.85 47.53
C ALA B 127 10.82 -9.20 48.71
N GLU B 128 11.96 -9.80 49.07
CA GLU B 128 12.86 -9.20 50.07
C GLU B 128 13.47 -7.91 49.51
N MET B 129 13.82 -7.90 48.22
CA MET B 129 14.35 -6.67 47.62
C MET B 129 13.29 -5.56 47.69
N ILE B 130 12.04 -5.90 47.39
CA ILE B 130 10.97 -4.90 47.37
C ILE B 130 10.66 -4.48 48.81
N ARG B 131 10.70 -5.45 49.72
CA ARG B 131 10.55 -5.22 51.15
C ARG B 131 11.48 -4.10 51.62
N ILE B 132 12.78 -4.24 51.33
CA ILE B 132 13.73 -3.24 51.80
C ILE B 132 13.43 -1.87 51.16
N ALA B 133 12.97 -1.89 49.90
CA ALA B 133 12.71 -0.64 49.20
C ALA B 133 11.58 0.18 49.85
N MET B 134 10.41 -0.46 50.01
CA MET B 134 9.25 0.06 50.77
C MET B 134 9.73 0.65 52.08
N ASP B 135 10.23 -0.17 53.00
CA ASP B 135 10.77 0.28 54.30
C ASP B 135 11.66 1.54 54.27
N LEU B 136 12.52 1.66 53.27
CA LEU B 136 13.45 2.80 53.19
C LEU B 136 12.98 3.95 52.32
N GLY B 137 11.86 3.80 51.63
CA GLY B 137 11.36 4.88 50.81
C GLY B 137 12.11 5.02 49.49
N LYS B 138 12.63 3.91 48.98
CA LYS B 138 13.51 3.98 47.86
C LYS B 138 12.84 3.50 46.59
N PRO B 139 13.13 4.16 45.47
CA PRO B 139 12.66 3.68 44.16
C PRO B 139 13.45 2.46 43.63
N VAL B 140 12.92 1.81 42.58
CA VAL B 140 13.35 0.51 42.15
C VAL B 140 13.15 0.39 40.65
N ARG B 141 14.20 0.07 39.91
CA ARG B 141 14.03 -0.34 38.54
C ARG B 141 14.00 -1.85 38.53
N ILE B 142 12.91 -2.40 38.01
CA ILE B 142 12.75 -3.82 37.78
C ILE B 142 13.16 -4.03 36.34
N GLY B 143 14.34 -4.61 36.17
CA GLY B 143 14.88 -4.92 34.85
C GLY B 143 14.83 -6.39 34.43
N ALA B 144 13.82 -6.73 33.65
CA ALA B 144 13.66 -8.06 33.03
C ALA B 144 14.82 -8.41 32.06
N ASN B 145 15.15 -9.70 31.95
CA ASN B 145 16.29 -10.14 31.12
C ASN B 145 16.27 -11.64 30.97
N TRP B 146 16.94 -12.16 29.92
CA TRP B 146 17.01 -13.61 29.68
C TRP B 146 17.31 -14.39 30.94
N GLY B 147 18.41 -14.05 31.61
CA GLY B 147 18.85 -14.81 32.79
C GLY B 147 17.78 -15.06 33.83
N SER B 148 16.78 -14.20 33.88
CA SER B 148 15.75 -14.25 34.92
C SER B 148 14.38 -14.72 34.41
N LEU B 149 14.31 -15.12 33.16
CA LEU B 149 13.08 -15.63 32.58
C LEU B 149 12.66 -16.93 33.23
N ASP B 150 11.39 -17.07 33.55
CA ASP B 150 10.90 -18.25 34.23
C ASP B 150 10.83 -19.42 33.24
N PRO B 151 11.64 -20.48 33.45
CA PRO B 151 11.76 -21.51 32.41
C PRO B 151 10.40 -22.10 32.02
N ALA B 152 9.49 -22.23 32.99
CA ALA B 152 8.15 -22.78 32.73
C ALA B 152 7.23 -21.85 31.94
N LEU B 153 7.32 -20.55 32.18
CA LEU B 153 6.54 -19.58 31.42
C LEU B 153 6.93 -19.67 29.94
N LEU B 154 8.23 -19.67 29.66
CA LEU B 154 8.73 -19.89 28.30
C LEU B 154 8.00 -21.03 27.61
N THR B 155 8.01 -22.19 28.25
CA THR B 155 7.41 -23.40 27.77
C THR B 155 5.92 -23.21 27.49
N GLU B 156 5.20 -22.65 28.46
CA GLU B 156 3.78 -22.32 28.30
C GLU B 156 3.55 -21.45 27.05
N LEU B 157 4.43 -20.49 26.86
CA LEU B 157 4.25 -19.54 25.80
C LEU B 157 4.50 -20.17 24.43
N MET B 158 5.48 -21.08 24.37
CA MET B 158 5.76 -21.78 23.13
C MET B 158 4.53 -22.57 22.68
N ASP B 159 3.88 -23.24 23.62
CA ASP B 159 2.66 -23.99 23.32
C ASP B 159 1.49 -23.15 22.87
N ARG B 160 1.21 -22.07 23.60
CA ARG B 160 0.22 -21.07 23.20
C ARG B 160 0.46 -20.77 21.74
N ASN B 161 1.73 -20.47 21.44
CA ASN B 161 2.15 -20.03 20.13
C ASN B 161 1.90 -21.08 19.07
N ALA B 162 2.20 -22.31 19.45
CA ALA B 162 1.96 -23.46 18.61
C ALA B 162 0.50 -23.60 18.17
N SER B 163 -0.43 -23.11 18.97
CA SER B 163 -1.84 -23.35 18.63
C SER B 163 -2.44 -22.22 17.79
N ARG B 164 -1.66 -21.16 17.59
CA ARG B 164 -2.09 -20.00 16.82
C ARG B 164 -2.30 -20.36 15.37
N PRO B 165 -3.28 -19.72 14.69
CA PRO B 165 -3.44 -19.91 13.23
C PRO B 165 -2.17 -19.57 12.44
N GLU B 166 -1.41 -18.55 12.85
CA GLU B 166 -0.09 -18.26 12.30
C GLU B 166 0.91 -18.10 13.46
N PRO B 167 1.64 -19.17 13.80
CA PRO B 167 2.63 -19.00 14.93
C PRO B 167 3.75 -18.01 14.62
N LYS B 168 4.31 -17.41 15.66
CA LYS B 168 5.40 -16.47 15.49
C LYS B 168 6.67 -17.30 15.63
N SER B 169 7.83 -16.72 15.32
CA SER B 169 9.11 -17.41 15.53
C SER B 169 9.44 -17.69 17.00
N ALA B 170 10.45 -18.53 17.22
CA ALA B 170 10.93 -18.89 18.58
C ALA B 170 11.35 -17.61 19.27
N HIS B 171 12.17 -16.83 18.57
CA HIS B 171 12.62 -15.54 19.05
C HIS B 171 11.48 -14.56 19.45
N GLU B 172 10.47 -14.39 18.60
CA GLU B 172 9.35 -13.50 18.98
C GLU B 172 8.66 -14.06 20.23
N VAL B 173 8.65 -15.39 20.41
CA VAL B 173 8.09 -15.91 21.64
C VAL B 173 8.90 -15.44 22.87
N VAL B 174 10.22 -15.39 22.73
CA VAL B 174 11.10 -15.08 23.82
C VAL B 174 10.82 -13.67 24.27
N LEU B 175 10.60 -12.79 23.31
CA LEU B 175 10.21 -11.42 23.62
C LEU B 175 8.86 -11.38 24.32
N GLU B 176 7.96 -12.29 23.94
CA GLU B 176 6.67 -12.42 24.60
C GLU B 176 6.90 -12.75 26.05
N ALA B 177 7.79 -13.72 26.29
CA ALA B 177 8.13 -14.14 27.67
C ALA B 177 8.70 -12.99 28.48
N LEU B 178 9.57 -12.17 27.86
CA LEU B 178 10.20 -11.06 28.57
C LEU B 178 9.20 -10.05 29.11
N VAL B 179 8.35 -9.61 28.18
CA VAL B 179 7.29 -8.72 28.49
C VAL B 179 6.48 -9.33 29.59
N GLU B 180 6.16 -10.61 29.49
CA GLU B 180 5.27 -11.19 30.49
C GLU B 180 5.91 -11.13 31.83
N SER B 181 7.21 -11.42 31.88
CA SER B 181 7.91 -11.46 33.15
C SER B 181 8.03 -10.05 33.78
N ALA B 182 8.28 -9.03 32.96
CA ALA B 182 8.37 -7.67 33.43
C ALA B 182 7.04 -7.18 34.00
N VAL B 183 5.97 -7.54 33.30
CA VAL B 183 4.62 -7.15 33.69
C VAL B 183 4.14 -7.91 34.92
N ARG B 184 4.49 -9.18 35.01
CA ARG B 184 4.16 -9.89 36.27
C ARG B 184 4.92 -9.33 37.46
N ALA B 185 6.17 -8.91 37.28
CA ALA B 185 6.98 -8.44 38.42
C ALA B 185 6.50 -7.05 38.89
N TYR B 186 6.18 -6.19 37.93
CA TYR B 186 5.62 -4.87 38.19
C TYR B 186 4.30 -4.96 38.97
N GLU B 187 3.39 -5.80 38.51
CA GLU B 187 2.16 -6.06 39.22
C GLU B 187 2.41 -6.58 40.63
N ALA B 188 3.20 -7.65 40.76
CA ALA B 188 3.55 -8.19 42.08
C ALA B 188 4.03 -7.09 43.01
N ALA B 189 4.89 -6.17 42.51
CA ALA B 189 5.50 -5.13 43.34
C ALA B 189 4.46 -4.12 43.85
N LEU B 190 3.57 -3.71 42.95
CA LEU B 190 2.38 -2.93 43.27
C LEU B 190 1.55 -3.61 44.34
N GLU B 191 1.25 -4.90 44.10
CA GLU B 191 0.53 -5.69 45.08
C GLU B 191 1.10 -5.73 46.50
N MET B 192 2.42 -5.69 46.69
CA MET B 192 3.04 -5.75 48.05
C MET B 192 3.01 -4.39 48.68
N GLY B 193 2.71 -3.39 47.87
CA GLY B 193 2.57 -2.05 48.38
C GLY B 193 3.74 -1.18 48.06
N LEU B 194 4.40 -1.44 46.93
CA LEU B 194 5.45 -0.55 46.49
C LEU B 194 5.00 0.84 46.03
N GLY B 195 3.99 1.01 45.22
CA GLY B 195 3.72 2.46 44.93
C GLY B 195 4.23 2.98 43.56
N GLU B 196 3.29 3.48 42.78
CA GLU B 196 3.55 3.93 41.44
C GLU B 196 4.69 4.92 41.30
N ASP B 197 5.01 5.61 42.37
CA ASP B 197 6.01 6.66 42.30
C ASP B 197 7.37 6.12 42.74
N LYS B 198 7.54 4.81 42.70
CA LYS B 198 8.74 4.23 43.24
C LYS B 198 9.23 3.11 42.37
N LEU B 199 8.71 3.10 41.14
CA LEU B 199 8.81 1.93 40.28
C LEU B 199 8.97 2.22 38.77
N VAL B 200 10.14 1.83 38.26
CA VAL B 200 10.55 1.99 36.86
C VAL B 200 10.76 0.55 36.32
N LEU B 201 10.32 0.29 35.09
CA LEU B 201 10.55 -1.01 34.40
C LEU B 201 11.51 -0.89 33.22
N SER B 202 12.28 -1.96 32.97
CA SER B 202 13.01 -2.13 31.70
C SER B 202 13.03 -3.58 31.28
N ALA B 203 13.32 -3.81 30.00
CA ALA B 203 13.55 -5.15 29.50
C ALA B 203 14.64 -5.08 28.47
N LYS B 204 15.81 -5.51 28.88
CA LYS B 204 17.01 -5.81 28.08
C LYS B 204 16.82 -6.51 26.77
N VAL B 205 17.05 -5.83 25.66
CA VAL B 205 17.03 -6.56 24.38
C VAL B 205 18.23 -6.16 23.53
N SER B 206 18.52 -6.88 22.46
CA SER B 206 19.73 -6.68 21.61
C SER B 206 19.54 -5.90 20.32
N LYS B 207 18.28 -5.87 19.87
CA LYS B 207 17.93 -5.42 18.54
C LYS B 207 16.92 -4.31 18.59
N ALA B 208 17.15 -3.34 17.71
CA ALA B 208 16.31 -2.19 17.52
C ALA B 208 14.84 -2.58 17.43
N ARG B 209 14.59 -3.55 16.58
CA ARG B 209 13.24 -3.93 16.24
C ARG B 209 12.60 -4.59 17.45
N ASP B 210 13.34 -5.43 18.15
CA ASP B 210 12.83 -6.00 19.42
C ASP B 210 12.58 -4.97 20.56
N LEU B 211 13.42 -3.94 20.59
CA LEU B 211 13.21 -2.92 21.65
C LEU B 211 11.90 -2.21 21.42
N VAL B 212 11.65 -1.88 20.15
CA VAL B 212 10.48 -1.13 19.80
C VAL B 212 9.29 -1.96 20.20
N TRP B 213 9.30 -3.24 19.82
CA TRP B 213 8.15 -4.12 20.02
C TRP B 213 7.93 -4.34 21.53
N VAL B 214 8.99 -4.76 22.20
CA VAL B 214 8.95 -4.89 23.65
C VAL B 214 8.45 -3.68 24.44
N TYR B 215 8.99 -2.47 24.18
CA TYR B 215 8.56 -1.29 24.93
C TYR B 215 7.17 -0.78 24.53
N ARG B 216 6.74 -0.99 23.29
CA ARG B 216 5.34 -0.69 22.94
C ARG B 216 4.45 -1.58 23.80
N GLU B 217 4.79 -2.86 23.93
CA GLU B 217 4.02 -3.71 24.84
C GLU B 217 4.02 -3.13 26.28
N LEU B 218 5.20 -2.87 26.85
CA LEU B 218 5.30 -2.34 28.27
C LEU B 218 4.59 -1.01 28.43
N ALA B 219 4.68 -0.14 27.43
CA ALA B 219 3.93 1.13 27.44
C ALA B 219 2.41 0.92 27.52
N ARG B 220 1.94 -0.12 26.86
CA ARG B 220 0.52 -0.35 26.77
C ARG B 220 0.02 -1.01 28.06
N ARG B 221 0.85 -1.85 28.68
CA ARG B 221 0.33 -2.78 29.69
C ARG B 221 0.55 -2.28 31.09
N THR B 222 1.49 -1.35 31.25
CA THR B 222 1.81 -0.82 32.54
C THR B 222 1.79 0.67 32.41
N GLN B 223 1.90 1.34 33.55
CA GLN B 223 1.93 2.78 33.65
C GLN B 223 3.28 3.26 34.10
N ALA B 224 4.24 2.35 34.28
CA ALA B 224 5.53 2.78 34.76
C ALA B 224 6.26 3.70 33.80
N PRO B 225 7.00 4.64 34.36
CA PRO B 225 8.13 5.25 33.65
C PRO B 225 9.05 4.15 33.10
N LEU B 226 9.55 4.29 31.88
CA LEU B 226 10.39 3.23 31.31
C LEU B 226 11.83 3.63 31.06
N HIS B 227 12.73 2.69 31.33
CA HIS B 227 14.12 2.93 31.16
C HIS B 227 14.55 2.23 29.89
N LEU B 228 14.83 3.00 28.84
CA LEU B 228 15.26 2.48 27.52
C LEU B 228 16.76 2.26 27.39
N GLY B 229 17.10 1.09 26.87
CA GLY B 229 18.48 0.74 26.67
C GLY B 229 18.62 -0.52 25.86
N LEU B 230 19.71 -0.63 25.13
CA LEU B 230 20.00 -1.85 24.36
C LEU B 230 21.08 -2.58 25.15
N THR B 231 21.13 -3.89 24.97
CA THR B 231 22.10 -4.70 25.66
C THR B 231 23.55 -4.27 25.38
N GLU B 232 24.48 -4.59 26.25
CA GLU B 232 25.83 -4.17 26.00
C GLU B 232 26.29 -4.52 24.60
N ALA B 233 27.05 -3.61 24.02
CA ALA B 233 27.73 -3.87 22.76
C ALA B 233 29.12 -3.22 22.78
N GLY B 234 30.04 -3.74 21.95
CA GLY B 234 31.32 -3.11 21.70
C GLY B 234 31.20 -1.76 21.00
N MET B 235 32.13 -0.86 21.32
CA MET B 235 32.25 0.46 20.69
C MET B 235 32.50 0.42 19.16
N GLY B 236 31.72 1.22 18.43
CA GLY B 236 31.96 1.51 17.01
C GLY B 236 30.68 1.95 16.30
N VAL B 237 30.83 2.34 15.03
CA VAL B 237 29.70 2.66 14.18
C VAL B 237 28.46 1.77 14.44
N LYS B 238 28.66 0.46 14.38
CA LYS B 238 27.61 -0.50 14.55
C LYS B 238 26.79 -0.26 15.82
N GLY B 239 27.47 -0.05 16.94
CA GLY B 239 26.81 0.10 18.24
C GLY B 239 26.08 1.42 18.34
N ILE B 240 26.74 2.47 17.85
CA ILE B 240 26.14 3.79 17.80
C ILE B 240 24.89 3.79 16.88
N VAL B 241 25.01 3.23 15.68
CA VAL B 241 23.83 3.14 14.82
C VAL B 241 22.71 2.36 15.48
N ALA B 242 23.05 1.26 16.15
CA ALA B 242 21.97 0.43 16.74
C ALA B 242 21.26 1.14 17.88
N SER B 243 22.02 1.88 18.70
CA SER B 243 21.40 2.61 19.83
C SER B 243 20.47 3.71 19.32
N ALA B 244 20.92 4.44 18.30
CA ALA B 244 20.13 5.51 17.74
C ALA B 244 18.89 4.92 17.10
N ALA B 245 19.06 3.79 16.41
CA ALA B 245 17.96 3.19 15.70
C ALA B 245 16.98 2.58 16.68
N ALA B 246 17.47 2.09 17.81
CA ALA B 246 16.56 1.54 18.79
C ALA B 246 15.78 2.62 19.50
N LEU B 247 16.42 3.71 19.99
CA LEU B 247 15.68 4.62 20.90
C LEU B 247 14.81 5.61 20.12
N ALA B 248 15.24 6.03 18.93
CA ALA B 248 14.50 7.08 18.21
C ALA B 248 12.99 6.75 17.92
N PRO B 249 12.67 5.55 17.39
CA PRO B 249 11.24 5.27 17.09
C PRO B 249 10.41 5.36 18.35
N LEU B 250 11.01 4.96 19.48
CA LEU B 250 10.28 4.89 20.75
C LEU B 250 10.08 6.31 21.30
N LEU B 251 11.20 7.02 21.37
CA LEU B 251 11.23 8.42 21.81
C LEU B 251 10.36 9.32 20.93
N LEU B 252 10.38 9.14 19.63
CA LEU B 252 9.50 9.93 18.77
C LEU B 252 8.05 9.66 19.08
N GLU B 253 7.71 8.43 19.49
CA GLU B 253 6.32 8.16 19.88
C GLU B 253 6.04 8.61 21.31
N GLY B 254 7.02 9.17 22.02
CA GLY B 254 6.75 9.58 23.36
C GLY B 254 6.90 8.51 24.44
N ILE B 255 7.60 7.41 24.09
CA ILE B 255 7.86 6.35 25.06
C ILE B 255 9.29 6.42 25.58
N GLY B 256 9.46 6.28 26.90
CA GLY B 256 10.80 6.29 27.53
C GLY B 256 11.01 7.54 28.35
N ASP B 257 11.57 7.36 29.53
CA ASP B 257 11.65 8.42 30.55
C ASP B 257 13.07 8.56 31.05
N THR B 258 13.88 7.53 30.85
CA THR B 258 15.31 7.58 31.11
C THR B 258 15.95 6.71 30.04
N ILE B 259 17.21 6.99 29.69
CA ILE B 259 17.93 6.19 28.67
C ILE B 259 19.36 5.84 29.05
N ARG B 260 19.75 4.63 28.66
CA ARG B 260 21.09 4.21 28.87
C ARG B 260 21.63 3.70 27.56
N VAL B 261 22.76 4.25 27.14
CA VAL B 261 23.44 3.77 25.97
C VAL B 261 24.62 2.91 26.41
N SER B 262 24.73 1.73 25.83
CA SER B 262 25.66 0.76 26.39
C SER B 262 26.73 0.34 25.38
N LEU B 263 27.91 0.98 25.46
CA LEU B 263 28.98 0.75 24.52
C LEU B 263 30.26 0.41 25.25
N THR B 264 30.75 -0.82 25.14
CA THR B 264 32.03 -1.20 25.78
C THR B 264 33.21 -0.30 25.33
N PRO B 265 33.91 0.33 26.31
CA PRO B 265 35.06 1.20 26.00
C PRO B 265 36.31 0.45 25.54
N SER B 266 37.24 1.19 24.94
CA SER B 266 38.57 0.70 24.64
C SER B 266 39.27 0.56 26.00
N PRO B 267 40.01 -0.55 26.19
CA PRO B 267 40.55 -0.97 27.51
C PRO B 267 41.09 0.16 28.41
N LYS B 268 40.79 0.06 29.71
CA LYS B 268 41.18 1.05 30.75
C LYS B 268 40.54 2.46 30.70
N GLU B 269 39.46 2.61 29.92
CA GLU B 269 38.81 3.90 29.72
C GLU B 269 37.44 3.93 30.41
N PRO B 270 37.07 5.08 31.01
CA PRO B 270 35.77 5.26 31.65
C PRO B 270 34.63 5.42 30.63
N ARG B 271 33.47 4.86 30.94
CA ARG B 271 32.40 4.71 29.97
C ARG B 271 31.77 6.04 29.58
N THR B 272 32.56 6.91 28.98
CA THR B 272 32.17 8.30 28.80
C THR B 272 31.48 8.58 27.45
N LYS B 273 31.91 7.88 26.41
CA LYS B 273 31.44 8.07 25.07
C LYS B 273 29.97 7.65 24.99
N GLU B 274 29.61 6.60 25.71
CA GLU B 274 28.23 6.21 25.75
C GLU B 274 27.34 7.31 26.32
N VAL B 275 27.84 8.06 27.30
CA VAL B 275 27.10 9.22 27.78
C VAL B 275 26.88 10.26 26.64
N GLU B 276 27.93 10.51 25.84
CA GLU B 276 27.81 11.44 24.74
C GLU B 276 26.73 11.01 23.73
N VAL B 277 26.69 9.73 23.37
CA VAL B 277 25.77 9.33 22.34
C VAL B 277 24.36 9.42 22.87
N ALA B 278 24.14 8.93 24.09
CA ALA B 278 22.88 9.19 24.77
C ALA B 278 22.46 10.64 24.55
N GLN B 279 23.31 11.59 24.92
CA GLN B 279 23.03 13.01 24.64
C GLN B 279 22.78 13.38 23.18
N GLU B 280 23.64 12.89 22.27
CA GLU B 280 23.44 13.15 20.85
C GLU B 280 22.08 12.64 20.37
N ILE B 281 21.59 11.52 20.91
CA ILE B 281 20.29 10.99 20.48
C ILE B 281 19.18 11.95 20.85
N LEU B 282 19.17 12.34 22.11
CA LEU B 282 18.21 13.31 22.63
C LEU B 282 18.24 14.68 21.91
N GLN B 283 19.44 15.23 21.72
CA GLN B 283 19.59 16.43 20.89
C GLN B 283 18.97 16.24 19.50
N ALA B 284 19.15 15.06 18.90
CA ALA B 284 18.82 14.84 17.52
C ALA B 284 17.30 14.90 17.44
N LEU B 285 16.66 14.54 18.55
CA LEU B 285 15.19 14.53 18.61
C LEU B 285 14.57 15.80 19.22
N GLY B 286 15.35 16.86 19.41
CA GLY B 286 14.80 18.02 20.10
C GLY B 286 14.38 17.76 21.57
N LEU B 287 14.95 16.73 22.21
CA LEU B 287 14.58 16.36 23.56
C LEU B 287 15.60 16.80 24.60
N ARG B 288 16.63 17.50 24.21
CA ARG B 288 17.53 18.06 25.23
C ARG B 288 18.26 19.21 24.56
N ALA B 289 18.34 20.34 25.22
CA ALA B 289 19.03 21.46 24.58
C ALA B 289 20.24 21.78 25.42
N PHE B 290 21.30 22.18 24.73
CA PHE B 290 22.55 22.49 25.43
C PHE B 290 22.85 23.98 25.54
N ALA B 291 22.17 24.78 24.71
CA ALA B 291 22.36 26.22 24.63
C ALA B 291 21.04 26.89 24.34
N PRO B 292 20.72 28.00 25.01
CA PRO B 292 19.62 28.86 24.62
C PRO B 292 19.63 29.06 23.10
N GLU B 293 18.46 29.29 22.50
CA GLU B 293 18.37 29.27 21.04
C GLU B 293 17.41 30.35 20.62
N VAL B 294 17.74 31.00 19.51
CA VAL B 294 16.94 32.07 18.98
C VAL B 294 16.55 31.59 17.62
N THR B 295 15.27 31.43 17.37
CA THR B 295 14.84 31.04 16.05
C THR B 295 14.09 32.25 15.49
N SER B 296 14.31 32.53 14.22
CA SER B 296 13.52 33.53 13.55
C SER B 296 12.75 32.80 12.46
N CYS B 297 11.66 33.43 12.01
CA CYS B 297 10.86 32.92 10.94
C CYS B 297 11.67 33.08 9.62
N PRO B 298 11.27 32.37 8.55
CA PRO B 298 12.02 32.49 7.28
C PRO B 298 11.78 33.78 6.47
N GLY B 299 10.80 34.59 6.88
CA GLY B 299 10.22 35.64 6.02
C GLY B 299 9.47 35.05 4.85
N CYS B 300 8.41 35.69 4.39
CA CYS B 300 7.59 35.16 3.30
C CYS B 300 6.85 36.17 2.38
N GLY B 301 7.21 37.43 2.36
CA GLY B 301 6.51 38.26 1.37
C GLY B 301 5.39 39.00 2.08
N ARG B 302 5.03 38.50 3.25
CA ARG B 302 4.28 39.26 4.21
C ARG B 302 5.17 40.39 4.71
N THR B 303 6.45 40.31 4.39
CA THR B 303 7.35 41.41 4.66
C THR B 303 8.41 41.53 3.62
N THR B 304 8.99 42.73 3.53
CA THR B 304 10.23 42.89 2.78
C THR B 304 11.44 43.40 3.59
N SER B 305 11.22 43.84 4.83
CA SER B 305 12.35 44.25 5.70
C SER B 305 13.22 43.06 6.09
N THR B 306 14.49 43.34 6.35
CA THR B 306 15.44 42.43 6.96
C THR B 306 15.73 42.84 8.42
N PHE B 307 15.03 43.84 8.93
CA PHE B 307 15.24 44.31 10.29
C PHE B 307 14.99 43.20 11.33
N PHE B 308 13.95 42.40 11.09
CA PHE B 308 13.70 41.27 11.97
C PHE B 308 14.89 40.26 12.00
N GLN B 309 15.46 39.95 10.82
CA GLN B 309 16.59 39.00 10.70
C GLN B 309 17.86 39.49 11.41
N GLU B 310 18.17 40.79 11.28
CA GLU B 310 19.35 41.40 11.90
C GLU B 310 19.16 41.62 13.42
N LEU B 311 17.92 41.87 13.83
CA LEU B 311 17.59 41.84 15.25
C LEU B 311 17.84 40.46 15.88
N ALA B 312 17.60 39.40 15.10
CA ALA B 312 17.68 38.00 15.60
C ALA B 312 19.14 37.61 15.72
N GLU B 313 19.93 38.04 14.74
CA GLU B 313 21.37 37.89 14.77
C GLU B 313 21.93 38.63 15.98
N GLU B 314 21.30 39.77 16.29
CA GLU B 314 21.75 40.64 17.37
C GLU B 314 21.41 40.05 18.72
N VAL B 315 20.27 39.37 18.81
CA VAL B 315 19.84 38.73 20.04
C VAL B 315 20.63 37.43 20.23
N SER B 316 20.90 36.76 19.12
CA SER B 316 21.69 35.53 19.18
C SER B 316 23.08 35.84 19.71
N ARG B 317 23.63 36.98 19.28
CA ARG B 317 25.01 37.38 19.57
C ARG B 317 25.19 37.84 21.04
N ARG B 318 24.08 37.99 21.76
CA ARG B 318 24.08 38.51 23.13
C ARG B 318 23.88 37.40 24.15
N LEU B 319 22.95 36.51 23.87
CA LEU B 319 22.74 35.39 24.73
C LEU B 319 24.05 34.60 24.85
N LYS B 320 24.74 34.44 23.72
CA LYS B 320 26.03 33.76 23.67
C LYS B 320 27.09 34.46 24.54
N GLU B 321 27.16 35.77 24.50
CA GLU B 321 28.07 36.46 25.43
C GLU B 321 27.55 36.52 26.89
N ARG B 322 26.27 36.26 27.10
CA ARG B 322 25.76 36.22 28.47
C ARG B 322 25.73 34.81 29.03
N LEU B 323 26.04 33.85 28.17
CA LEU B 323 25.95 32.45 28.56
C LEU B 323 26.84 32.05 29.75
N PRO B 324 28.10 32.54 29.81
CA PRO B 324 28.95 32.10 30.91
C PRO B 324 28.30 32.40 32.22
N GLU B 325 27.87 33.64 32.39
CA GLU B 325 27.22 34.08 33.62
C GLU B 325 25.90 33.34 33.79
N TRP B 326 25.15 33.16 32.70
CA TRP B 326 23.84 32.51 32.78
C TRP B 326 23.89 31.06 33.29
N ARG B 327 24.88 30.29 32.84
CA ARG B 327 25.03 28.91 33.32
C ARG B 327 25.30 28.91 34.83
N ALA B 328 26.13 29.85 35.28
CA ALA B 328 26.54 29.88 36.67
C ALA B 328 25.38 30.15 37.61
N ARG B 329 24.51 31.10 37.25
CA ARG B 329 23.46 31.57 38.14
C ARG B 329 22.09 30.94 37.90
N TYR B 330 21.86 30.37 36.71
CA TYR B 330 20.48 30.02 36.30
C TYR B 330 20.24 28.57 35.80
N PRO B 331 20.08 27.61 36.73
CA PRO B 331 19.94 26.22 36.29
C PRO B 331 18.74 26.05 35.38
N GLY B 332 18.94 25.35 34.25
CA GLY B 332 17.87 25.04 33.29
C GLY B 332 17.75 26.04 32.15
N VAL B 333 18.59 27.06 32.19
CA VAL B 333 18.57 28.12 31.17
C VAL B 333 18.85 27.60 29.75
N GLU B 334 19.65 26.55 29.64
CA GLU B 334 20.00 25.96 28.32
C GLU B 334 18.80 25.73 27.41
N GLU B 335 17.60 25.68 28.01
CA GLU B 335 16.42 25.27 27.28
C GLU B 335 15.65 26.45 26.68
N LEU B 336 16.16 27.64 26.90
CA LEU B 336 15.45 28.85 26.54
C LEU B 336 15.30 29.03 25.02
N LYS B 337 14.07 29.33 24.62
CA LYS B 337 13.79 29.55 23.21
C LYS B 337 13.24 30.96 23.01
N VAL B 338 13.89 31.71 22.12
CA VAL B 338 13.46 33.05 21.75
C VAL B 338 13.13 33.15 20.27
N ALA B 339 11.95 33.70 20.00
CA ALA B 339 11.48 33.98 18.64
C ALA B 339 11.53 35.47 18.25
N VAL B 340 11.85 35.68 16.97
CA VAL B 340 12.02 36.99 16.35
C VAL B 340 11.36 36.78 15.00
N MET B 341 10.29 37.54 14.74
CA MET B 341 9.36 37.21 13.67
C MET B 341 9.12 38.42 12.80
N GLY B 342 9.03 38.16 11.50
CA GLY B 342 8.98 39.20 10.47
C GLY B 342 7.63 39.84 10.16
N CYS B 343 6.58 39.49 10.88
CA CYS B 343 5.31 40.22 10.73
C CYS B 343 4.41 40.03 11.95
N VAL B 344 3.39 40.86 12.07
CA VAL B 344 2.66 41.00 13.34
C VAL B 344 1.32 40.22 13.39
N VAL B 345 0.60 40.19 12.26
CA VAL B 345 -0.60 39.37 12.14
C VAL B 345 -0.35 37.89 12.40
N ASN B 346 0.69 37.33 11.76
CA ASN B 346 0.95 35.86 11.85
C ASN B 346 2.07 35.42 12.80
N GLY B 347 2.94 36.38 13.16
CA GLY B 347 4.16 36.11 13.93
C GLY B 347 3.93 35.52 15.31
N PRO B 348 3.21 36.23 16.18
CA PRO B 348 2.77 35.62 17.42
C PRO B 348 2.24 34.21 17.22
N GLY B 349 1.32 34.01 16.26
CA GLY B 349 0.73 32.70 16.02
C GLY B 349 1.72 31.61 15.65
N GLU B 350 2.82 31.99 15.01
CA GLU B 350 3.78 31.03 14.53
C GLU B 350 4.92 30.87 15.51
N SER B 351 4.78 31.44 16.68
CA SER B 351 5.86 31.47 17.66
C SER B 351 5.30 31.17 19.05
N LYS B 352 4.09 30.59 19.10
CA LYS B 352 3.43 30.17 20.33
C LYS B 352 4.25 29.41 21.38
N HIS B 353 5.34 28.76 21.00
CA HIS B 353 6.05 27.88 21.97
C HIS B 353 7.36 28.44 22.45
N ALA B 354 7.72 29.65 21.97
CA ALA B 354 8.89 30.40 22.45
C ALA B 354 8.66 30.71 23.91
N HIS B 355 9.69 30.71 24.74
CA HIS B 355 9.52 31.20 26.12
C HIS B 355 9.22 32.74 26.07
N ILE B 356 9.85 33.41 25.11
CA ILE B 356 9.62 34.83 24.83
C ILE B 356 9.89 35.13 23.33
N GLY B 357 9.09 36.01 22.73
CA GLY B 357 9.11 36.27 21.27
C GLY B 357 8.80 37.73 20.98
N ILE B 358 9.23 38.22 19.80
CA ILE B 358 8.90 39.57 19.35
C ILE B 358 8.54 39.51 17.89
N SER B 359 7.58 40.33 17.46
CA SER B 359 7.20 40.32 16.05
C SER B 359 7.34 41.69 15.41
N LEU B 360 8.09 41.76 14.32
CA LEU B 360 8.36 43.02 13.67
C LEU B 360 7.29 43.39 12.64
N PRO B 361 6.92 44.68 12.55
CA PRO B 361 5.91 45.04 11.54
C PRO B 361 6.32 44.61 10.14
N GLY B 362 5.41 43.96 9.42
CA GLY B 362 5.63 43.66 8.00
C GLY B 362 5.21 44.78 7.08
N ALA B 363 5.13 44.44 5.79
CA ALA B 363 4.94 45.38 4.69
C ALA B 363 4.03 46.62 4.88
N GLY B 364 2.80 46.40 5.37
CA GLY B 364 1.84 47.52 5.57
C GLY B 364 1.37 47.68 7.00
N GLU B 365 2.16 47.16 7.93
CA GLU B 365 1.78 47.10 9.33
C GLU B 365 2.31 48.31 10.05
N GLU B 366 1.55 48.77 11.06
CA GLU B 366 1.91 49.97 11.77
C GLU B 366 3.19 49.72 12.57
N PRO B 367 4.02 50.77 12.75
CA PRO B 367 5.30 50.79 13.52
C PRO B 367 5.25 50.22 14.97
N LYS B 368 4.68 49.03 15.17
CA LYS B 368 4.52 48.47 16.52
C LYS B 368 4.89 46.98 16.60
N ALA B 369 5.68 46.60 17.61
CA ALA B 369 6.12 45.21 17.78
C ALA B 369 5.62 44.58 19.09
N PRO B 370 4.63 43.64 19.00
CA PRO B 370 4.18 42.99 20.23
C PRO B 370 5.23 42.01 20.76
N VAL B 371 5.42 41.98 22.07
CA VAL B 371 6.34 41.04 22.67
C VAL B 371 5.53 40.09 23.50
N TYR B 372 5.67 38.79 23.19
CA TYR B 372 5.00 37.72 23.93
C TYR B 372 5.98 36.98 24.87
N ALA B 373 5.53 36.69 26.09
CA ALA B 373 6.21 35.77 26.99
C ALA B 373 5.14 34.84 27.56
N ASP B 374 5.15 33.54 27.19
CA ASP B 374 3.92 32.70 27.19
C ASP B 374 2.69 33.49 26.60
N GLY B 375 2.12 34.39 27.42
CA GLY B 375 1.14 35.44 27.00
C GLY B 375 1.76 36.77 26.53
N LYS B 376 0.94 37.81 26.37
CA LYS B 376 1.39 39.07 25.74
C LYS B 376 1.93 40.12 26.73
N LEU B 377 3.12 40.66 26.47
CA LEU B 377 3.89 41.34 27.55
C LEU B 377 3.86 42.85 27.51
N LEU B 378 4.39 43.43 26.44
CA LEU B 378 4.10 44.80 26.05
C LEU B 378 4.30 44.96 24.55
N THR B 379 4.19 46.21 24.06
CA THR B 379 4.42 46.53 22.64
C THR B 379 5.63 47.45 22.60
N ILE B 380 6.59 47.19 21.73
CA ILE B 380 7.68 48.14 21.64
C ILE B 380 7.42 49.21 20.57
N LEU B 381 7.43 50.47 21.04
CA LEU B 381 7.27 51.66 20.19
C LEU B 381 8.58 51.90 19.45
N LYS B 382 8.48 52.08 18.14
CA LYS B 382 9.65 51.99 17.24
C LYS B 382 10.88 52.61 17.90
N GLY B 383 11.75 51.76 18.45
CA GLY B 383 12.84 52.27 19.24
C GLY B 383 13.97 52.77 18.37
N GLU B 384 14.85 53.54 19.01
CA GLU B 384 16.21 53.58 18.54
C GLU B 384 16.72 52.23 19.09
N GLY B 385 16.47 52.00 20.38
CA GLY B 385 16.97 50.85 21.12
C GLY B 385 15.91 49.77 21.31
N ILE B 386 15.07 49.64 20.29
CA ILE B 386 14.02 48.62 20.24
C ILE B 386 14.63 47.23 20.46
N ALA B 387 15.84 47.03 19.96
CA ALA B 387 16.61 45.83 20.24
C ALA B 387 16.91 45.73 21.72
N GLU B 388 17.53 46.79 22.26
CA GLU B 388 17.96 46.84 23.65
C GLU B 388 16.81 46.67 24.64
N GLU B 389 15.65 47.22 24.28
CA GLU B 389 14.41 47.05 25.02
C GLU B 389 14.02 45.57 25.12
N PHE B 390 14.12 44.84 24.01
CA PHE B 390 13.68 43.47 23.99
C PHE B 390 14.72 42.60 24.68
N LEU B 391 15.98 42.97 24.47
CA LEU B 391 17.11 42.27 25.07
C LEU B 391 17.11 42.31 26.61
N ARG B 392 16.61 43.40 27.18
CA ARG B 392 16.51 43.55 28.64
C ARG B 392 15.29 42.78 29.15
N LEU B 393 14.16 42.96 28.49
CA LEU B 393 12.99 42.08 28.64
C LEU B 393 13.34 40.58 28.66
N VAL B 394 14.22 40.13 27.76
CA VAL B 394 14.68 38.74 27.72
C VAL B 394 15.51 38.42 28.96
N GLU B 395 16.32 39.39 29.39
CA GLU B 395 17.10 39.24 30.60
C GLU B 395 16.19 39.14 31.84
N ASP B 396 15.17 39.98 31.90
CA ASP B 396 14.22 39.94 33.02
C ASP B 396 13.43 38.62 33.03
N TYR B 397 13.14 38.11 31.83
CA TYR B 397 12.43 36.85 31.71
C TYR B 397 13.25 35.66 32.22
N VAL B 398 14.55 35.67 31.90
CA VAL B 398 15.47 34.64 32.38
C VAL B 398 15.60 34.69 33.92
N LYS B 399 16.02 35.85 34.44
CA LYS B 399 16.28 36.05 35.86
C LYS B 399 15.10 35.55 36.69
N THR B 400 13.88 35.78 36.19
CA THR B 400 12.65 35.27 36.80
C THR B 400 12.41 33.79 36.45
N ARG B 401 12.46 33.43 35.17
CA ARG B 401 12.13 32.05 34.75
C ARG B 401 13.10 31.02 35.26
N PHE B 402 14.38 31.38 35.44
CA PHE B 402 15.37 30.36 35.77
C PHE B 402 16.13 30.54 37.10
N ALA B 403 15.64 31.50 37.89
CA ALA B 403 16.11 31.79 39.25
C ALA B 403 16.13 30.54 40.13
N PRO B 404 17.26 30.28 40.81
CA PRO B 404 17.29 29.11 41.67
C PRO B 404 16.72 29.47 43.02
N LYS B 405 15.61 28.85 43.42
CA LYS B 405 15.13 29.03 44.81
C LYS B 405 15.16 27.75 45.68
N ALA B 406 15.39 26.61 45.03
CA ALA B 406 15.32 25.27 45.64
C ALA B 406 16.20 25.09 46.89
N MET C 4 -2.60 -8.50 -3.40
CA MET C 4 -3.49 -7.75 -4.32
C MET C 4 -3.94 -6.43 -3.65
N ARG C 5 -4.63 -6.59 -2.53
CA ARG C 5 -5.36 -5.55 -1.80
C ARG C 5 -4.65 -4.24 -1.37
N ARG C 6 -5.23 -3.08 -1.69
CA ARG C 6 -4.66 -1.75 -1.31
C ARG C 6 -4.60 -1.60 0.24
N PRO C 7 -3.41 -1.53 0.86
CA PRO C 7 -3.49 -1.32 2.30
C PRO C 7 -4.16 0.04 2.63
N THR C 8 -4.90 0.10 3.74
CA THR C 8 -5.43 1.36 4.26
C THR C 8 -5.53 1.26 5.76
N PRO C 9 -5.73 2.41 6.41
CA PRO C 9 -6.22 2.32 7.78
C PRO C 9 -7.60 1.65 7.86
N THR C 10 -7.95 1.15 9.04
CA THR C 10 -9.23 0.61 9.28
C THR C 10 -10.19 1.71 9.80
N VAL C 11 -11.35 1.76 9.18
CA VAL C 11 -12.39 2.62 9.64
C VAL C 11 -13.61 1.77 10.09
N TYR C 12 -13.79 1.64 11.40
CA TYR C 12 -14.99 1.02 11.97
C TYR C 12 -16.26 1.82 11.68
N VAL C 13 -17.20 1.23 10.97
CA VAL C 13 -18.53 1.79 10.85
C VAL C 13 -19.35 0.95 11.83
N GLY C 14 -19.55 1.46 13.03
CA GLY C 14 -20.19 0.65 14.06
C GLY C 14 -19.23 -0.46 14.43
N ARG C 15 -19.65 -1.70 14.18
CA ARG C 15 -18.92 -2.92 14.52
C ARG C 15 -18.17 -3.54 13.32
N VAL C 16 -18.34 -2.94 12.15
CA VAL C 16 -17.86 -3.52 10.93
C VAL C 16 -16.55 -2.85 10.51
N PRO C 17 -15.46 -3.63 10.42
CA PRO C 17 -14.19 -2.97 10.02
C PRO C 17 -14.22 -2.78 8.53
N ILE C 18 -13.93 -1.56 8.09
CA ILE C 18 -13.78 -1.21 6.65
C ILE C 18 -12.32 -0.82 6.43
N GLY C 19 -11.65 -1.51 5.54
CA GLY C 19 -10.34 -1.14 5.08
C GLY C 19 -9.59 -2.32 4.49
N GLY C 20 -8.38 -2.04 4.02
CA GLY C 20 -7.54 -3.03 3.33
C GLY C 20 -7.20 -4.31 4.05
N ALA C 21 -7.40 -4.36 5.36
CA ALA C 21 -7.05 -5.55 6.10
C ALA C 21 -8.30 -6.39 6.26
N HIS C 22 -9.42 -5.95 5.66
CA HIS C 22 -10.71 -6.55 5.99
C HIS C 22 -11.53 -6.94 4.80
N PRO C 23 -12.49 -7.82 5.03
CA PRO C 23 -13.41 -8.18 3.95
C PRO C 23 -14.11 -6.98 3.34
N ILE C 24 -14.23 -6.95 2.03
CA ILE C 24 -15.04 -5.97 1.33
C ILE C 24 -16.50 -6.04 1.76
N ALA C 25 -16.99 -4.95 2.36
CA ALA C 25 -18.39 -4.86 2.84
C ALA C 25 -19.41 -4.49 1.76
N VAL C 26 -20.63 -4.97 1.96
CA VAL C 26 -21.74 -4.56 1.15
C VAL C 26 -22.61 -3.53 1.90
N GLN C 27 -23.01 -2.50 1.17
CA GLN C 27 -23.79 -1.41 1.69
C GLN C 27 -25.02 -1.38 0.83
N SER C 28 -26.09 -0.76 1.35
CA SER C 28 -27.31 -0.53 0.59
C SER C 28 -28.04 0.61 1.30
N MET C 29 -29.16 1.04 0.73
CA MET C 29 -29.96 2.07 1.38
C MET C 29 -31.48 1.85 1.34
N THR C 30 -32.15 2.51 2.28
CA THR C 30 -33.59 2.55 2.33
C THR C 30 -34.16 3.31 1.13
N ASN C 31 -35.46 3.14 0.92
CA ASN C 31 -36.15 3.53 -0.30
C ASN C 31 -37.47 4.05 0.20
N THR C 32 -37.78 3.64 1.44
CA THR C 32 -38.82 4.28 2.22
C THR C 32 -38.35 5.69 2.52
N PRO C 33 -39.30 6.64 2.63
CA PRO C 33 -38.97 7.86 3.34
C PRO C 33 -38.60 7.42 4.77
N THR C 34 -37.48 7.93 5.28
CA THR C 34 -37.05 7.58 6.63
C THR C 34 -38.13 7.92 7.67
N ARG C 35 -38.79 9.05 7.48
CA ARG C 35 -39.81 9.53 8.39
C ARG C 35 -40.88 8.48 8.75
N ASP C 36 -41.05 7.47 7.88
CA ASP C 36 -41.96 6.36 8.18
C ASP C 36 -41.19 5.27 8.95
N VAL C 37 -41.18 5.46 10.35
CA VAL C 37 -40.49 4.56 11.15
C VAL C 37 -40.94 3.04 10.95
N GLU C 38 -42.31 2.93 10.82
CA GLU C 38 -42.92 1.63 10.45
C GLU C 38 -42.22 1.02 9.21
N ALA C 39 -42.30 1.76 8.03
CA ALA C 39 -41.80 1.20 6.76
C ALA C 39 -40.27 1.26 6.55
N THR C 40 -39.61 2.18 7.24
CA THR C 40 -38.16 2.28 7.17
C THR C 40 -37.45 1.11 7.89
N THR C 41 -37.89 0.77 9.12
CA THR C 41 -37.27 -0.29 9.94
C THR C 41 -37.43 -1.71 9.38
N ALA C 42 -38.59 -1.94 8.75
CA ALA C 42 -38.88 -3.20 8.03
C ALA C 42 -37.78 -3.39 6.98
N GLN C 43 -37.63 -2.36 6.16
CA GLN C 43 -36.73 -2.38 5.04
C GLN C 43 -35.27 -2.52 5.49
N VAL C 44 -34.92 -1.94 6.65
CA VAL C 44 -33.56 -2.08 7.19
C VAL C 44 -33.32 -3.50 7.71
N LEU C 45 -34.34 -4.11 8.33
CA LEU C 45 -34.15 -5.46 8.87
C LEU C 45 -33.87 -6.51 7.76
N GLU C 46 -34.59 -6.34 6.63
CA GLU C 46 -34.49 -7.29 5.51
C GLU C 46 -33.29 -7.07 4.57
N LEU C 47 -32.79 -5.82 4.48
CA LEU C 47 -31.59 -5.53 3.72
C LEU C 47 -30.39 -6.22 4.37
N HIS C 48 -30.42 -6.28 5.71
CA HIS C 48 -29.44 -7.04 6.49
C HIS C 48 -29.55 -8.53 6.18
N ARG C 49 -30.75 -9.07 6.31
CA ARG C 49 -30.96 -10.48 6.05
C ARG C 49 -30.55 -10.78 4.60
N ALA C 50 -30.78 -9.81 3.72
CA ALA C 50 -30.42 -9.96 2.29
C ALA C 50 -28.91 -10.08 2.08
N GLY C 51 -28.12 -9.36 2.86
CA GLY C 51 -26.64 -9.47 2.78
C GLY C 51 -26.00 -8.12 3.04
N SER C 52 -26.79 -7.08 3.17
CA SER C 52 -26.27 -5.78 3.49
C SER C 52 -25.70 -5.83 4.90
N GLU C 53 -24.44 -5.46 5.04
CA GLU C 53 -23.81 -5.27 6.35
C GLU C 53 -23.88 -3.82 6.85
N ILE C 54 -24.21 -2.87 5.98
CA ILE C 54 -24.40 -1.47 6.41
C ILE C 54 -25.54 -0.90 5.61
N VAL C 55 -26.24 0.11 6.15
CA VAL C 55 -27.50 0.59 5.57
C VAL C 55 -27.64 2.11 5.73
N ARG C 56 -27.86 2.76 4.57
CA ARG C 56 -27.95 4.20 4.49
C ARG C 56 -29.39 4.60 4.42
N LEU C 57 -29.68 5.79 4.92
CA LEU C 57 -31.00 6.39 4.77
C LEU C 57 -30.83 7.89 4.61
N THR C 58 -31.59 8.47 3.70
CA THR C 58 -31.54 9.91 3.49
C THR C 58 -32.24 10.59 4.64
N VAL C 59 -31.68 11.72 5.07
CA VAL C 59 -32.13 12.44 6.25
C VAL C 59 -32.21 13.93 5.88
N ASN C 60 -33.43 14.43 5.70
CA ASN C 60 -33.65 15.77 5.14
C ASN C 60 -34.36 16.74 6.08
N ASP C 61 -35.69 16.76 6.09
CA ASP C 61 -36.37 17.67 7.03
C ASP C 61 -36.26 17.12 8.46
N GLU C 62 -36.62 17.95 9.46
CA GLU C 62 -36.56 17.56 10.88
C GLU C 62 -37.27 16.20 11.17
N GLU C 63 -38.41 16.02 10.43
CA GLU C 63 -39.21 14.79 10.47
C GLU C 63 -38.31 13.55 10.23
N ALA C 64 -37.26 13.70 9.42
CA ALA C 64 -36.31 12.60 9.23
C ALA C 64 -35.57 12.27 10.53
N ALA C 65 -35.22 13.30 11.30
CA ALA C 65 -34.33 13.15 12.45
C ALA C 65 -34.92 12.40 13.65
N LYS C 66 -36.05 12.87 14.18
CA LYS C 66 -36.65 12.23 15.36
C LYS C 66 -36.81 10.72 15.16
N ALA C 67 -37.09 10.34 13.89
CA ALA C 67 -37.37 8.95 13.49
C ALA C 67 -36.15 8.06 13.71
N VAL C 68 -34.98 8.61 13.43
CA VAL C 68 -33.72 7.89 13.50
C VAL C 68 -33.47 7.08 14.80
N PRO C 69 -33.39 7.78 15.97
CA PRO C 69 -32.93 7.09 17.18
C PRO C 69 -33.83 5.92 17.64
N GLU C 70 -35.12 6.06 17.32
CA GLU C 70 -36.10 5.03 17.56
C GLU C 70 -35.81 3.81 16.66
N ILE C 71 -35.68 4.05 15.36
CA ILE C 71 -35.29 3.01 14.40
C ILE C 71 -34.16 2.11 14.94
N LYS C 72 -33.05 2.70 15.40
CA LYS C 72 -32.00 1.97 16.15
C LYS C 72 -32.45 1.32 17.47
N ARG C 73 -33.40 1.97 18.16
CA ARG C 73 -33.84 1.52 19.49
C ARG C 73 -34.56 0.17 19.43
N ARG C 74 -35.05 -0.19 18.21
CA ARG C 74 -35.80 -1.44 18.05
C ARG C 74 -34.96 -2.53 17.41
N LEU C 75 -34.02 -2.11 16.57
CA LEU C 75 -33.02 -3.00 16.00
C LEU C 75 -32.16 -3.65 17.12
N LEU C 76 -31.82 -2.84 18.14
CA LEU C 76 -31.14 -3.37 19.35
C LEU C 76 -31.94 -4.55 19.95
N ALA C 77 -33.26 -4.37 20.04
CA ALA C 77 -34.15 -5.35 20.66
C ALA C 77 -34.42 -6.50 19.67
N GLU C 78 -34.57 -6.04 18.15
CA GLU C 78 -34.92 -7.05 17.10
C GLU C 78 -33.78 -8.00 16.79
N GLY C 79 -32.71 -8.02 17.88
CA GLY C 79 -31.52 -8.80 17.58
C GLY C 79 -30.62 -8.16 16.54
N VAL C 80 -31.21 -7.43 15.59
CA VAL C 80 -30.50 -6.93 14.39
C VAL C 80 -29.53 -5.74 14.71
N GLU C 81 -28.21 -6.04 14.79
CA GLU C 81 -27.19 -5.09 15.28
C GLU C 81 -26.56 -4.20 14.20
N VAL C 82 -27.30 -3.97 13.12
CA VAL C 82 -26.76 -3.28 11.94
C VAL C 82 -26.24 -1.88 12.19
N PRO C 83 -25.17 -1.50 11.48
CA PRO C 83 -24.77 -0.09 11.47
C PRO C 83 -25.59 0.74 10.48
N LEU C 84 -26.11 1.87 10.94
CA LEU C 84 -26.84 2.81 10.08
C LEU C 84 -25.97 4.00 9.65
N VAL C 85 -26.13 4.41 8.40
CA VAL C 85 -25.38 5.56 7.85
C VAL C 85 -26.39 6.63 7.42
N GLY C 86 -26.14 7.89 7.80
CA GLY C 86 -27.05 8.99 7.46
C GLY C 86 -26.71 9.81 6.22
N ASP C 87 -27.59 9.78 5.21
CA ASP C 87 -27.31 10.47 3.94
C ASP C 87 -27.73 11.92 4.11
N PHE C 88 -26.79 12.83 3.88
CA PHE C 88 -26.99 14.24 4.18
C PHE C 88 -26.74 15.18 3.02
N HIS C 89 -27.54 16.26 3.00
CA HIS C 89 -27.34 17.38 2.11
C HIS C 89 -27.39 18.63 3.01
N PHE C 90 -26.86 19.74 2.52
CA PHE C 90 -26.72 20.99 3.29
C PHE C 90 -27.91 21.29 4.21
N ASN C 91 -27.60 21.60 5.48
CA ASN C 91 -28.60 21.76 6.57
C ASN C 91 -28.58 20.56 7.54
N GLY C 92 -27.75 19.59 7.21
CA GLY C 92 -27.56 18.39 8.03
C GLY C 92 -26.99 18.73 9.39
N HIS C 93 -26.12 19.74 9.40
CA HIS C 93 -25.50 20.20 10.64
C HIS C 93 -26.54 20.67 11.65
N LEU C 94 -27.24 21.74 11.31
CA LEU C 94 -28.24 22.27 12.21
C LEU C 94 -29.18 21.15 12.65
N LEU C 95 -29.48 20.24 11.71
CA LEU C 95 -30.22 19.02 12.00
C LEU C 95 -29.57 18.19 13.12
N LEU C 96 -28.27 17.93 12.96
CA LEU C 96 -27.47 17.16 13.91
C LEU C 96 -27.35 17.96 15.21
N ARG C 97 -26.85 19.20 15.09
CA ARG C 97 -26.69 20.10 16.25
C ARG C 97 -27.97 20.17 17.10
N LYS C 98 -29.14 20.20 16.46
CA LYS C 98 -30.44 20.29 17.18
C LYS C 98 -30.80 19.03 17.99
N TYR C 99 -30.54 17.86 17.41
CA TYR C 99 -30.81 16.57 18.06
C TYR C 99 -29.51 15.80 18.29
N PRO C 100 -28.86 15.99 19.46
CA PRO C 100 -27.65 15.19 19.75
C PRO C 100 -27.99 13.71 19.93
N LYS C 101 -29.28 13.41 20.06
CA LYS C 101 -29.80 12.06 20.26
C LYS C 101 -29.63 11.17 19.02
N MET C 102 -29.81 11.76 17.83
CA MET C 102 -29.69 11.02 16.57
C MET C 102 -28.24 10.90 16.04
N ALA C 103 -27.38 11.85 16.41
CA ALA C 103 -25.97 11.78 16.08
C ALA C 103 -25.34 10.52 16.66
N GLU C 104 -25.80 10.12 17.85
CA GLU C 104 -25.30 8.90 18.51
C GLU C 104 -25.88 7.63 17.91
N ALA C 105 -27.14 7.70 17.47
CA ALA C 105 -27.77 6.56 16.81
C ALA C 105 -27.12 6.25 15.45
N LEU C 106 -26.76 7.30 14.69
CA LEU C 106 -26.01 7.16 13.43
C LEU C 106 -24.63 6.64 13.71
N ASP C 107 -24.11 5.83 12.79
CA ASP C 107 -22.80 5.23 12.94
C ASP C 107 -21.75 5.79 11.99
N LYS C 108 -22.17 6.74 11.14
CA LYS C 108 -21.32 7.34 10.10
C LYS C 108 -22.13 8.41 9.38
N PHE C 109 -21.49 9.49 8.95
CA PHE C 109 -22.18 10.55 8.20
C PHE C 109 -21.70 10.53 6.75
N ARG C 110 -22.61 10.79 5.80
CA ARG C 110 -22.19 10.91 4.40
C ARG C 110 -22.40 12.33 3.99
N ILE C 111 -21.33 12.99 3.53
CA ILE C 111 -21.38 14.41 3.28
C ILE C 111 -20.79 14.85 1.93
N ASN C 112 -21.34 15.93 1.39
CA ASN C 112 -20.69 16.61 0.27
C ASN C 112 -19.41 17.34 0.64
N PRO C 113 -18.37 17.19 -0.21
CA PRO C 113 -17.22 18.10 -0.32
C PRO C 113 -17.53 19.58 -0.27
N GLY C 114 -16.51 20.33 0.13
CA GLY C 114 -16.49 21.79 0.18
C GLY C 114 -15.03 22.24 0.29
N THR C 115 -14.64 23.20 -0.56
CA THR C 115 -13.24 23.69 -0.75
C THR C 115 -13.16 25.05 -1.52
N LEU C 116 -12.26 25.95 -1.12
CA LEU C 116 -12.11 27.28 -1.77
C LEU C 116 -11.42 27.18 -3.14
N HIS C 125 -20.39 24.72 6.56
CA HIS C 125 -21.33 23.59 6.54
C HIS C 125 -20.54 22.27 6.41
N PHE C 126 -19.51 22.30 5.60
CA PHE C 126 -18.67 21.11 5.49
C PHE C 126 -17.93 21.02 6.84
N ALA C 127 -17.34 22.16 7.23
CA ALA C 127 -16.69 22.40 8.49
C ALA C 127 -17.54 21.87 9.67
N GLU C 128 -18.81 22.25 9.72
CA GLU C 128 -19.65 21.81 10.83
C GLU C 128 -19.81 20.29 10.92
N MET C 129 -20.05 19.67 9.76
CA MET C 129 -20.25 18.22 9.68
C MET C 129 -19.02 17.48 10.20
N ILE C 130 -17.85 17.98 9.82
CA ILE C 130 -16.60 17.41 10.27
C ILE C 130 -16.44 17.65 11.77
N ARG C 131 -16.75 18.87 12.20
CA ARG C 131 -16.63 19.21 13.60
C ARG C 131 -17.52 18.33 14.45
N ILE C 132 -18.78 18.18 14.04
CA ILE C 132 -19.73 17.34 14.79
C ILE C 132 -19.22 15.90 14.91
N ALA C 133 -18.69 15.37 13.82
CA ALA C 133 -18.21 14.00 13.82
C ALA C 133 -17.02 13.81 14.76
N MET C 134 -16.13 14.80 14.82
CA MET C 134 -14.96 14.74 15.72
C MET C 134 -15.37 14.81 17.19
N ASP C 135 -16.54 15.37 17.46
CA ASP C 135 -16.99 15.48 18.84
C ASP C 135 -17.55 14.12 19.25
N LEU C 136 -18.41 13.57 18.39
CA LEU C 136 -19.03 12.29 18.63
C LEU C 136 -18.11 11.08 18.48
N GLY C 137 -17.00 11.22 17.74
CA GLY C 137 -16.12 10.10 17.48
C GLY C 137 -16.59 9.31 16.25
N LYS C 138 -17.37 9.98 15.40
CA LYS C 138 -18.02 9.32 14.27
C LYS C 138 -17.21 9.34 12.97
N PRO C 139 -17.17 8.22 12.21
CA PRO C 139 -16.51 8.18 10.89
C PRO C 139 -17.32 8.90 9.86
N VAL C 140 -16.69 9.26 8.74
CA VAL C 140 -17.36 10.06 7.75
C VAL C 140 -17.02 9.53 6.37
N ARG C 141 -18.04 9.42 5.50
CA ARG C 141 -17.77 9.27 4.08
C ARG C 141 -17.92 10.58 3.37
N ILE C 142 -16.86 11.01 2.69
CA ILE C 142 -16.94 12.18 1.81
C ILE C 142 -17.14 11.75 0.36
N GLY C 143 -18.35 11.97 -0.17
CA GLY C 143 -18.73 11.53 -1.49
C GLY C 143 -18.84 12.66 -2.50
N ALA C 144 -17.76 12.92 -3.22
CA ALA C 144 -17.78 13.90 -4.30
C ALA C 144 -18.91 13.63 -5.29
N ASN C 145 -19.45 14.70 -5.88
CA ASN C 145 -20.50 14.54 -6.89
C ASN C 145 -20.69 15.78 -7.73
N TRP C 146 -21.36 15.63 -8.86
CA TRP C 146 -21.56 16.72 -9.79
C TRP C 146 -21.99 17.98 -9.03
N GLY C 147 -23.10 17.88 -8.31
CA GLY C 147 -23.63 19.00 -7.50
C GLY C 147 -22.64 19.71 -6.57
N SER C 148 -21.63 19.00 -6.08
CA SER C 148 -20.63 19.59 -5.19
C SER C 148 -19.28 19.61 -5.91
N LEU C 149 -19.16 20.66 -6.70
CA LEU C 149 -18.07 20.83 -7.59
C LEU C 149 -17.82 22.34 -7.68
N ASP C 150 -16.58 22.75 -7.52
CA ASP C 150 -16.28 24.16 -7.57
C ASP C 150 -16.29 24.70 -9.02
N PRO C 151 -17.22 25.61 -9.31
CA PRO C 151 -17.31 26.12 -10.66
C PRO C 151 -16.04 26.78 -11.15
N ALA C 152 -15.25 27.39 -10.26
CA ALA C 152 -14.07 28.06 -10.78
C ALA C 152 -12.99 27.01 -10.98
N LEU C 153 -12.91 26.07 -10.06
CA LEU C 153 -12.17 24.85 -10.30
C LEU C 153 -12.43 24.23 -11.71
N LEU C 154 -13.72 23.99 -12.02
CA LEU C 154 -14.04 23.47 -13.34
C LEU C 154 -13.43 24.32 -14.46
N THR C 155 -13.69 25.62 -14.43
CA THR C 155 -13.18 26.55 -15.42
C THR C 155 -11.67 26.48 -15.51
N GLU C 156 -10.99 26.28 -14.38
CA GLU C 156 -9.54 26.38 -14.43
C GLU C 156 -9.03 25.23 -15.18
N LEU C 157 -9.53 24.06 -14.74
CA LEU C 157 -9.24 22.75 -15.29
C LEU C 157 -9.57 22.81 -16.74
N MET C 158 -10.72 23.37 -17.09
CA MET C 158 -11.07 23.57 -18.47
C MET C 158 -9.98 24.33 -19.24
N ASP C 159 -9.52 25.48 -18.73
CA ASP C 159 -8.41 26.25 -19.34
C ASP C 159 -7.15 25.35 -19.43
N ARG C 160 -6.77 24.77 -18.30
CA ARG C 160 -5.59 23.92 -18.28
C ARG C 160 -5.67 22.88 -19.38
N ASN C 161 -6.82 22.26 -19.52
CA ASN C 161 -6.99 21.24 -20.52
C ASN C 161 -6.67 21.73 -21.93
N ALA C 162 -6.96 22.99 -22.21
CA ALA C 162 -6.89 23.49 -23.60
C ALA C 162 -5.48 23.96 -23.99
N SER C 163 -4.55 23.85 -23.03
CA SER C 163 -3.13 24.13 -23.24
C SER C 163 -2.32 22.87 -23.49
N ARG C 164 -2.77 21.75 -22.95
CA ARG C 164 -2.20 20.43 -23.23
C ARG C 164 -1.86 20.27 -24.71
N PRO C 165 -0.76 19.53 -25.01
CA PRO C 165 -0.49 19.17 -26.40
C PRO C 165 -1.66 18.39 -27.03
N GLU C 166 -2.22 17.43 -26.29
CA GLU C 166 -3.45 16.73 -26.72
C GLU C 166 -4.62 16.96 -25.70
N PRO C 167 -5.35 18.11 -25.83
CA PRO C 167 -6.44 18.44 -24.87
C PRO C 167 -7.43 17.28 -24.79
N LYS C 168 -7.96 16.97 -23.60
CA LYS C 168 -8.92 15.87 -23.42
C LYS C 168 -10.37 16.34 -23.76
N SER C 169 -11.34 15.43 -23.67
CA SER C 169 -12.75 15.85 -23.87
C SER C 169 -13.31 16.62 -22.64
N ALA C 170 -14.34 17.41 -22.91
CA ALA C 170 -15.20 18.04 -21.87
C ALA C 170 -15.47 17.10 -20.68
N HIS C 171 -16.13 15.98 -20.96
CA HIS C 171 -16.42 14.99 -19.95
C HIS C 171 -15.21 14.50 -19.13
N GLU C 172 -14.03 14.39 -19.74
CA GLU C 172 -12.88 13.91 -18.99
C GLU C 172 -12.34 15.01 -18.08
N VAL C 173 -12.51 16.28 -18.46
CA VAL C 173 -12.14 17.34 -17.53
C VAL C 173 -13.06 17.27 -16.27
N VAL C 174 -14.39 17.22 -16.46
CA VAL C 174 -15.35 16.95 -15.38
C VAL C 174 -14.86 15.86 -14.40
N LEU C 175 -14.38 14.76 -14.94
CA LEU C 175 -13.95 13.71 -14.09
C LEU C 175 -12.71 14.18 -13.31
N GLU C 176 -11.80 14.94 -13.94
CA GLU C 176 -10.63 15.53 -13.23
C GLU C 176 -11.11 16.39 -12.07
N ALA C 177 -12.16 17.16 -12.33
CA ALA C 177 -12.64 18.09 -11.35
C ALA C 177 -13.27 17.31 -10.24
N LEU C 178 -13.90 16.17 -10.56
CA LEU C 178 -14.53 15.39 -9.51
C LEU C 178 -13.44 14.80 -8.56
N VAL C 179 -12.35 14.34 -9.16
CA VAL C 179 -11.26 13.75 -8.42
C VAL C 179 -10.60 14.83 -7.54
N GLU C 180 -10.38 15.99 -8.13
CA GLU C 180 -9.75 17.08 -7.42
C GLU C 180 -10.63 17.48 -6.26
N SER C 181 -11.92 17.49 -6.51
CA SER C 181 -12.87 17.86 -5.50
C SER C 181 -12.87 16.86 -4.30
N ALA C 182 -12.75 15.57 -4.58
CA ALA C 182 -12.70 14.52 -3.53
C ALA C 182 -11.40 14.59 -2.74
N VAL C 183 -10.29 14.79 -3.45
CA VAL C 183 -8.96 14.84 -2.80
C VAL C 183 -8.79 16.08 -1.91
N ARG C 184 -9.36 17.19 -2.35
CA ARG C 184 -9.23 18.42 -1.57
C ARG C 184 -10.03 18.35 -0.30
N ALA C 185 -11.21 17.73 -0.38
CA ALA C 185 -12.12 17.60 0.76
C ALA C 185 -11.52 16.65 1.76
N TYR C 186 -10.83 15.65 1.24
CA TYR C 186 -10.13 14.66 2.03
C TYR C 186 -9.06 15.37 2.83
N GLU C 187 -8.22 16.18 2.15
CA GLU C 187 -7.14 16.91 2.83
C GLU C 187 -7.78 17.87 3.81
N ALA C 188 -8.93 18.41 3.44
CA ALA C 188 -9.60 19.39 4.30
C ALA C 188 -10.18 18.77 5.59
N ALA C 189 -10.86 17.63 5.48
CA ALA C 189 -11.26 16.89 6.69
C ALA C 189 -10.01 16.59 7.57
N LEU C 190 -8.90 16.18 6.98
CA LEU C 190 -7.75 15.87 7.79
C LEU C 190 -7.16 17.13 8.40
N GLU C 191 -7.25 18.24 7.67
CA GLU C 191 -6.70 19.51 8.13
C GLU C 191 -7.43 20.03 9.39
N MET C 192 -8.75 19.91 9.45
CA MET C 192 -9.55 20.13 10.67
C MET C 192 -9.23 19.20 11.89
N GLY C 193 -8.63 18.03 11.63
CA GLY C 193 -8.25 17.09 12.68
C GLY C 193 -9.00 15.76 12.68
N LEU C 194 -9.80 15.49 11.63
CA LEU C 194 -10.68 14.33 11.62
C LEU C 194 -10.10 12.93 11.96
N GLY C 195 -8.95 12.55 11.42
CA GLY C 195 -8.42 11.21 11.70
C GLY C 195 -8.53 10.20 10.56
N GLU C 196 -7.42 9.54 10.22
CA GLU C 196 -7.41 8.66 9.04
C GLU C 196 -8.23 7.41 9.24
N ASP C 197 -8.57 7.14 10.48
CA ASP C 197 -9.35 5.95 10.82
C ASP C 197 -10.83 6.37 10.91
N LYS C 198 -11.12 7.57 10.42
CA LYS C 198 -12.46 8.15 10.53
C LYS C 198 -13.00 8.66 9.18
N LEU C 199 -12.37 8.24 8.08
CA LEU C 199 -12.52 8.91 6.78
C LEU C 199 -12.53 7.99 5.54
N VAL C 200 -13.68 7.96 4.87
CA VAL C 200 -13.85 7.16 3.70
C VAL C 200 -14.16 8.04 2.49
N LEU C 201 -13.60 7.74 1.34
CA LEU C 201 -13.96 8.52 0.13
C LEU C 201 -14.80 7.83 -0.94
N SER C 202 -15.46 8.65 -1.74
CA SER C 202 -16.04 8.17 -2.98
C SER C 202 -16.32 9.28 -3.96
N ALA C 203 -16.65 8.90 -5.19
CA ALA C 203 -17.07 9.86 -6.22
C ALA C 203 -18.13 9.20 -7.07
N LYS C 204 -19.23 9.90 -7.30
CA LYS C 204 -20.34 9.37 -8.03
C LYS C 204 -20.08 9.42 -9.52
N VAL C 205 -20.00 8.26 -10.16
CA VAL C 205 -19.90 8.27 -11.63
C VAL C 205 -21.00 7.42 -12.32
N SER C 206 -21.13 7.49 -13.64
CA SER C 206 -22.22 6.73 -14.28
C SER C 206 -21.76 5.63 -15.20
N LYS C 207 -20.47 5.57 -15.51
CA LYS C 207 -19.94 4.64 -16.50
C LYS C 207 -18.71 3.91 -16.00
N ALA C 208 -18.59 2.64 -16.39
CA ALA C 208 -17.47 1.78 -16.00
C ALA C 208 -16.06 2.40 -16.14
N ARG C 209 -15.73 2.85 -17.34
CA ARG C 209 -14.51 3.58 -17.64
C ARG C 209 -14.26 4.71 -16.68
N ASP C 210 -15.28 5.57 -16.50
CA ASP C 210 -15.16 6.69 -15.56
C ASP C 210 -14.79 6.17 -14.16
N LEU C 211 -15.60 5.23 -13.62
CA LEU C 211 -15.40 4.69 -12.27
C LEU C 211 -13.98 4.21 -12.02
N VAL C 212 -13.53 3.34 -12.94
CA VAL C 212 -12.18 2.80 -12.94
C VAL C 212 -11.15 3.92 -12.95
N TRP C 213 -11.32 4.89 -13.82
CA TRP C 213 -10.36 5.99 -13.92
C TRP C 213 -10.37 6.86 -12.65
N VAL C 214 -11.52 7.35 -12.22
CA VAL C 214 -11.63 8.15 -11.01
C VAL C 214 -11.00 7.42 -9.79
N TYR C 215 -11.27 6.13 -9.61
CA TYR C 215 -10.77 5.47 -8.40
C TYR C 215 -9.31 5.04 -8.46
N ARG C 216 -8.78 4.81 -9.65
CA ARG C 216 -7.33 4.65 -9.75
C ARG C 216 -6.62 5.99 -9.38
N GLU C 217 -7.25 7.15 -9.65
CA GLU C 217 -6.70 8.45 -9.20
C GLU C 217 -6.84 8.61 -7.71
N LEU C 218 -8.01 8.26 -7.17
CA LEU C 218 -8.21 8.37 -5.72
C LEU C 218 -7.22 7.48 -4.94
N ALA C 219 -6.93 6.27 -5.44
CA ALA C 219 -5.99 5.35 -4.83
C ALA C 219 -4.58 5.96 -4.83
N ARG C 220 -4.21 6.55 -5.96
CA ARG C 220 -2.90 7.07 -6.08
C ARG C 220 -2.66 8.27 -5.15
N ARG C 221 -3.70 9.07 -4.88
CA ARG C 221 -3.54 10.38 -4.21
C ARG C 221 -4.03 10.40 -2.75
N THR C 222 -4.67 9.32 -2.28
CA THR C 222 -5.12 9.23 -0.92
C THR C 222 -4.82 7.84 -0.30
N GLN C 223 -4.93 7.72 1.04
CA GLN C 223 -4.85 6.42 1.74
C GLN C 223 -6.23 6.05 2.34
N ALA C 224 -7.27 6.79 1.96
CA ALA C 224 -8.56 6.48 2.54
C ALA C 224 -9.16 5.18 2.05
N PRO C 225 -9.83 4.44 2.93
CA PRO C 225 -10.67 3.38 2.31
C PRO C 225 -11.64 3.97 1.25
N LEU C 226 -11.97 3.17 0.23
CA LEU C 226 -12.77 3.67 -0.86
C LEU C 226 -14.09 2.87 -1.00
N HIS C 227 -15.17 3.60 -1.17
CA HIS C 227 -16.48 3.04 -1.29
C HIS C 227 -16.86 3.13 -2.76
N LEU C 228 -17.01 1.98 -3.42
CA LEU C 228 -17.31 1.92 -4.85
C LEU C 228 -18.81 1.84 -5.15
N GLY C 229 -19.20 2.46 -6.26
CA GLY C 229 -20.60 2.45 -6.64
C GLY C 229 -20.81 3.25 -7.88
N LEU C 230 -21.88 2.95 -8.58
CA LEU C 230 -22.22 3.67 -9.78
C LEU C 230 -23.44 4.48 -9.39
N THR C 231 -23.65 5.59 -10.08
CA THR C 231 -24.80 6.44 -9.77
C THR C 231 -26.12 5.69 -9.89
N GLU C 232 -26.37 4.99 -10.99
CA GLU C 232 -27.72 4.41 -11.17
C GLU C 232 -27.98 3.73 -12.50
N ALA C 233 -29.10 3.01 -12.52
CA ALA C 233 -29.72 2.49 -13.72
C ALA C 233 -30.99 1.76 -13.25
N GLY C 234 -31.89 1.50 -14.18
CA GLY C 234 -33.07 0.72 -13.85
C GLY C 234 -32.70 -0.73 -13.66
N MET C 235 -33.62 -1.47 -13.05
CA MET C 235 -33.47 -2.88 -12.72
C MET C 235 -33.10 -3.84 -13.87
N GLY C 236 -32.77 -3.29 -15.04
CA GLY C 236 -32.57 -4.13 -16.21
C GLY C 236 -31.26 -4.91 -16.23
N VAL C 237 -31.08 -5.66 -17.30
CA VAL C 237 -29.80 -6.24 -17.64
C VAL C 237 -28.74 -5.13 -17.64
N LYS C 238 -28.91 -4.09 -18.47
CA LYS C 238 -28.02 -2.92 -18.47
C LYS C 238 -27.44 -2.64 -17.10
N GLY C 239 -28.32 -2.47 -16.13
CA GLY C 239 -27.93 -2.04 -14.80
C GLY C 239 -27.06 -3.06 -14.09
N ILE C 240 -27.42 -4.35 -14.18
CA ILE C 240 -26.59 -5.40 -13.62
C ILE C 240 -25.17 -5.47 -14.28
N VAL C 241 -25.13 -5.52 -15.61
CA VAL C 241 -23.91 -5.57 -16.43
C VAL C 241 -23.00 -4.37 -16.18
N ALA C 242 -23.56 -3.16 -16.27
CA ALA C 242 -22.82 -1.95 -15.93
C ALA C 242 -22.13 -2.04 -14.57
N SER C 243 -22.82 -2.52 -13.54
CA SER C 243 -22.21 -2.52 -12.19
C SER C 243 -21.07 -3.51 -12.06
N ALA C 244 -21.24 -4.69 -12.62
CA ALA C 244 -20.18 -5.69 -12.65
C ALA C 244 -19.02 -5.23 -13.50
N ALA C 245 -19.35 -4.77 -14.71
CA ALA C 245 -18.37 -4.24 -15.64
C ALA C 245 -17.52 -3.18 -14.98
N ALA C 246 -18.14 -2.40 -14.08
CA ALA C 246 -17.49 -1.26 -13.53
C ALA C 246 -16.73 -1.59 -12.25
N LEU C 247 -17.29 -2.44 -11.40
CA LEU C 247 -16.70 -2.80 -10.12
C LEU C 247 -15.54 -3.81 -10.29
N ALA C 248 -15.72 -4.81 -11.17
CA ALA C 248 -14.78 -5.92 -11.31
C ALA C 248 -13.33 -5.48 -11.59
N PRO C 249 -13.12 -4.63 -12.60
CA PRO C 249 -11.74 -4.18 -12.82
C PRO C 249 -11.13 -3.56 -11.62
N LEU C 250 -11.87 -2.77 -10.85
CA LEU C 250 -11.26 -2.17 -9.64
C LEU C 250 -10.96 -3.22 -8.63
N LEU C 251 -11.95 -4.07 -8.35
CA LEU C 251 -11.78 -5.09 -7.28
C LEU C 251 -10.73 -6.13 -7.62
N LEU C 252 -10.59 -6.49 -8.90
CA LEU C 252 -9.46 -7.30 -9.37
C LEU C 252 -8.08 -6.65 -9.17
N GLU C 253 -7.95 -5.33 -9.33
CA GLU C 253 -6.69 -4.64 -8.90
C GLU C 253 -6.49 -4.45 -7.36
N GLY C 254 -7.45 -4.76 -6.51
CA GLY C 254 -7.22 -4.46 -5.12
C GLY C 254 -7.67 -3.13 -4.57
N ILE C 255 -8.47 -2.41 -5.37
CA ILE C 255 -8.99 -1.10 -5.00
C ILE C 255 -10.47 -1.20 -4.65
N GLY C 256 -10.83 -0.68 -3.48
CA GLY C 256 -12.21 -0.63 -3.06
C GLY C 256 -12.41 -1.45 -1.79
N ASP C 257 -13.15 -0.88 -0.83
CA ASP C 257 -13.26 -1.46 0.49
C ASP C 257 -14.71 -1.69 0.86
N THR C 258 -15.60 -0.91 0.27
CA THR C 258 -17.01 -1.06 0.44
C THR C 258 -17.61 -0.97 -0.94
N ILE C 259 -18.70 -1.67 -1.19
CA ILE C 259 -19.33 -1.60 -2.47
C ILE C 259 -20.82 -1.40 -2.31
N ARG C 260 -21.38 -0.56 -3.18
CA ARG C 260 -22.84 -0.53 -3.37
C ARG C 260 -23.28 -0.71 -4.84
N VAL C 261 -24.25 -1.59 -5.06
CA VAL C 261 -24.93 -1.63 -6.32
C VAL C 261 -26.21 -0.83 -6.15
N SER C 262 -26.48 0.02 -7.15
CA SER C 262 -27.66 0.88 -7.17
C SER C 262 -28.53 0.64 -8.40
N LEU C 263 -29.66 -0.05 -8.22
CA LEU C 263 -30.67 -0.21 -9.28
C LEU C 263 -32.04 0.18 -8.73
N THR C 264 -32.52 1.34 -9.17
CA THR C 264 -33.81 1.81 -8.73
C THR C 264 -34.90 0.88 -9.34
N PRO C 265 -35.77 0.29 -8.48
CA PRO C 265 -36.87 -0.61 -8.92
C PRO C 265 -37.84 -0.01 -9.92
N GLU C 269 -41.27 -4.23 -3.30
CA GLU C 269 -41.17 -2.78 -3.35
C GLU C 269 -39.74 -2.24 -3.12
N PRO C 270 -38.98 -2.82 -2.14
CA PRO C 270 -37.71 -2.23 -1.67
C PRO C 270 -36.48 -2.25 -2.64
N ARG C 271 -35.32 -1.84 -2.11
CA ARG C 271 -34.08 -1.83 -2.87
C ARG C 271 -33.32 -3.16 -2.75
N THR C 272 -34.07 -4.26 -2.54
CA THR C 272 -33.50 -5.56 -2.16
C THR C 272 -32.67 -6.34 -3.22
N LYS C 273 -32.94 -6.09 -4.50
CA LYS C 273 -32.27 -6.82 -5.60
C LYS C 273 -30.79 -6.38 -5.73
N GLU C 274 -30.54 -5.12 -5.37
CA GLU C 274 -29.21 -4.49 -5.29
C GLU C 274 -28.21 -5.26 -4.46
N VAL C 275 -28.67 -5.72 -3.29
CA VAL C 275 -27.82 -6.48 -2.38
C VAL C 275 -27.42 -7.80 -3.03
N GLU C 276 -28.40 -8.51 -3.59
CA GLU C 276 -28.12 -9.73 -4.33
C GLU C 276 -26.98 -9.52 -5.32
N VAL C 277 -27.15 -8.55 -6.21
CA VAL C 277 -26.21 -8.27 -7.25
C VAL C 277 -24.79 -8.00 -6.67
N ALA C 278 -24.67 -7.05 -5.77
CA ALA C 278 -23.41 -6.76 -5.09
C ALA C 278 -22.77 -8.05 -4.54
N GLN C 279 -23.54 -8.82 -3.78
CA GLN C 279 -23.13 -10.11 -3.26
C GLN C 279 -22.57 -11.02 -4.37
N GLU C 280 -23.31 -11.17 -5.48
CA GLU C 280 -22.83 -11.92 -6.65
C GLU C 280 -21.51 -11.41 -7.27
N ILE C 281 -21.30 -10.10 -7.29
CA ILE C 281 -20.15 -9.56 -7.97
C ILE C 281 -18.92 -9.99 -7.16
N LEU C 282 -19.07 -9.94 -5.86
CA LEU C 282 -18.05 -10.37 -4.94
C LEU C 282 -17.74 -11.89 -5.04
N GLN C 283 -18.75 -12.68 -5.26
CA GLN C 283 -18.58 -14.12 -5.27
C GLN C 283 -17.94 -14.60 -6.60
N ALA C 284 -18.33 -13.98 -7.72
CA ALA C 284 -17.78 -14.29 -9.05
C ALA C 284 -16.25 -14.07 -9.09
N LEU C 285 -15.73 -13.18 -8.25
CA LEU C 285 -14.33 -12.81 -8.25
C LEU C 285 -13.60 -13.46 -7.10
N GLY C 286 -14.29 -14.38 -6.40
CA GLY C 286 -13.79 -15.00 -5.17
C GLY C 286 -13.45 -14.09 -4.00
N LEU C 287 -14.15 -12.96 -3.82
CA LEU C 287 -13.93 -12.05 -2.69
C LEU C 287 -14.80 -12.30 -1.48
N ARG C 288 -15.94 -13.00 -1.61
CA ARG C 288 -16.66 -13.60 -0.46
C ARG C 288 -17.32 -14.95 -0.82
N ALA C 289 -17.48 -15.84 0.16
CA ALA C 289 -18.12 -17.16 -0.05
C ALA C 289 -19.40 -17.25 0.77
N PHE C 290 -20.36 -18.04 0.29
CA PHE C 290 -21.63 -18.24 1.01
C PHE C 290 -21.67 -19.60 1.70
N ALA C 291 -20.80 -20.49 1.28
CA ALA C 291 -20.80 -21.84 1.78
C ALA C 291 -19.36 -22.32 1.83
N PRO C 292 -19.03 -23.18 2.80
CA PRO C 292 -17.69 -23.74 2.80
C PRO C 292 -17.43 -24.43 1.49
N GLU C 293 -16.17 -24.60 1.15
CA GLU C 293 -15.87 -25.23 -0.12
C GLU C 293 -14.80 -26.32 0.04
N VAL C 294 -15.07 -27.46 -0.61
CA VAL C 294 -14.08 -28.50 -0.83
C VAL C 294 -13.54 -28.38 -2.25
N THR C 295 -12.23 -28.30 -2.36
CA THR C 295 -11.55 -28.41 -3.63
C THR C 295 -10.67 -29.67 -3.55
N SER C 296 -10.45 -30.30 -4.69
CA SER C 296 -9.51 -31.40 -4.78
C SER C 296 -8.77 -31.15 -6.08
N CYS C 297 -7.50 -31.55 -6.14
CA CYS C 297 -6.71 -31.55 -7.38
C CYS C 297 -7.42 -32.37 -8.46
N PRO C 298 -7.13 -32.08 -9.74
CA PRO C 298 -7.60 -32.78 -10.95
C PRO C 298 -7.20 -34.23 -11.03
N GLY C 299 -6.16 -34.58 -10.29
CA GLY C 299 -5.45 -35.83 -10.54
C GLY C 299 -4.57 -35.65 -11.78
N CYS C 300 -3.44 -36.36 -11.80
CA CYS C 300 -2.50 -36.36 -12.92
C CYS C 300 -1.75 -37.71 -12.89
N GLY C 301 -0.51 -37.73 -13.39
CA GLY C 301 0.24 -38.97 -13.49
C GLY C 301 0.65 -39.55 -12.16
N ARG C 302 0.77 -38.74 -11.13
CA ARG C 302 1.21 -39.24 -9.82
C ARG C 302 0.15 -40.11 -9.07
N THR C 303 -1.07 -40.12 -9.57
CA THR C 303 -2.16 -40.68 -8.82
C THR C 303 -2.59 -42.01 -9.41
N THR C 304 -2.81 -42.96 -8.53
CA THR C 304 -3.19 -44.29 -8.91
C THR C 304 -4.71 -44.36 -8.88
N SER C 305 -5.28 -43.71 -7.86
CA SER C 305 -6.53 -44.09 -7.23
C SER C 305 -7.61 -43.01 -7.31
N THR C 306 -8.87 -43.40 -7.59
CA THR C 306 -10.01 -42.46 -7.44
C THR C 306 -10.35 -42.13 -5.98
N PHE C 307 -9.74 -42.85 -5.04
CA PHE C 307 -10.07 -42.66 -3.61
C PHE C 307 -10.11 -41.22 -3.19
N PHE C 308 -9.05 -40.48 -3.44
CA PHE C 308 -9.06 -39.05 -3.05
C PHE C 308 -10.34 -38.33 -3.54
N GLN C 309 -10.82 -38.69 -4.71
CA GLN C 309 -11.92 -37.95 -5.31
C GLN C 309 -13.28 -38.38 -4.69
N GLU C 310 -13.44 -39.66 -4.37
CA GLU C 310 -14.63 -40.11 -3.67
C GLU C 310 -14.62 -39.52 -2.28
N LEU C 311 -13.43 -39.40 -1.69
CA LEU C 311 -13.31 -38.87 -0.35
C LEU C 311 -13.83 -37.44 -0.33
N ALA C 312 -13.43 -36.66 -1.34
CA ALA C 312 -13.76 -35.23 -1.37
C ALA C 312 -15.25 -34.98 -1.56
N GLU C 313 -15.86 -35.79 -2.41
CA GLU C 313 -17.31 -35.79 -2.61
C GLU C 313 -18.08 -36.14 -1.33
N GLU C 314 -17.54 -37.04 -0.51
CA GLU C 314 -18.17 -37.46 0.72
C GLU C 314 -18.09 -36.33 1.74
N VAL C 315 -16.88 -35.81 1.92
CA VAL C 315 -16.61 -34.69 2.81
C VAL C 315 -17.52 -33.55 2.45
N SER C 316 -17.52 -33.23 1.16
CA SER C 316 -18.32 -32.13 0.65
C SER C 316 -19.76 -32.34 0.97
N ARG C 317 -20.21 -33.58 0.75
CA ARG C 317 -21.58 -33.98 1.05
C ARG C 317 -21.87 -33.85 2.55
N ARG C 318 -20.98 -34.30 3.40
CA ARG C 318 -21.27 -34.18 4.81
C ARG C 318 -21.08 -32.78 5.34
N LEU C 319 -20.27 -31.97 4.68
CA LEU C 319 -20.22 -30.57 5.08
C LEU C 319 -21.53 -29.84 4.73
N LYS C 320 -22.10 -30.14 3.55
CA LYS C 320 -23.31 -29.43 3.09
C LYS C 320 -24.52 -29.65 4.00
N GLU C 321 -24.34 -30.47 5.05
CA GLU C 321 -25.44 -30.86 5.96
C GLU C 321 -25.19 -30.55 7.43
N ARG C 322 -23.93 -30.25 7.75
CA ARG C 322 -23.58 -29.64 9.02
C ARG C 322 -23.85 -28.13 8.94
N LEU C 323 -24.08 -27.63 7.71
CA LEU C 323 -24.10 -26.20 7.44
C LEU C 323 -25.09 -25.32 8.23
N PRO C 324 -26.39 -25.68 8.26
CA PRO C 324 -27.30 -24.81 9.02
C PRO C 324 -27.07 -24.86 10.53
N GLU C 325 -26.44 -25.92 11.04
CA GLU C 325 -25.92 -25.86 12.41
C GLU C 325 -24.72 -24.90 12.45
N TRP C 326 -23.64 -25.27 11.76
CA TRP C 326 -22.39 -24.47 11.71
C TRP C 326 -22.61 -23.00 11.52
N ARG C 327 -23.60 -22.65 10.69
CA ARG C 327 -23.83 -21.28 10.33
C ARG C 327 -24.31 -20.45 11.53
N ALA C 328 -25.27 -20.99 12.26
CA ALA C 328 -25.84 -20.32 13.42
C ALA C 328 -24.93 -20.38 14.64
N ARG C 329 -24.01 -21.34 14.68
CA ARG C 329 -23.07 -21.48 15.80
C ARG C 329 -21.76 -20.75 15.61
N TYR C 330 -21.31 -20.67 14.36
CA TYR C 330 -19.94 -20.24 14.06
C TYR C 330 -19.89 -19.16 12.99
N PRO C 331 -19.78 -17.88 13.38
CA PRO C 331 -19.67 -16.85 12.35
C PRO C 331 -18.38 -16.98 11.57
N GLY C 332 -18.45 -16.72 10.26
CA GLY C 332 -17.28 -16.62 9.39
C GLY C 332 -16.99 -17.94 8.73
N VAL C 333 -17.77 -18.96 9.08
CA VAL C 333 -17.51 -20.33 8.60
C VAL C 333 -17.77 -20.50 7.12
N GLU C 334 -18.59 -19.63 6.54
CA GLU C 334 -18.82 -19.70 5.08
C GLU C 334 -17.51 -19.77 4.25
N GLU C 335 -16.42 -19.24 4.81
CA GLU C 335 -15.19 -19.04 4.08
C GLU C 335 -14.22 -20.22 4.19
N LEU C 336 -14.61 -21.26 4.92
CA LEU C 336 -13.74 -22.45 5.14
C LEU C 336 -13.40 -23.15 3.85
N LYS C 337 -12.12 -23.42 3.66
CA LYS C 337 -11.68 -24.09 2.46
C LYS C 337 -11.06 -25.40 2.91
N VAL C 338 -11.49 -26.53 2.31
CA VAL C 338 -10.95 -27.84 2.59
C VAL C 338 -10.38 -28.47 1.33
N ALA C 339 -9.16 -29.00 1.44
CA ALA C 339 -8.52 -29.55 0.23
C ALA C 339 -8.34 -31.06 0.38
N VAL C 340 -8.53 -31.79 -0.72
CA VAL C 340 -8.33 -33.24 -0.70
C VAL C 340 -7.46 -33.54 -1.89
N MET C 341 -6.22 -33.93 -1.67
CA MET C 341 -5.30 -34.01 -2.82
C MET C 341 -4.96 -35.44 -3.19
N GLY C 342 -4.44 -35.62 -4.38
CA GLY C 342 -4.25 -36.95 -4.95
C GLY C 342 -2.85 -37.53 -4.77
N CYS C 343 -1.94 -36.76 -4.20
CA CYS C 343 -0.62 -37.35 -3.92
C CYS C 343 -0.01 -36.64 -2.77
N VAL C 344 0.91 -37.33 -2.09
CA VAL C 344 1.58 -36.79 -0.93
C VAL C 344 2.76 -35.91 -1.33
N VAL C 345 3.52 -36.30 -2.33
CA VAL C 345 4.70 -35.50 -2.69
C VAL C 345 4.33 -34.03 -3.04
N ASN C 346 3.22 -33.82 -3.79
CA ASN C 346 2.82 -32.48 -4.30
C ASN C 346 1.55 -31.87 -3.65
N GLY C 347 0.73 -32.74 -3.08
CA GLY C 347 -0.54 -32.35 -2.48
C GLY C 347 -0.50 -31.13 -1.58
N PRO C 348 0.37 -31.13 -0.55
CA PRO C 348 0.44 -30.03 0.43
C PRO C 348 0.83 -28.70 -0.24
N GLY C 349 1.89 -28.73 -1.05
CA GLY C 349 2.34 -27.56 -1.77
C GLY C 349 1.30 -27.02 -2.74
N GLU C 350 0.47 -27.89 -3.29
CA GLU C 350 -0.63 -27.44 -4.15
C GLU C 350 -1.84 -27.04 -3.29
N SER C 351 -1.71 -27.11 -1.95
CA SER C 351 -2.85 -26.80 -1.08
C SER C 351 -2.58 -25.87 0.08
N LYS C 352 -1.56 -25.05 -0.07
CA LYS C 352 -1.08 -24.11 0.96
C LYS C 352 -2.17 -23.30 1.60
N HIS C 353 -3.17 -22.94 0.78
CA HIS C 353 -4.13 -21.89 1.15
C HIS C 353 -5.42 -22.47 1.68
N ALA C 354 -5.43 -23.77 1.91
CA ALA C 354 -6.56 -24.43 2.54
C ALA C 354 -6.48 -24.30 4.06
N HIS C 355 -7.64 -24.10 4.69
CA HIS C 355 -7.70 -24.13 6.17
C HIS C 355 -7.26 -25.46 6.68
N ILE C 356 -7.75 -26.54 6.06
CA ILE C 356 -7.34 -27.90 6.44
C ILE C 356 -7.33 -28.79 5.21
N GLY C 357 -6.24 -29.51 4.97
CA GLY C 357 -6.22 -30.37 3.80
C GLY C 357 -5.64 -31.74 4.10
N ILE C 358 -5.98 -32.70 3.26
CA ILE C 358 -5.43 -34.06 3.33
C ILE C 358 -4.95 -34.44 1.93
N SER C 359 -3.87 -35.21 1.90
CA SER C 359 -3.27 -35.67 0.64
C SER C 359 -3.24 -37.21 0.67
N LEU C 360 -3.68 -37.86 -0.40
CA LEU C 360 -3.76 -39.35 -0.38
C LEU C 360 -2.60 -40.03 -1.10
N PRO C 361 -2.15 -41.16 -0.58
CA PRO C 361 -1.07 -41.84 -1.30
C PRO C 361 -1.27 -41.86 -2.83
N GLY C 362 -0.15 -41.72 -3.55
CA GLY C 362 -0.14 -41.84 -5.00
C GLY C 362 0.78 -42.98 -5.37
N ALA C 363 1.25 -42.99 -6.61
CA ALA C 363 2.03 -44.13 -7.09
C ALA C 363 3.36 -44.19 -6.34
N GLY C 364 3.71 -45.40 -5.92
CA GLY C 364 4.89 -45.68 -5.10
C GLY C 364 5.10 -44.73 -3.92
N GLU C 365 4.04 -44.47 -3.16
CA GLU C 365 4.14 -43.69 -1.90
C GLU C 365 3.74 -44.53 -0.68
N GLU C 366 4.29 -44.23 0.48
CA GLU C 366 3.90 -44.95 1.69
C GLU C 366 2.37 -44.87 1.90
N PRO C 367 1.76 -45.87 2.55
CA PRO C 367 0.31 -45.73 2.78
C PRO C 367 -0.11 -44.75 3.91
N LYS C 368 0.48 -43.56 3.93
CA LYS C 368 0.23 -42.56 4.97
C LYS C 368 -0.42 -41.34 4.33
N ALA C 369 -1.37 -40.71 5.03
CA ALA C 369 -2.00 -39.49 4.50
C ALA C 369 -1.83 -38.21 5.38
N PRO C 370 -0.92 -37.29 5.01
CA PRO C 370 -0.71 -36.10 5.87
C PRO C 370 -1.90 -35.19 5.84
N VAL C 371 -2.22 -34.66 7.02
CA VAL C 371 -3.28 -33.69 7.19
C VAL C 371 -2.66 -32.34 7.59
N TYR C 372 -2.93 -31.30 6.80
CA TYR C 372 -2.41 -29.95 7.15
C TYR C 372 -3.48 -28.95 7.56
N ALA C 373 -3.17 -28.24 8.65
CA ALA C 373 -3.87 -27.06 9.12
C ALA C 373 -2.80 -25.99 9.22
N ASP C 374 -2.40 -25.50 8.04
CA ASP C 374 -1.35 -24.50 7.77
C ASP C 374 0.07 -25.15 7.95
N GLY C 375 0.34 -25.62 9.17
CA GLY C 375 1.43 -26.52 9.42
C GLY C 375 0.87 -27.92 9.28
N LYS C 376 1.76 -28.89 9.44
CA LYS C 376 1.39 -30.29 9.58
C LYS C 376 0.55 -30.52 10.85
N LEU C 377 -0.64 -31.11 10.76
CA LEU C 377 -1.43 -31.44 11.97
C LEU C 377 -1.27 -32.90 12.44
N LEU C 378 -1.32 -33.86 11.51
CA LEU C 378 -0.96 -35.27 11.77
C LEU C 378 -1.05 -36.12 10.52
N THR C 379 -0.45 -37.32 10.60
CA THR C 379 -0.37 -38.27 9.51
C THR C 379 -1.48 -39.24 9.80
N ILE C 380 -2.28 -39.51 8.79
CA ILE C 380 -3.26 -40.56 8.97
C ILE C 380 -2.77 -41.88 8.37
N LEU C 381 -2.53 -42.85 9.28
CA LEU C 381 -2.20 -44.26 8.96
C LEU C 381 -3.43 -44.85 8.31
N LYS C 382 -3.23 -45.76 7.38
CA LYS C 382 -4.30 -46.08 6.44
C LYS C 382 -5.43 -46.87 7.07
N GLY C 383 -5.94 -46.37 8.20
CA GLY C 383 -7.19 -46.89 8.74
C GLY C 383 -8.26 -46.81 7.66
N GLU C 384 -9.23 -47.71 7.72
CA GLU C 384 -10.37 -47.65 6.82
C GLU C 384 -11.13 -46.37 7.12
N GLY C 385 -11.05 -45.94 8.38
CA GLY C 385 -11.79 -44.80 8.87
C GLY C 385 -11.30 -43.46 8.36
N ILE C 386 -10.25 -43.45 7.53
CA ILE C 386 -9.62 -42.20 7.07
C ILE C 386 -10.65 -41.08 6.88
N ALA C 387 -11.72 -41.41 6.15
CA ALA C 387 -12.81 -40.48 5.85
C ALA C 387 -13.43 -39.83 7.11
N GLU C 388 -13.77 -40.68 8.07
CA GLU C 388 -14.48 -40.28 9.29
C GLU C 388 -13.56 -39.57 10.26
N GLU C 389 -12.31 -40.03 10.28
CA GLU C 389 -11.24 -39.42 11.03
C GLU C 389 -11.02 -38.00 10.54
N PHE C 390 -11.16 -37.81 9.21
CA PHE C 390 -10.90 -36.51 8.60
C PHE C 390 -12.02 -35.53 8.90
N LEU C 391 -13.27 -36.01 8.87
CA LEU C 391 -14.42 -35.14 9.18
C LEU C 391 -14.41 -34.75 10.64
N ARG C 392 -13.98 -35.66 11.49
CA ARG C 392 -13.74 -35.33 12.88
C ARG C 392 -12.72 -34.19 12.93
N LEU C 393 -11.65 -34.26 12.12
CA LEU C 393 -10.65 -33.19 12.13
C LEU C 393 -11.22 -31.90 11.55
N VAL C 394 -11.88 -31.98 10.40
CA VAL C 394 -12.50 -30.78 9.86
C VAL C 394 -13.30 -30.08 10.95
N GLU C 395 -14.21 -30.84 11.58
CA GLU C 395 -15.05 -30.41 12.70
C GLU C 395 -14.28 -29.77 13.89
N ASP C 396 -13.27 -30.48 14.41
CA ASP C 396 -12.56 -29.93 15.56
C ASP C 396 -11.79 -28.68 15.11
N TYR C 397 -11.37 -28.66 13.85
CA TYR C 397 -10.80 -27.45 13.24
C TYR C 397 -11.81 -26.32 13.20
N VAL C 398 -13.02 -26.63 12.74
CA VAL C 398 -14.09 -25.63 12.63
C VAL C 398 -14.46 -24.99 13.97
N LYS C 399 -14.61 -25.81 15.00
CA LYS C 399 -15.12 -25.35 16.26
C LYS C 399 -14.09 -24.49 16.94
N THR C 400 -12.83 -24.74 16.64
CA THR C 400 -11.79 -23.91 17.22
C THR C 400 -11.68 -22.63 16.44
N ARG C 401 -11.46 -22.74 15.15
CA ARG C 401 -11.16 -21.55 14.37
C ARG C 401 -12.35 -20.64 14.15
N PHE C 402 -13.56 -21.18 14.26
CA PHE C 402 -14.75 -20.34 14.08
C PHE C 402 -15.63 -20.15 15.31
N ALA C 403 -15.06 -20.36 16.49
CA ALA C 403 -15.74 -20.06 17.75
C ALA C 403 -16.00 -18.56 17.78
N PRO C 404 -17.13 -18.17 18.33
CA PRO C 404 -17.31 -16.75 18.60
C PRO C 404 -16.34 -16.39 19.71
N LYS C 405 -15.47 -15.40 19.48
CA LYS C 405 -14.33 -15.16 20.39
C LYS C 405 -14.32 -13.81 21.15
N ALA C 406 -15.16 -13.70 22.19
CA ALA C 406 -15.28 -12.48 23.02
C ALA C 406 -13.97 -12.16 23.78
N MET D 4 -5.48 1.73 -26.31
CA MET D 4 -6.62 1.03 -25.67
C MET D 4 -7.04 -0.27 -26.42
N ARG D 5 -6.26 -0.67 -27.44
CA ARG D 5 -6.45 -1.94 -28.17
C ARG D 5 -5.13 -2.69 -28.48
N ARG D 6 -5.22 -4.01 -28.65
CA ARG D 6 -4.05 -4.88 -28.87
C ARG D 6 -3.75 -5.02 -30.35
N PRO D 7 -2.49 -4.86 -30.75
CA PRO D 7 -2.39 -5.00 -32.20
C PRO D 7 -2.40 -6.47 -32.60
N THR D 8 -3.24 -6.81 -33.55
CA THR D 8 -3.29 -8.14 -34.11
C THR D 8 -3.41 -7.98 -35.63
N PRO D 9 -2.93 -8.98 -36.40
CA PRO D 9 -3.33 -9.20 -37.79
C PRO D 9 -4.86 -9.22 -37.92
N THR D 10 -5.35 -9.17 -39.15
CA THR D 10 -6.78 -9.08 -39.38
C THR D 10 -7.29 -10.42 -39.89
N VAL D 11 -8.28 -11.01 -39.20
CA VAL D 11 -8.87 -12.25 -39.75
C VAL D 11 -10.30 -12.05 -40.28
N TYR D 12 -10.48 -12.20 -41.59
CA TYR D 12 -11.79 -12.11 -42.19
C TYR D 12 -12.60 -13.39 -41.99
N VAL D 13 -13.77 -13.29 -41.38
CA VAL D 13 -14.69 -14.44 -41.41
C VAL D 13 -15.91 -14.08 -42.28
N GLY D 14 -15.83 -14.49 -43.56
CA GLY D 14 -16.71 -14.00 -44.60
C GLY D 14 -16.58 -12.49 -44.71
N ARG D 15 -17.67 -11.77 -44.47
CA ARG D 15 -17.65 -10.30 -44.50
C ARG D 15 -16.90 -9.67 -43.29
N VAL D 16 -17.05 -10.25 -42.11
CA VAL D 16 -16.62 -9.57 -40.89
C VAL D 16 -15.06 -9.64 -40.58
N PRO D 17 -14.39 -8.45 -40.57
CA PRO D 17 -13.00 -8.32 -40.12
C PRO D 17 -12.89 -8.46 -38.60
N ILE D 18 -11.81 -9.11 -38.16
CA ILE D 18 -11.60 -9.46 -36.76
C ILE D 18 -10.14 -9.26 -36.35
N GLY D 19 -9.93 -8.33 -35.43
CA GLY D 19 -8.60 -8.04 -34.83
C GLY D 19 -8.47 -6.58 -34.33
N GLY D 20 -7.32 -6.24 -33.75
CA GLY D 20 -7.05 -4.87 -33.27
C GLY D 20 -7.68 -3.72 -34.05
N ALA D 21 -7.49 -3.69 -35.35
CA ALA D 21 -7.96 -2.57 -36.16
C ALA D 21 -9.49 -2.43 -36.25
N HIS D 22 -10.25 -3.40 -35.69
CA HIS D 22 -11.69 -3.48 -35.96
C HIS D 22 -12.55 -3.53 -34.72
N PRO D 23 -13.81 -3.14 -34.86
CA PRO D 23 -14.74 -3.21 -33.75
C PRO D 23 -14.85 -4.64 -33.31
N ILE D 24 -15.12 -4.83 -32.02
CA ILE D 24 -15.29 -6.16 -31.50
C ILE D 24 -16.62 -6.72 -31.97
N ALA D 25 -16.56 -7.92 -32.55
CA ALA D 25 -17.73 -8.68 -33.01
C ALA D 25 -18.22 -9.71 -31.98
N VAL D 26 -19.49 -10.07 -32.08
CA VAL D 26 -20.06 -11.07 -31.20
C VAL D 26 -20.51 -12.31 -31.93
N GLN D 27 -19.92 -13.42 -31.52
CA GLN D 27 -20.33 -14.73 -32.00
C GLN D 27 -21.59 -15.18 -31.23
N SER D 28 -22.56 -15.78 -31.94
CA SER D 28 -23.69 -16.49 -31.32
C SER D 28 -23.70 -17.99 -31.71
N MET D 29 -24.73 -18.73 -31.27
CA MET D 29 -24.84 -20.18 -31.57
C MET D 29 -26.28 -20.67 -31.75
N THR D 30 -26.55 -21.46 -32.78
CA THR D 30 -27.90 -22.06 -32.92
C THR D 30 -28.08 -23.31 -32.06
N ASN D 31 -29.33 -23.57 -31.67
CA ASN D 31 -29.70 -24.83 -31.01
C ASN D 31 -30.84 -25.59 -31.73
N THR D 32 -30.99 -25.33 -33.02
CA THR D 32 -31.90 -26.09 -33.87
C THR D 32 -31.19 -27.34 -34.40
N PRO D 33 -31.96 -28.41 -34.71
CA PRO D 33 -31.39 -29.45 -35.56
C PRO D 33 -30.93 -28.80 -36.87
N THR D 34 -29.62 -28.69 -37.07
CA THR D 34 -29.06 -28.11 -38.30
C THR D 34 -29.73 -28.70 -39.57
N ARG D 35 -30.15 -29.96 -39.46
CA ARG D 35 -30.79 -30.72 -40.55
C ARG D 35 -32.05 -30.02 -41.03
N ASP D 36 -32.72 -29.35 -40.10
CA ASP D 36 -33.94 -28.60 -40.34
C ASP D 36 -33.55 -27.25 -40.94
N VAL D 37 -33.68 -27.11 -42.26
CA VAL D 37 -33.31 -25.89 -43.02
C VAL D 37 -34.15 -24.65 -42.64
N GLU D 38 -35.46 -24.82 -42.49
CA GLU D 38 -36.41 -23.75 -42.07
C GLU D 38 -36.16 -23.19 -40.65
N ALA D 39 -36.02 -24.10 -39.68
CA ALA D 39 -35.79 -23.72 -38.29
C ALA D 39 -34.42 -23.07 -38.09
N THR D 40 -33.35 -23.69 -38.59
CA THR D 40 -32.00 -23.12 -38.39
C THR D 40 -31.83 -21.79 -39.16
N THR D 41 -32.32 -21.73 -40.39
CA THR D 41 -32.22 -20.52 -41.22
C THR D 41 -32.81 -19.32 -40.49
N ALA D 42 -34.05 -19.48 -40.02
CA ALA D 42 -34.75 -18.45 -39.25
C ALA D 42 -34.00 -18.05 -37.97
N GLN D 43 -33.38 -19.03 -37.30
CA GLN D 43 -32.64 -18.75 -36.07
C GLN D 43 -31.38 -17.93 -36.31
N VAL D 44 -30.62 -18.29 -37.34
CA VAL D 44 -29.44 -17.47 -37.66
C VAL D 44 -29.90 -16.05 -37.96
N LEU D 45 -31.10 -15.92 -38.51
CA LEU D 45 -31.70 -14.61 -38.78
C LEU D 45 -32.05 -13.86 -37.51
N GLU D 46 -32.67 -14.53 -36.53
CA GLU D 46 -33.01 -13.83 -35.29
C GLU D 46 -31.77 -13.49 -34.45
N LEU D 47 -30.78 -14.38 -34.47
CA LEU D 47 -29.52 -14.17 -33.77
C LEU D 47 -28.75 -13.00 -34.39
N HIS D 48 -28.79 -12.90 -35.72
CA HIS D 48 -28.15 -11.80 -36.43
C HIS D 48 -28.83 -10.48 -36.09
N ARG D 49 -30.15 -10.48 -36.14
CA ARG D 49 -30.96 -9.29 -35.89
C ARG D 49 -31.01 -8.84 -34.41
N ALA D 50 -30.72 -9.74 -33.48
CA ALA D 50 -30.56 -9.33 -32.10
C ALA D 50 -29.20 -8.68 -31.95
N GLY D 51 -28.44 -8.63 -33.04
CA GLY D 51 -27.13 -7.98 -33.06
C GLY D 51 -26.01 -8.97 -32.83
N SER D 52 -25.67 -9.71 -33.87
CA SER D 52 -24.61 -10.73 -33.81
C SER D 52 -24.11 -10.89 -35.24
N GLU D 53 -22.80 -10.80 -35.44
CA GLU D 53 -22.25 -10.70 -36.79
C GLU D 53 -21.80 -12.06 -37.31
N ILE D 54 -21.72 -13.02 -36.39
CA ILE D 54 -21.13 -14.32 -36.68
C ILE D 54 -21.98 -15.38 -35.98
N VAL D 55 -22.39 -16.40 -36.73
CA VAL D 55 -23.23 -17.46 -36.19
C VAL D 55 -22.56 -18.86 -36.31
N ARG D 56 -22.47 -19.59 -35.20
CA ARG D 56 -21.97 -20.98 -35.18
C ARG D 56 -23.07 -22.05 -35.29
N LEU D 57 -23.04 -22.80 -36.39
CA LEU D 57 -23.89 -23.97 -36.62
C LEU D 57 -23.14 -25.24 -36.27
N THR D 58 -23.92 -26.23 -35.84
CA THR D 58 -23.41 -27.52 -35.50
C THR D 58 -23.57 -28.44 -36.71
N VAL D 59 -22.45 -29.00 -37.16
CA VAL D 59 -22.46 -30.01 -38.24
C VAL D 59 -21.78 -31.27 -37.70
N ASN D 60 -22.48 -32.41 -37.78
CA ASN D 60 -22.03 -33.68 -37.15
C ASN D 60 -22.48 -34.96 -37.85
N ASP D 61 -23.73 -34.97 -38.31
CA ASP D 61 -24.13 -35.97 -39.27
C ASP D 61 -24.14 -35.45 -40.72
N GLU D 62 -24.10 -36.41 -41.63
CA GLU D 62 -24.05 -36.14 -43.06
C GLU D 62 -25.39 -35.52 -43.50
N GLU D 63 -26.43 -35.83 -42.74
CA GLU D 63 -27.75 -35.19 -42.83
C GLU D 63 -27.65 -33.66 -42.63
N ALA D 64 -26.80 -33.21 -41.70
CA ALA D 64 -26.59 -31.78 -41.44
C ALA D 64 -25.66 -31.14 -42.48
N ALA D 65 -24.64 -31.91 -42.92
CA ALA D 65 -23.67 -31.46 -43.90
C ALA D 65 -24.37 -31.01 -45.17
N LYS D 66 -25.34 -31.78 -45.63
CA LYS D 66 -26.09 -31.43 -46.84
C LYS D 66 -27.15 -30.34 -46.63
N ALA D 67 -27.37 -29.93 -45.37
CA ALA D 67 -28.23 -28.78 -45.10
C ALA D 67 -27.47 -27.43 -45.15
N VAL D 68 -26.19 -27.46 -44.76
CA VAL D 68 -25.36 -26.26 -44.70
C VAL D 68 -25.45 -25.38 -45.96
N PRO D 69 -25.00 -25.89 -47.14
CA PRO D 69 -25.02 -25.05 -48.36
C PRO D 69 -26.40 -24.44 -48.63
N GLU D 70 -27.44 -25.21 -48.34
CA GLU D 70 -28.85 -24.79 -48.45
C GLU D 70 -29.23 -23.74 -47.38
N ILE D 71 -28.68 -23.84 -46.16
CA ILE D 71 -28.85 -22.78 -45.15
C ILE D 71 -28.25 -21.42 -45.65
N LYS D 72 -26.98 -21.44 -46.09
CA LYS D 72 -26.35 -20.26 -46.70
C LYS D 72 -27.14 -19.72 -47.93
N ARG D 73 -27.61 -20.61 -48.78
CA ARG D 73 -28.34 -20.18 -49.96
C ARG D 73 -29.61 -19.41 -49.57
N ARG D 74 -30.30 -19.89 -48.53
CA ARG D 74 -31.58 -19.28 -48.10
C ARG D 74 -31.40 -17.92 -47.43
N LEU D 75 -30.31 -17.76 -46.69
CA LEU D 75 -29.90 -16.50 -46.08
C LEU D 75 -29.52 -15.43 -47.12
N LEU D 76 -28.78 -15.86 -48.15
CA LEU D 76 -28.45 -15.02 -49.32
C LEU D 76 -29.69 -14.48 -50.04
N ALA D 77 -30.68 -15.36 -50.26
CA ALA D 77 -31.97 -15.00 -50.88
C ALA D 77 -32.81 -14.06 -50.01
N GLU D 78 -32.50 -14.02 -48.71
CA GLU D 78 -33.10 -13.07 -47.78
C GLU D 78 -32.28 -11.79 -47.75
N GLY D 79 -31.17 -11.78 -48.49
CA GLY D 79 -30.26 -10.65 -48.55
C GLY D 79 -29.32 -10.58 -47.36
N VAL D 80 -29.55 -11.38 -46.33
CA VAL D 80 -28.73 -11.33 -45.12
C VAL D 80 -27.44 -12.15 -45.31
N GLU D 81 -26.30 -11.47 -45.24
CA GLU D 81 -24.99 -12.06 -45.56
C GLU D 81 -24.16 -12.30 -44.30
N VAL D 82 -24.78 -12.87 -43.27
CA VAL D 82 -24.09 -13.24 -42.04
C VAL D 82 -23.22 -14.50 -42.24
N PRO D 83 -21.92 -14.42 -41.89
CA PRO D 83 -21.01 -15.57 -41.91
C PRO D 83 -21.40 -16.70 -40.97
N LEU D 84 -21.24 -17.93 -41.44
CA LEU D 84 -21.51 -19.14 -40.66
C LEU D 84 -20.22 -19.83 -40.25
N VAL D 85 -20.22 -20.41 -39.05
CA VAL D 85 -19.09 -21.14 -38.46
C VAL D 85 -19.51 -22.59 -38.13
N GLY D 86 -18.71 -23.57 -38.56
CA GLY D 86 -19.00 -24.96 -38.20
C GLY D 86 -18.16 -25.47 -37.03
N ASP D 87 -18.82 -26.11 -36.07
CA ASP D 87 -18.11 -27.01 -35.15
C ASP D 87 -18.41 -28.48 -35.49
N PHE D 88 -17.42 -29.35 -35.30
CA PHE D 88 -17.52 -30.75 -35.77
C PHE D 88 -17.18 -31.77 -34.70
N HIS D 89 -17.92 -32.88 -34.68
CA HIS D 89 -17.87 -33.86 -33.58
C HIS D 89 -16.66 -34.79 -33.54
N PHE D 90 -16.09 -35.08 -34.71
CA PHE D 90 -15.04 -36.10 -34.89
C PHE D 90 -15.07 -36.49 -36.36
N ASN D 91 -16.29 -36.46 -36.90
CA ASN D 91 -16.50 -36.66 -38.30
C ASN D 91 -15.99 -35.47 -39.11
N GLY D 92 -15.44 -34.48 -38.41
CA GLY D 92 -15.04 -33.21 -39.01
C GLY D 92 -14.48 -33.32 -40.42
N HIS D 93 -13.21 -33.70 -40.50
CA HIS D 93 -12.47 -33.81 -41.76
C HIS D 93 -13.18 -34.66 -42.81
N LEU D 94 -13.70 -35.81 -42.40
CA LEU D 94 -14.46 -36.71 -43.28
C LEU D 94 -15.62 -35.97 -44.01
N LEU D 95 -16.48 -35.31 -43.22
CA LEU D 95 -17.64 -34.58 -43.75
C LEU D 95 -17.28 -33.44 -44.71
N LEU D 96 -16.15 -32.78 -44.47
CA LEU D 96 -15.73 -31.67 -45.33
C LEU D 96 -15.22 -32.17 -46.71
N ARG D 97 -14.39 -33.22 -46.69
CA ARG D 97 -13.88 -33.81 -47.89
C ARG D 97 -14.96 -34.57 -48.64
N LYS D 98 -16.04 -34.92 -47.95
CA LYS D 98 -17.18 -35.62 -48.58
C LYS D 98 -18.20 -34.62 -49.14
N TYR D 99 -18.39 -33.53 -48.41
CA TYR D 99 -19.27 -32.45 -48.84
C TYR D 99 -18.45 -31.15 -49.00
N PRO D 100 -17.97 -30.86 -50.23
CA PRO D 100 -17.10 -29.73 -50.61
C PRO D 100 -17.80 -28.37 -50.59
N LYS D 101 -19.05 -28.36 -51.02
CA LYS D 101 -19.92 -27.18 -50.99
C LYS D 101 -20.44 -26.86 -49.56
N MET D 102 -20.56 -27.87 -48.68
CA MET D 102 -20.78 -27.57 -47.25
C MET D 102 -19.55 -26.90 -46.69
N ALA D 103 -18.38 -27.52 -46.86
CA ALA D 103 -17.09 -26.88 -46.57
C ALA D 103 -16.97 -25.40 -47.02
N GLU D 104 -17.35 -25.14 -48.28
CA GLU D 104 -17.24 -23.80 -48.84
C GLU D 104 -18.36 -22.85 -48.38
N ALA D 105 -19.47 -23.39 -47.88
CA ALA D 105 -20.53 -22.52 -47.37
C ALA D 105 -20.18 -21.98 -45.96
N LEU D 106 -19.29 -22.71 -45.26
CA LEU D 106 -18.74 -22.25 -43.99
C LEU D 106 -17.65 -21.21 -44.24
N ASP D 107 -17.47 -20.36 -43.23
CA ASP D 107 -16.55 -19.24 -43.29
C ASP D 107 -15.41 -19.30 -42.27
N LYS D 108 -15.60 -20.08 -41.20
CA LYS D 108 -14.62 -20.28 -40.12
C LYS D 108 -14.84 -21.73 -39.64
N PHE D 109 -13.76 -22.44 -39.32
CA PHE D 109 -13.91 -23.75 -38.72
C PHE D 109 -13.53 -23.65 -37.25
N ARG D 110 -14.36 -24.20 -36.36
CA ARG D 110 -13.94 -24.39 -34.98
C ARG D 110 -13.24 -25.77 -34.84
N ILE D 111 -12.09 -25.76 -34.15
CA ILE D 111 -11.33 -26.93 -33.80
C ILE D 111 -10.85 -26.84 -32.34
N ASN D 112 -10.85 -27.95 -31.61
CA ASN D 112 -10.13 -27.97 -30.34
C ASN D 112 -8.85 -28.82 -30.44
N PRO D 113 -7.66 -28.24 -30.12
CA PRO D 113 -6.31 -28.84 -30.13
C PRO D 113 -6.26 -30.38 -30.07
N GLU D 124 -4.94 -39.21 -38.04
CA GLU D 124 -5.61 -38.09 -38.69
C GLU D 124 -5.72 -36.87 -37.74
N HIS D 125 -6.82 -36.79 -36.99
CA HIS D 125 -7.00 -35.80 -35.92
C HIS D 125 -7.19 -34.36 -36.42
N PHE D 126 -6.51 -33.45 -35.72
CA PHE D 126 -6.51 -31.99 -35.87
C PHE D 126 -5.70 -31.54 -37.07
N ALA D 127 -4.56 -32.19 -37.30
CA ALA D 127 -3.69 -31.94 -38.46
C ALA D 127 -4.41 -32.06 -39.80
N GLU D 128 -5.27 -33.07 -39.89
CA GLU D 128 -6.10 -33.29 -41.06
C GLU D 128 -7.24 -32.25 -41.15
N MET D 129 -7.25 -31.30 -40.22
CA MET D 129 -8.22 -30.20 -40.24
C MET D 129 -7.56 -28.85 -40.53
N ILE D 130 -6.31 -28.68 -40.06
CA ILE D 130 -5.49 -27.54 -40.48
C ILE D 130 -5.16 -27.67 -41.99
N ARG D 131 -4.83 -28.89 -42.42
CA ARG D 131 -4.66 -29.24 -43.84
C ARG D 131 -5.83 -28.77 -44.71
N ILE D 132 -7.05 -29.16 -44.34
CA ILE D 132 -8.22 -28.84 -45.17
C ILE D 132 -8.70 -27.40 -45.00
N ALA D 133 -8.11 -26.68 -44.05
CA ALA D 133 -8.36 -25.24 -43.93
C ALA D 133 -7.30 -24.41 -44.68
N MET D 134 -6.07 -24.91 -44.71
CA MET D 134 -5.05 -24.20 -45.46
C MET D 134 -5.32 -24.38 -46.96
N ASP D 135 -5.74 -25.58 -47.35
CA ASP D 135 -6.17 -25.86 -48.73
C ASP D 135 -7.38 -25.01 -49.12
N LEU D 136 -8.25 -24.73 -48.16
CA LEU D 136 -9.55 -24.11 -48.49
C LEU D 136 -9.58 -22.58 -48.47
N GLY D 137 -8.58 -21.95 -47.86
CA GLY D 137 -8.53 -20.51 -47.73
C GLY D 137 -9.28 -20.03 -46.49
N LYS D 138 -9.79 -20.96 -45.69
CA LYS D 138 -10.66 -20.61 -44.59
C LYS D 138 -9.88 -20.37 -43.32
N PRO D 139 -10.43 -19.52 -42.43
CA PRO D 139 -9.92 -19.33 -41.07
C PRO D 139 -10.44 -20.37 -40.05
N VAL D 140 -9.65 -20.66 -39.01
CA VAL D 140 -10.10 -21.49 -37.89
C VAL D 140 -9.98 -20.79 -36.52
N ARG D 141 -10.85 -21.14 -35.58
CA ARG D 141 -10.58 -20.83 -34.17
C ARG D 141 -10.03 -22.10 -33.49
N ILE D 142 -8.82 -22.01 -32.96
CA ILE D 142 -8.28 -23.05 -32.08
C ILE D 142 -8.69 -22.76 -30.64
N GLY D 143 -9.65 -23.53 -30.13
CA GLY D 143 -10.11 -23.40 -28.74
C GLY D 143 -9.57 -24.46 -27.78
N ALA D 144 -8.49 -24.15 -27.08
CA ALA D 144 -7.96 -25.04 -26.05
C ALA D 144 -9.04 -25.31 -25.00
N ASN D 145 -8.92 -26.44 -24.29
CA ASN D 145 -9.86 -26.82 -23.24
C ASN D 145 -9.41 -28.01 -22.37
N TRP D 146 -10.22 -28.36 -21.38
CA TRP D 146 -9.89 -29.41 -20.41
C TRP D 146 -9.60 -30.80 -21.01
N GLY D 147 -10.56 -31.33 -21.75
CA GLY D 147 -10.39 -32.61 -22.42
C GLY D 147 -9.61 -32.44 -23.72
N SER D 148 -8.43 -31.84 -23.60
CA SER D 148 -7.55 -31.57 -24.74
C SER D 148 -6.14 -31.36 -24.20
N LEU D 149 -6.08 -31.19 -22.87
CA LEU D 149 -4.82 -31.15 -22.15
C LEU D 149 -4.20 -32.50 -22.27
N ASP D 150 -2.96 -32.50 -22.77
CA ASP D 150 -2.14 -33.69 -22.73
C ASP D 150 -1.91 -34.03 -21.22
N PRO D 151 -2.41 -35.21 -20.80
CA PRO D 151 -2.22 -35.75 -19.44
C PRO D 151 -0.78 -35.76 -18.98
N ALA D 152 0.16 -35.84 -19.92
CA ALA D 152 1.59 -35.87 -19.59
C ALA D 152 2.16 -34.49 -19.27
N LEU D 153 1.75 -33.47 -20.07
CA LEU D 153 2.15 -32.07 -19.85
C LEU D 153 1.77 -31.62 -18.45
N LEU D 154 0.48 -31.75 -18.12
CA LEU D 154 -0.09 -31.43 -16.81
C LEU D 154 0.71 -32.07 -15.68
N THR D 155 1.03 -33.35 -15.83
CA THR D 155 1.89 -34.02 -14.84
C THR D 155 3.25 -33.34 -14.74
N GLU D 156 3.76 -32.92 -15.89
CA GLU D 156 5.08 -32.30 -15.95
C GLU D 156 5.04 -30.88 -15.30
N LEU D 157 4.02 -30.10 -15.63
CA LEU D 157 3.84 -28.76 -15.09
C LEU D 157 3.68 -28.78 -13.57
N MET D 158 2.96 -29.78 -13.07
CA MET D 158 2.83 -30.01 -11.64
C MET D 158 4.17 -30.27 -10.95
N ASP D 159 5.06 -31.01 -11.60
CA ASP D 159 6.41 -31.20 -11.11
C ASP D 159 7.18 -29.88 -11.09
N ARG D 160 7.09 -29.13 -12.18
CA ARG D 160 7.75 -27.84 -12.23
C ARG D 160 7.26 -26.97 -11.08
N ASN D 161 5.94 -26.99 -10.84
CA ASN D 161 5.31 -26.19 -9.80
C ASN D 161 5.85 -26.52 -8.40
N ALA D 162 5.97 -27.81 -8.12
CA ALA D 162 6.43 -28.28 -6.82
C ALA D 162 7.86 -27.84 -6.55
N SER D 163 8.61 -27.59 -7.59
CA SER D 163 10.02 -27.28 -7.39
C SER D 163 10.26 -25.78 -7.13
N ARG D 164 9.21 -24.99 -7.37
CA ARG D 164 9.20 -23.54 -7.17
C ARG D 164 9.33 -23.19 -5.71
N PRO D 165 10.01 -22.07 -5.40
CA PRO D 165 10.07 -21.65 -3.97
C PRO D 165 8.69 -21.42 -3.34
N GLU D 166 7.69 -21.07 -4.16
CA GLU D 166 6.30 -20.81 -3.75
C GLU D 166 5.39 -21.46 -4.75
N PRO D 167 5.07 -22.74 -4.55
CA PRO D 167 4.20 -23.42 -5.55
C PRO D 167 2.80 -22.84 -5.54
N LYS D 168 2.12 -22.88 -6.69
CA LYS D 168 0.76 -22.38 -6.81
C LYS D 168 -0.25 -23.50 -6.52
N SER D 169 -1.54 -23.17 -6.51
CA SER D 169 -2.54 -24.15 -6.21
C SER D 169 -2.70 -25.13 -7.40
N ALA D 170 -3.32 -26.28 -7.15
CA ALA D 170 -3.50 -27.23 -8.21
C ALA D 170 -4.31 -26.57 -9.32
N HIS D 171 -5.33 -25.79 -8.96
CA HIS D 171 -6.14 -25.16 -9.97
C HIS D 171 -5.30 -24.15 -10.74
N GLU D 172 -4.40 -23.46 -10.03
CA GLU D 172 -3.54 -22.53 -10.70
C GLU D 172 -2.63 -23.23 -11.70
N VAL D 173 -2.21 -24.45 -11.39
CA VAL D 173 -1.45 -25.20 -12.41
C VAL D 173 -2.29 -25.67 -13.62
N VAL D 174 -3.51 -26.12 -13.37
CA VAL D 174 -4.42 -26.49 -14.43
C VAL D 174 -4.55 -25.33 -15.41
N LEU D 175 -4.60 -24.09 -14.92
CA LEU D 175 -4.64 -22.89 -15.83
C LEU D 175 -3.37 -22.69 -16.63
N GLU D 176 -2.21 -22.96 -16.03
CA GLU D 176 -0.97 -22.92 -16.82
C GLU D 176 -1.03 -23.93 -17.97
N ALA D 177 -1.48 -25.15 -17.66
CA ALA D 177 -1.51 -26.26 -18.61
C ALA D 177 -2.37 -25.87 -19.80
N LEU D 178 -3.50 -25.25 -19.49
CA LEU D 178 -4.44 -24.75 -20.47
C LEU D 178 -3.87 -23.63 -21.39
N VAL D 179 -3.08 -22.73 -20.82
CA VAL D 179 -2.44 -21.69 -21.64
C VAL D 179 -1.40 -22.33 -22.53
N GLU D 180 -0.47 -23.05 -21.91
CA GLU D 180 0.52 -23.81 -22.66
C GLU D 180 -0.09 -24.65 -23.80
N SER D 181 -1.15 -25.36 -23.46
CA SER D 181 -1.85 -26.19 -24.41
C SER D 181 -2.47 -25.36 -25.53
N ALA D 182 -2.76 -24.08 -25.25
CA ALA D 182 -3.32 -23.18 -26.25
C ALA D 182 -2.21 -22.61 -27.07
N VAL D 183 -1.13 -22.14 -26.41
CA VAL D 183 0.05 -21.60 -27.10
C VAL D 183 0.69 -22.63 -28.05
N ARG D 184 0.80 -23.89 -27.58
CA ARG D 184 1.39 -24.95 -28.41
C ARG D 184 0.62 -25.17 -29.71
N ALA D 185 -0.65 -25.56 -29.62
CA ALA D 185 -1.52 -25.69 -30.81
C ALA D 185 -1.46 -24.48 -31.79
N TYR D 186 -1.23 -23.29 -31.25
CA TYR D 186 -1.00 -22.09 -32.03
C TYR D 186 0.32 -22.23 -32.82
N GLU D 187 1.44 -22.31 -32.09
CA GLU D 187 2.75 -22.54 -32.69
C GLU D 187 2.69 -23.57 -33.78
N ALA D 188 2.01 -24.69 -33.47
CA ALA D 188 1.79 -25.77 -34.40
C ALA D 188 1.24 -25.29 -35.74
N ALA D 189 -0.01 -24.81 -35.75
CA ALA D 189 -0.71 -24.40 -36.98
C ALA D 189 0.12 -23.50 -37.90
N LEU D 190 0.79 -22.52 -37.31
CA LEU D 190 1.71 -21.63 -37.99
C LEU D 190 2.81 -22.38 -38.74
N GLU D 191 3.46 -23.31 -38.03
CA GLU D 191 4.53 -24.15 -38.60
C GLU D 191 4.00 -24.97 -39.76
N MET D 192 2.84 -25.60 -39.53
CA MET D 192 2.13 -26.41 -40.51
C MET D 192 1.90 -25.71 -41.87
N GLY D 193 1.60 -24.42 -41.84
CA GLY D 193 1.31 -23.68 -43.06
C GLY D 193 -0.09 -23.10 -43.06
N LEU D 194 -0.34 -22.21 -42.10
CA LEU D 194 -1.59 -21.49 -41.95
C LEU D 194 -1.14 -20.12 -41.52
N GLY D 195 -1.64 -19.09 -42.18
CA GLY D 195 -1.25 -17.71 -41.88
C GLY D 195 -1.78 -17.11 -40.58
N GLU D 196 -0.97 -16.25 -39.95
CA GLU D 196 -1.43 -15.32 -38.95
C GLU D 196 -2.70 -14.69 -39.52
N ASP D 197 -2.84 -14.87 -40.83
CA ASP D 197 -3.97 -14.39 -41.60
C ASP D 197 -5.30 -15.04 -41.19
N LYS D 198 -5.26 -16.28 -40.71
CA LYS D 198 -6.46 -17.10 -40.67
C LYS D 198 -6.50 -17.91 -39.39
N LEU D 199 -5.92 -17.33 -38.35
CA LEU D 199 -5.83 -18.00 -37.07
C LEU D 199 -6.34 -17.15 -35.90
N VAL D 200 -7.45 -17.60 -35.30
CA VAL D 200 -8.06 -17.01 -34.09
C VAL D 200 -7.90 -18.00 -32.90
N LEU D 201 -7.73 -17.48 -31.69
CA LEU D 201 -7.40 -18.32 -30.53
C LEU D 201 -8.31 -18.13 -29.30
N SER D 202 -8.72 -19.23 -28.67
CA SER D 202 -9.43 -19.17 -27.38
C SER D 202 -9.04 -20.25 -26.39
N ALA D 203 -9.47 -20.07 -25.15
CA ALA D 203 -9.17 -21.00 -24.06
C ALA D 203 -10.17 -20.81 -22.93
N LYS D 204 -11.38 -21.36 -23.10
CA LYS D 204 -12.47 -21.13 -22.15
C LYS D 204 -12.27 -21.69 -20.74
N VAL D 205 -12.54 -20.86 -19.73
CA VAL D 205 -12.53 -21.27 -18.34
C VAL D 205 -13.83 -20.81 -17.71
N SER D 206 -14.00 -21.00 -16.41
CA SER D 206 -15.29 -20.95 -15.71
C SER D 206 -15.47 -19.72 -14.85
N LYS D 207 -14.35 -19.19 -14.36
CA LYS D 207 -14.37 -18.14 -13.39
C LYS D 207 -13.67 -16.89 -13.93
N ALA D 208 -14.24 -15.74 -13.58
CA ALA D 208 -13.69 -14.44 -13.90
C ALA D 208 -12.17 -14.34 -13.75
N ARG D 209 -11.61 -14.51 -12.54
CA ARG D 209 -10.16 -14.27 -12.36
C ARG D 209 -9.33 -15.07 -13.36
N ASP D 210 -9.70 -16.35 -13.47
CA ASP D 210 -9.09 -17.34 -14.36
C ASP D 210 -9.05 -16.80 -15.80
N LEU D 211 -10.22 -16.41 -16.29
CA LEU D 211 -10.30 -15.86 -17.64
C LEU D 211 -9.31 -14.71 -17.82
N VAL D 212 -9.25 -13.81 -16.85
CA VAL D 212 -8.37 -12.66 -16.93
C VAL D 212 -6.93 -13.13 -16.99
N TRP D 213 -6.62 -14.15 -16.20
CA TRP D 213 -5.21 -14.53 -16.07
C TRP D 213 -4.78 -15.23 -17.38
N VAL D 214 -5.67 -16.10 -17.87
CA VAL D 214 -5.42 -16.94 -19.03
C VAL D 214 -5.29 -16.07 -20.28
N TYR D 215 -6.25 -15.19 -20.54
CA TYR D 215 -6.15 -14.28 -21.68
C TYR D 215 -5.08 -13.18 -21.56
N ARG D 216 -4.66 -12.79 -20.36
CA ARG D 216 -3.47 -11.94 -20.32
C ARG D 216 -2.26 -12.77 -20.84
N GLU D 217 -2.14 -14.01 -20.39
CA GLU D 217 -1.09 -14.96 -20.85
C GLU D 217 -1.06 -15.13 -22.37
N LEU D 218 -2.15 -15.65 -22.91
CA LEU D 218 -2.43 -15.68 -24.38
C LEU D 218 -2.21 -14.35 -25.11
N ALA D 219 -2.63 -13.23 -24.53
CA ALA D 219 -2.36 -11.89 -25.14
C ALA D 219 -0.89 -11.56 -25.31
N ARG D 220 -0.12 -11.89 -24.27
CA ARG D 220 1.29 -11.56 -24.24
C ARG D 220 2.09 -12.56 -25.07
N ARG D 221 1.70 -13.83 -25.04
CA ARG D 221 2.53 -14.88 -25.66
C ARG D 221 2.28 -15.19 -27.13
N THR D 222 1.02 -15.10 -27.58
CA THR D 222 0.67 -15.20 -28.99
C THR D 222 0.48 -13.81 -29.61
N GLN D 223 0.27 -13.77 -30.94
CA GLN D 223 -0.03 -12.52 -31.64
C GLN D 223 -1.45 -12.59 -32.22
N ALA D 224 -2.22 -13.58 -31.79
CA ALA D 224 -3.46 -13.94 -32.45
C ALA D 224 -4.62 -13.10 -31.99
N PRO D 225 -5.57 -12.84 -32.87
CA PRO D 225 -6.86 -12.34 -32.42
C PRO D 225 -7.39 -13.31 -31.37
N LEU D 226 -8.02 -12.76 -30.32
CA LEU D 226 -8.52 -13.55 -29.21
C LEU D 226 -10.05 -13.52 -29.06
N HIS D 227 -10.63 -14.71 -28.87
CA HIS D 227 -12.07 -14.94 -28.75
C HIS D 227 -12.34 -15.14 -27.29
N LEU D 228 -13.05 -14.21 -26.64
CA LEU D 228 -13.16 -14.26 -25.19
C LEU D 228 -14.53 -14.81 -24.87
N GLY D 229 -14.55 -15.75 -23.95
CA GLY D 229 -15.77 -16.40 -23.54
C GLY D 229 -15.55 -17.15 -22.24
N LEU D 230 -16.60 -17.22 -21.44
CA LEU D 230 -16.65 -18.06 -20.25
C LEU D 230 -17.26 -19.41 -20.59
N THR D 231 -17.05 -20.45 -19.78
CA THR D 231 -17.76 -21.71 -20.07
C THR D 231 -19.26 -21.58 -19.89
N GLU D 232 -19.99 -22.53 -20.45
CA GLU D 232 -21.44 -22.54 -20.40
C GLU D 232 -21.93 -22.45 -18.97
N ALA D 233 -22.93 -21.61 -18.75
CA ALA D 233 -23.62 -21.52 -17.47
C ALA D 233 -25.09 -21.24 -17.77
N GLY D 234 -25.96 -21.58 -16.82
CA GLY D 234 -27.38 -21.34 -16.97
C GLY D 234 -27.72 -19.88 -16.76
N MET D 235 -28.88 -19.48 -17.26
CA MET D 235 -29.38 -18.11 -17.14
C MET D 235 -29.61 -17.69 -15.70
N GLY D 236 -29.18 -16.47 -15.38
CA GLY D 236 -29.44 -15.86 -14.06
C GLY D 236 -28.65 -14.60 -13.77
N VAL D 237 -28.74 -14.12 -12.54
CA VAL D 237 -27.90 -13.03 -12.10
C VAL D 237 -26.44 -13.49 -12.10
N LYS D 238 -26.19 -14.63 -11.48
CA LYS D 238 -24.86 -15.24 -11.42
C LYS D 238 -24.16 -15.23 -12.78
N GLY D 239 -24.86 -15.67 -13.82
CA GLY D 239 -24.27 -15.86 -15.13
C GLY D 239 -24.02 -14.56 -15.88
N ILE D 240 -24.97 -13.64 -15.78
CA ILE D 240 -24.85 -12.32 -16.37
C ILE D 240 -23.67 -11.61 -15.73
N VAL D 241 -23.64 -11.63 -14.41
CA VAL D 241 -22.61 -10.97 -13.64
C VAL D 241 -21.22 -11.51 -13.96
N ALA D 242 -21.09 -12.84 -13.87
CA ALA D 242 -19.82 -13.49 -14.10
C ALA D 242 -19.27 -13.17 -15.47
N SER D 243 -20.15 -13.13 -16.50
CA SER D 243 -19.61 -12.84 -17.84
C SER D 243 -19.23 -11.37 -17.99
N ALA D 244 -19.94 -10.49 -17.27
CA ALA D 244 -19.57 -9.09 -17.20
C ALA D 244 -18.28 -8.89 -16.39
N ALA D 245 -18.19 -9.53 -15.22
CA ALA D 245 -17.00 -9.45 -14.38
C ALA D 245 -15.75 -10.02 -15.10
N ALA D 246 -15.95 -10.89 -16.06
CA ALA D 246 -14.83 -11.58 -16.65
C ALA D 246 -14.33 -10.85 -17.85
N LEU D 247 -15.25 -10.35 -18.69
CA LEU D 247 -14.88 -9.72 -19.94
C LEU D 247 -14.43 -8.27 -19.77
N ALA D 248 -15.04 -7.60 -18.80
CA ALA D 248 -14.78 -6.17 -18.64
C ALA D 248 -13.29 -5.90 -18.39
N PRO D 249 -12.69 -6.52 -17.35
CA PRO D 249 -11.30 -6.11 -17.05
C PRO D 249 -10.38 -6.27 -18.24
N LEU D 250 -10.63 -7.29 -19.08
CA LEU D 250 -9.83 -7.49 -20.28
C LEU D 250 -10.12 -6.48 -21.37
N LEU D 251 -11.39 -6.30 -21.75
CA LEU D 251 -11.75 -5.30 -22.74
C LEU D 251 -11.35 -3.87 -22.32
N LEU D 252 -11.42 -3.54 -21.02
CA LEU D 252 -10.72 -2.31 -20.56
C LEU D 252 -9.23 -2.26 -20.94
N GLU D 253 -8.56 -3.39 -20.89
CA GLU D 253 -7.11 -3.43 -21.15
C GLU D 253 -6.83 -3.53 -22.64
N GLY D 254 -7.88 -3.69 -23.46
CA GLY D 254 -7.75 -3.72 -24.91
C GLY D 254 -7.44 -5.09 -25.48
N ILE D 255 -7.91 -6.12 -24.76
CA ILE D 255 -7.69 -7.53 -25.08
C ILE D 255 -8.98 -8.21 -25.49
N GLY D 256 -8.86 -8.95 -26.58
CA GLY D 256 -9.93 -9.79 -27.10
C GLY D 256 -10.46 -9.11 -28.34
N ASP D 257 -10.91 -9.89 -29.32
CA ASP D 257 -11.32 -9.37 -30.63
C ASP D 257 -12.69 -9.89 -31.12
N THR D 258 -13.14 -11.01 -30.55
CA THR D 258 -14.51 -11.51 -30.67
C THR D 258 -14.92 -11.79 -29.26
N ILE D 259 -16.17 -11.51 -28.91
CA ILE D 259 -16.73 -11.98 -27.61
C ILE D 259 -17.99 -12.85 -27.74
N ARG D 260 -18.18 -13.70 -26.73
CA ARG D 260 -19.33 -14.65 -26.64
C ARG D 260 -19.70 -14.94 -25.22
N VAL D 261 -20.94 -14.62 -24.90
CA VAL D 261 -21.55 -14.91 -23.62
C VAL D 261 -22.36 -16.21 -23.80
N SER D 262 -22.17 -17.15 -22.89
CA SER D 262 -22.86 -18.44 -22.99
C SER D 262 -23.81 -18.68 -21.83
N LEU D 263 -25.10 -18.45 -22.05
CA LEU D 263 -26.10 -18.76 -21.02
C LEU D 263 -27.17 -19.71 -21.54
N THR D 264 -27.51 -20.72 -20.75
CA THR D 264 -28.52 -21.72 -21.13
C THR D 264 -29.93 -21.14 -21.07
N PRO D 265 -30.58 -21.02 -22.25
CA PRO D 265 -31.91 -20.41 -22.38
C PRO D 265 -33.01 -21.30 -21.85
N SER D 266 -34.19 -20.73 -21.62
CA SER D 266 -35.33 -21.54 -21.21
C SER D 266 -35.59 -22.54 -22.33
N PRO D 267 -36.23 -23.66 -21.98
CA PRO D 267 -36.41 -24.75 -22.92
C PRO D 267 -37.03 -24.28 -24.23
N LYS D 268 -36.59 -24.87 -25.35
CA LYS D 268 -37.16 -24.65 -26.71
C LYS D 268 -36.85 -23.29 -27.35
N GLU D 269 -36.17 -22.43 -26.60
CA GLU D 269 -35.93 -21.05 -27.01
C GLU D 269 -34.53 -20.87 -27.66
N PRO D 270 -34.36 -19.84 -28.53
CA PRO D 270 -33.09 -19.56 -29.20
C PRO D 270 -32.13 -18.76 -28.32
N ARG D 271 -30.83 -18.84 -28.60
CA ARG D 271 -29.84 -18.24 -27.71
C ARG D 271 -29.63 -16.72 -27.85
N THR D 272 -30.74 -15.97 -27.90
CA THR D 272 -30.76 -14.50 -28.10
C THR D 272 -30.41 -13.63 -26.88
N LYS D 273 -30.80 -14.07 -25.68
CA LYS D 273 -30.53 -13.27 -24.51
C LYS D 273 -29.03 -13.10 -24.28
N GLU D 274 -28.26 -14.18 -24.41
CA GLU D 274 -26.79 -14.10 -24.34
C GLU D 274 -26.16 -13.13 -25.38
N VAL D 275 -26.82 -12.95 -26.52
CA VAL D 275 -26.42 -11.96 -27.49
C VAL D 275 -26.68 -10.58 -26.93
N GLU D 276 -27.86 -10.43 -26.35
CA GLU D 276 -28.22 -9.21 -25.65
C GLU D 276 -27.17 -8.91 -24.57
N VAL D 277 -26.78 -9.87 -23.72
CA VAL D 277 -25.84 -9.49 -22.64
C VAL D 277 -24.48 -9.05 -23.15
N ALA D 278 -23.99 -9.74 -24.17
CA ALA D 278 -22.70 -9.43 -24.82
C ALA D 278 -22.70 -8.00 -25.39
N GLN D 279 -23.81 -7.61 -25.99
CA GLN D 279 -23.99 -6.24 -26.46
C GLN D 279 -24.04 -5.23 -25.30
N GLU D 280 -24.75 -5.58 -24.21
CA GLU D 280 -24.77 -4.71 -23.03
C GLU D 280 -23.37 -4.60 -22.42
N ILE D 281 -22.58 -5.65 -22.51
CA ILE D 281 -21.25 -5.60 -21.95
C ILE D 281 -20.45 -4.65 -22.80
N LEU D 282 -20.59 -4.77 -24.11
CA LEU D 282 -19.78 -3.96 -25.03
C LEU D 282 -20.21 -2.50 -24.99
N GLN D 283 -21.50 -2.30 -24.80
CA GLN D 283 -22.07 -0.96 -24.69
C GLN D 283 -21.63 -0.27 -23.39
N ALA D 284 -21.57 -1.02 -22.29
CA ALA D 284 -21.29 -0.43 -20.98
C ALA D 284 -19.88 0.10 -20.92
N LEU D 285 -19.08 -0.25 -21.93
CA LEU D 285 -17.67 0.12 -21.96
C LEU D 285 -17.40 1.09 -23.11
N GLY D 286 -18.46 1.50 -23.81
CA GLY D 286 -18.33 2.41 -24.95
C GLY D 286 -17.64 1.80 -26.14
N LEU D 287 -17.85 0.48 -26.30
CA LEU D 287 -17.24 -0.33 -27.36
C LEU D 287 -18.29 -0.62 -28.43
N ARG D 288 -19.44 0.01 -28.28
CA ARG D 288 -20.58 -0.22 -29.16
C ARG D 288 -21.69 0.75 -28.75
N ALA D 289 -22.42 1.28 -29.74
CA ALA D 289 -23.49 2.25 -29.46
C ALA D 289 -24.85 1.78 -30.01
N PHE D 290 -25.83 1.68 -29.11
CA PHE D 290 -27.22 1.39 -29.46
C PHE D 290 -27.75 2.41 -30.50
N ALA D 291 -27.51 3.70 -30.26
CA ALA D 291 -28.02 4.76 -31.14
C ALA D 291 -27.08 5.98 -31.14
N PRO D 292 -27.10 6.79 -32.22
CA PRO D 292 -26.30 8.02 -32.30
C PRO D 292 -26.50 8.83 -31.05
N GLU D 293 -25.56 9.70 -30.73
CA GLU D 293 -25.73 10.51 -29.55
C GLU D 293 -25.11 11.87 -29.73
N VAL D 294 -25.70 12.84 -29.05
CA VAL D 294 -25.24 14.22 -29.01
C VAL D 294 -24.68 14.44 -27.65
N THR D 295 -23.57 15.13 -27.60
CA THR D 295 -22.81 15.40 -26.41
C THR D 295 -22.68 16.92 -26.28
N SER D 296 -22.77 17.43 -25.07
CA SER D 296 -22.51 18.84 -24.88
C SER D 296 -21.79 18.94 -23.60
N CYS D 297 -20.81 19.83 -23.58
CA CYS D 297 -20.09 20.29 -22.39
C CYS D 297 -21.01 20.66 -21.25
N PRO D 298 -20.46 20.69 -20.03
CA PRO D 298 -21.27 20.99 -18.86
C PRO D 298 -21.52 22.48 -18.66
N GLY D 299 -20.79 23.33 -19.37
CA GLY D 299 -20.82 24.78 -19.11
C GLY D 299 -19.79 25.08 -18.02
N CYS D 300 -18.95 26.09 -18.20
CA CYS D 300 -18.11 26.44 -17.05
C CYS D 300 -18.24 27.83 -16.39
N GLY D 301 -17.81 28.84 -17.10
CA GLY D 301 -17.43 30.08 -16.47
C GLY D 301 -17.04 30.89 -17.67
N ARG D 302 -16.70 30.20 -18.76
CA ARG D 302 -16.49 30.85 -20.07
C ARG D 302 -17.80 31.14 -20.81
N THR D 303 -18.94 30.68 -20.26
CA THR D 303 -20.23 31.10 -20.81
C THR D 303 -21.26 31.32 -19.72
N THR D 304 -22.15 32.30 -19.97
CA THR D 304 -23.34 32.53 -19.14
C THR D 304 -24.58 32.18 -19.98
N SER D 305 -24.38 32.12 -21.30
CA SER D 305 -25.41 31.64 -22.20
C SER D 305 -25.77 30.17 -22.00
N THR D 306 -27.05 29.89 -22.07
CA THR D 306 -27.59 28.57 -21.84
C THR D 306 -28.09 27.99 -23.19
N PHE D 307 -27.89 28.78 -24.25
CA PHE D 307 -28.38 28.50 -25.62
C PHE D 307 -27.73 27.23 -26.18
N PHE D 308 -26.44 27.05 -25.96
CA PHE D 308 -25.81 25.78 -26.41
C PHE D 308 -26.55 24.51 -25.95
N GLN D 309 -27.04 24.53 -24.71
CA GLN D 309 -27.86 23.40 -24.20
C GLN D 309 -29.18 23.14 -24.94
N GLU D 310 -29.93 24.19 -25.27
CA GLU D 310 -31.22 24.01 -25.93
C GLU D 310 -30.98 23.65 -27.39
N LEU D 311 -29.86 24.10 -27.93
CA LEU D 311 -29.46 23.72 -29.29
C LEU D 311 -29.15 22.24 -29.31
N ALA D 312 -28.52 21.76 -28.23
CA ALA D 312 -28.11 20.37 -28.09
C ALA D 312 -29.35 19.56 -27.87
N GLU D 313 -30.24 20.08 -27.05
CA GLU D 313 -31.51 19.43 -26.88
C GLU D 313 -32.28 19.33 -28.21
N GLU D 314 -32.28 20.39 -29.03
CA GLU D 314 -33.04 20.36 -30.30
C GLU D 314 -32.32 19.51 -31.34
N VAL D 315 -30.99 19.50 -31.25
CA VAL D 315 -30.19 18.68 -32.14
C VAL D 315 -30.45 17.20 -31.87
N SER D 316 -30.41 16.82 -30.60
CA SER D 316 -30.77 15.48 -30.16
C SER D 316 -32.25 15.13 -30.46
N ARG D 317 -33.13 16.13 -30.49
CA ARG D 317 -34.51 15.83 -30.66
C ARG D 317 -34.83 15.64 -32.15
N ARG D 318 -34.03 16.26 -33.03
CA ARG D 318 -34.21 16.07 -34.46
C ARG D 318 -33.57 14.76 -34.95
N LEU D 319 -32.40 14.41 -34.39
CA LEU D 319 -31.71 13.17 -34.77
C LEU D 319 -32.55 11.92 -34.45
N LYS D 320 -33.05 11.83 -33.22
CA LYS D 320 -34.04 10.81 -32.82
C LYS D 320 -35.23 10.71 -33.83
N GLU D 321 -35.54 11.83 -34.51
CA GLU D 321 -36.56 11.83 -35.55
C GLU D 321 -36.06 11.26 -36.87
N ARG D 322 -34.74 11.25 -37.08
CA ARG D 322 -34.18 10.86 -38.38
C ARG D 322 -33.57 9.44 -38.40
N LEU D 323 -33.44 8.86 -37.21
CA LEU D 323 -32.82 7.55 -37.06
C LEU D 323 -33.61 6.37 -37.67
N PRO D 324 -34.94 6.25 -37.38
CA PRO D 324 -35.68 5.15 -38.02
C PRO D 324 -35.40 5.01 -39.53
N GLU D 325 -35.23 6.14 -40.20
CA GLU D 325 -34.88 6.21 -41.64
C GLU D 325 -33.37 6.00 -41.89
N TRP D 326 -32.53 6.59 -41.04
CA TRP D 326 -31.07 6.40 -41.11
C TRP D 326 -30.69 4.94 -40.89
N ARG D 327 -31.40 4.29 -39.95
CA ARG D 327 -31.27 2.86 -39.68
C ARG D 327 -31.41 2.09 -41.00
N ALA D 328 -32.61 2.09 -41.54
CA ALA D 328 -32.91 1.33 -42.76
C ALA D 328 -32.11 1.81 -43.98
N ARG D 329 -31.56 3.05 -43.91
CA ARG D 329 -30.85 3.64 -45.04
C ARG D 329 -29.32 3.72 -44.91
N TYR D 330 -28.82 4.08 -43.72
CA TYR D 330 -27.39 4.34 -43.54
C TYR D 330 -26.71 3.42 -42.52
N PRO D 331 -25.98 2.40 -43.00
CA PRO D 331 -25.28 1.48 -42.10
C PRO D 331 -24.07 2.10 -41.42
N GLY D 332 -23.82 1.70 -40.17
CA GLY D 332 -22.76 2.23 -39.32
C GLY D 332 -23.13 3.39 -38.41
N VAL D 333 -24.11 4.19 -38.84
CA VAL D 333 -24.49 5.49 -38.25
C VAL D 333 -24.98 5.44 -36.79
N GLU D 334 -25.34 4.26 -36.30
CA GLU D 334 -25.55 4.04 -34.85
C GLU D 334 -24.47 4.70 -34.06
N GLU D 335 -23.27 4.74 -34.63
CA GLU D 335 -22.08 5.16 -33.91
C GLU D 335 -21.78 6.67 -34.01
N LEU D 336 -22.74 7.42 -34.57
CA LEU D 336 -22.58 8.86 -34.75
C LEU D 336 -22.51 9.65 -33.44
N LYS D 337 -21.44 10.42 -33.29
CA LYS D 337 -21.24 11.28 -32.16
C LYS D 337 -21.24 12.75 -32.57
N VAL D 338 -22.19 13.53 -32.04
CA VAL D 338 -22.29 14.95 -32.37
C VAL D 338 -22.09 15.86 -31.19
N ALA D 339 -21.21 16.85 -31.35
CA ALA D 339 -20.85 17.76 -30.24
C ALA D 339 -21.40 19.17 -30.32
N VAL D 340 -21.87 19.66 -29.19
CA VAL D 340 -22.40 21.01 -29.09
C VAL D 340 -21.78 21.65 -27.90
N MET D 341 -21.01 22.70 -28.13
CA MET D 341 -20.09 23.20 -27.11
C MET D 341 -20.46 24.60 -26.61
N GLY D 342 -20.10 24.87 -25.35
CA GLY D 342 -20.52 26.10 -24.69
C GLY D 342 -19.63 27.31 -24.89
N CYS D 343 -18.47 27.14 -25.56
CA CYS D 343 -17.55 28.27 -25.85
C CYS D 343 -16.65 27.97 -27.05
N VAL D 344 -16.07 29.00 -27.63
CA VAL D 344 -15.40 28.80 -28.90
C VAL D 344 -13.92 28.54 -28.72
N VAL D 345 -13.27 29.17 -27.75
CA VAL D 345 -11.81 28.99 -27.51
C VAL D 345 -11.45 27.60 -26.95
N ASN D 346 -12.40 26.92 -26.29
CA ASN D 346 -12.13 25.60 -25.75
C ASN D 346 -13.04 24.52 -26.33
N GLY D 347 -14.22 24.92 -26.84
CA GLY D 347 -15.12 23.99 -27.52
C GLY D 347 -14.39 22.98 -28.44
N PRO D 348 -13.65 23.48 -29.47
CA PRO D 348 -13.10 22.50 -30.41
C PRO D 348 -12.21 21.46 -29.76
N GLY D 349 -11.28 21.88 -28.91
CA GLY D 349 -10.42 20.91 -28.18
C GLY D 349 -11.12 19.86 -27.33
N GLU D 350 -12.25 20.25 -26.76
CA GLU D 350 -12.98 19.40 -25.83
C GLU D 350 -13.96 18.53 -26.64
N SER D 351 -13.93 18.67 -27.96
CA SER D 351 -14.85 17.91 -28.80
C SER D 351 -14.19 17.12 -29.96
N LYS D 352 -12.92 16.71 -29.78
CA LYS D 352 -12.12 16.10 -30.83
C LYS D 352 -12.61 14.76 -31.35
N HIS D 353 -13.37 14.02 -30.55
CA HIS D 353 -13.76 12.65 -30.91
C HIS D 353 -15.16 12.63 -31.46
N ALA D 354 -15.68 13.81 -31.74
CA ALA D 354 -16.99 13.95 -32.32
C ALA D 354 -16.86 13.83 -33.83
N HIS D 355 -17.71 13.03 -34.46
CA HIS D 355 -17.79 13.04 -35.92
C HIS D 355 -17.95 14.46 -36.44
N ILE D 356 -18.98 15.13 -35.92
CA ILE D 356 -19.30 16.53 -36.29
C ILE D 356 -19.57 17.45 -35.06
N GLY D 357 -18.97 18.65 -35.05
CA GLY D 357 -19.02 19.51 -33.84
C GLY D 357 -19.30 20.99 -34.05
N ILE D 358 -20.04 21.62 -33.12
CA ILE D 358 -20.29 23.08 -33.11
C ILE D 358 -20.08 23.74 -31.74
N SER D 359 -19.64 24.99 -31.78
CA SER D 359 -19.17 25.65 -30.58
C SER D 359 -19.80 27.00 -30.51
N LEU D 360 -20.65 27.22 -29.51
CA LEU D 360 -21.32 28.50 -29.41
C LEU D 360 -20.46 29.52 -28.68
N PRO D 361 -20.53 30.79 -29.10
CA PRO D 361 -19.77 31.87 -28.48
C PRO D 361 -20.06 31.93 -26.98
N GLY D 362 -19.02 31.95 -26.16
CA GLY D 362 -19.18 32.24 -24.76
C GLY D 362 -18.90 33.71 -24.49
N ALA D 363 -18.37 34.01 -23.31
CA ALA D 363 -18.11 35.40 -22.90
C ALA D 363 -16.99 35.98 -23.76
N GLY D 364 -17.15 37.21 -24.20
CA GLY D 364 -16.10 37.90 -24.96
C GLY D 364 -15.97 37.53 -26.42
N GLU D 365 -16.72 36.53 -26.87
CA GLU D 365 -16.48 35.99 -28.21
C GLU D 365 -17.35 36.59 -29.33
N GLU D 366 -16.78 36.72 -30.52
CA GLU D 366 -17.55 37.15 -31.70
C GLU D 366 -18.78 36.26 -31.95
N PRO D 367 -19.90 36.87 -32.42
CA PRO D 367 -21.18 36.15 -32.59
C PRO D 367 -21.11 35.07 -33.66
N LYS D 368 -20.03 34.29 -33.66
CA LYS D 368 -19.72 33.31 -34.69
C LYS D 368 -19.45 31.95 -34.06
N ALA D 369 -19.89 30.90 -34.74
CA ALA D 369 -19.80 29.54 -34.21
C ALA D 369 -19.20 28.52 -35.20
N PRO D 370 -17.98 28.03 -34.93
CA PRO D 370 -17.38 27.08 -35.87
C PRO D 370 -17.97 25.67 -35.81
N VAL D 371 -18.19 25.08 -36.98
CA VAL D 371 -18.49 23.66 -37.05
C VAL D 371 -17.20 22.90 -37.46
N TYR D 372 -16.94 21.79 -36.79
CA TYR D 372 -15.80 20.94 -37.09
C TYR D 372 -16.21 19.53 -37.46
N ALA D 373 -15.51 18.94 -38.43
CA ALA D 373 -15.64 17.52 -38.74
C ALA D 373 -14.24 17.02 -38.99
N ASP D 374 -13.60 16.56 -37.91
CA ASP D 374 -12.14 16.38 -37.84
C ASP D 374 -11.42 17.74 -37.96
N GLY D 375 -11.62 18.42 -39.10
CA GLY D 375 -11.13 19.80 -39.34
C GLY D 375 -12.20 20.90 -39.33
N LYS D 376 -11.75 22.15 -39.47
CA LYS D 376 -12.60 23.32 -39.60
C LYS D 376 -13.43 23.21 -40.87
N LEU D 377 -14.74 23.28 -40.71
CA LEU D 377 -15.66 23.10 -41.82
C LEU D 377 -16.25 24.42 -42.36
N LEU D 378 -16.98 25.14 -41.51
CA LEU D 378 -17.40 26.53 -41.76
C LEU D 378 -17.60 27.25 -40.43
N THR D 379 -18.04 28.49 -40.50
CA THR D 379 -18.25 29.33 -39.32
C THR D 379 -19.64 29.87 -39.44
N ILE D 380 -20.59 29.29 -38.73
CA ILE D 380 -21.96 29.68 -39.03
C ILE D 380 -22.44 30.89 -38.24
N LEU D 381 -22.66 31.97 -39.01
CA LEU D 381 -22.89 33.34 -38.53
C LEU D 381 -24.21 33.45 -37.79
N LYS D 382 -24.10 33.68 -36.47
CA LYS D 382 -25.27 33.74 -35.57
C LYS D 382 -26.51 34.38 -36.16
N GLY D 383 -26.85 33.98 -37.39
CA GLY D 383 -28.19 34.21 -37.91
C GLY D 383 -29.06 33.24 -37.13
N GLU D 384 -30.34 33.60 -36.93
CA GLU D 384 -31.27 32.71 -36.24
C GLU D 384 -31.25 31.31 -36.88
N GLY D 385 -30.74 31.25 -38.12
CA GLY D 385 -30.63 29.99 -38.85
C GLY D 385 -29.86 28.92 -38.11
N ILE D 386 -28.90 29.34 -37.26
CA ILE D 386 -27.89 28.44 -36.72
C ILE D 386 -28.38 26.99 -36.58
N ALA D 387 -29.41 26.78 -35.77
CA ALA D 387 -29.93 25.44 -35.54
C ALA D 387 -30.09 24.66 -36.84
N GLU D 388 -30.84 25.25 -37.78
CA GLU D 388 -31.07 24.68 -39.11
C GLU D 388 -29.79 24.50 -39.92
N GLU D 389 -28.94 25.52 -39.97
CA GLU D 389 -27.69 25.43 -40.74
C GLU D 389 -26.75 24.34 -40.23
N PHE D 390 -26.56 24.25 -38.92
CA PHE D 390 -25.76 23.19 -38.37
C PHE D 390 -26.42 21.86 -38.68
N LEU D 391 -27.69 21.77 -38.32
CA LEU D 391 -28.44 20.55 -38.49
C LEU D 391 -28.36 20.07 -39.95
N ARG D 392 -28.36 21.01 -40.89
CA ARG D 392 -28.13 20.71 -42.30
C ARG D 392 -26.75 20.09 -42.51
N LEU D 393 -25.73 20.73 -41.92
CA LEU D 393 -24.36 20.28 -42.09
C LEU D 393 -24.18 18.86 -41.57
N VAL D 394 -24.98 18.50 -40.56
CA VAL D 394 -24.90 17.14 -40.02
C VAL D 394 -25.37 16.16 -41.08
N GLU D 395 -26.54 16.39 -41.65
CA GLU D 395 -27.04 15.52 -42.73
C GLU D 395 -26.02 15.38 -43.88
N ASP D 396 -25.51 16.52 -44.37
CA ASP D 396 -24.41 16.56 -45.36
C ASP D 396 -23.32 15.57 -44.99
N TYR D 397 -22.90 15.62 -43.72
CA TYR D 397 -21.93 14.68 -43.17
C TYR D 397 -22.43 13.22 -43.21
N VAL D 398 -23.63 12.99 -42.69
CA VAL D 398 -24.17 11.63 -42.52
C VAL D 398 -24.25 10.88 -43.85
N LYS D 399 -24.89 11.48 -44.86
CA LYS D 399 -24.92 10.91 -46.23
C LYS D 399 -23.51 10.69 -46.80
N THR D 400 -22.56 11.58 -46.42
CA THR D 400 -21.17 11.48 -46.88
C THR D 400 -20.39 10.34 -46.19
N ARG D 401 -20.46 10.28 -44.86
CA ARG D 401 -19.76 9.25 -44.09
C ARG D 401 -20.37 7.85 -44.21
N PHE D 402 -21.57 7.66 -43.65
CA PHE D 402 -22.23 6.35 -43.62
C PHE D 402 -23.11 6.09 -44.86
N ALA D 403 -23.77 4.93 -44.91
CA ALA D 403 -24.56 4.47 -46.09
C ALA D 403 -23.81 3.39 -46.91
N PRO D 404 -24.26 3.11 -48.16
CA PRO D 404 -23.41 2.40 -49.13
C PRO D 404 -21.99 2.98 -49.12
N LYS D 405 -20.97 2.11 -49.27
CA LYS D 405 -19.57 2.46 -48.93
C LYS D 405 -19.15 3.91 -49.23
N ALA D 406 -18.63 4.58 -48.18
CA ALA D 406 -18.36 6.04 -48.14
C ALA D 406 -17.95 6.69 -49.48
FE1 SF4 E . 10.53 -26.55 20.77
FE2 SF4 E . 10.23 -23.79 20.73
FE3 SF4 E . 10.96 -25.09 23.04
FE4 SF4 E . 12.73 -25.01 20.87
S1 SF4 E . 12.00 -23.25 22.15
S2 SF4 E . 12.28 -26.78 22.20
S3 SF4 E . 11.20 -25.10 19.17
S4 SF4 E . 8.98 -25.33 21.92
FE1 SF4 F . 5.19 36.57 8.95
FE2 SF4 F . 6.01 35.19 6.80
FE3 SF4 F . 7.59 35.49 9.02
FE4 SF4 F . 5.34 33.86 9.08
S1 SF4 F . 7.21 33.54 7.85
S2 SF4 F . 6.08 35.41 10.67
S3 SF4 F . 3.94 35.08 7.74
S4 SF4 F . 6.92 37.16 7.56
FE1 SF4 G . -0.51 -34.72 -6.97
FE2 SF4 G . -1.21 -34.53 -9.53
FE3 SF4 G . -3.05 -34.10 -7.62
FE4 SF4 G . -1.13 -32.35 -8.09
S1 SF4 G . -2.82 -32.89 -9.58
S2 SF4 G . -1.79 -33.15 -5.98
S3 SF4 G . 0.68 -33.66 -8.57
S4 SF4 G . -2.01 -36.11 -8.06
FE1 SF4 H . -18.06 24.26 -22.37
FE2 SF4 H . -16.29 26.04 -23.06
FE3 SF4 H . -16.57 25.54 -20.35
FE4 SF4 H . -15.49 23.67 -21.84
S1 SF4 H . -14.67 25.82 -21.50
S2 SF4 H . -17.25 23.34 -20.42
S3 SF4 H . -16.47 23.96 -23.95
S4 SF4 H . -18.11 26.47 -21.77
#